data_9JXQ
#
_entry.id   9JXQ
#
loop_
_entity.id
_entity.type
_entity.pdbx_description
1 polymer 'Solute carrier family 53 member 1'
2 polymer 'Kinase D-interacting substrate of 220 kDa'
#
loop_
_entity_poly.entity_id
_entity_poly.type
_entity_poly.pdbx_seq_one_letter_code
_entity_poly.pdbx_strand_id
1 'polypeptide(L)'
;MKFAEHLSAHITPEWRKQYIQYEAFKDMLYSAQDQAPSVEVTDEDTVKRYFAKFEEKFFQTCEKELAKINTFYSEKLAEA
QRRFATLQNELQSSLDAQKESTGVTTLRQRRKPVFHLSHEERVQHRNIKDLKLAFSEFYLSLILLQNYQNLNFTGFRKIL
KKHDKILETSRGADWRVAHVEVAPFYTCKKINQLISETEAVVTNELEDGDRQKAMKRLRVPPLGAAQPAPAWTTFRVGLF
CGIFIVLNITLVLAAVFKLETDRSIWPLIRIYRGGFLLIEFLFLLGINTYGWRQAGVNHVLIFELNPRSNLSHQHLFEIA
GFLGILWCLSLLACFFAPISVIPTYVYPLALYGFMVFFLINPTKTFYYKSRFWLLKLLFRVFTAPFHKVGFADFWLADQL
NSLSVILMDLEYMICFYSLELKWDESKGLLPNNSEESGICHKYTYGVRAIVQCIPAWLRFIQCLRRYRDTKRAFPHLVNA
GKYSTTFFMVTFAALYSTHKERGHSDTMVFFYLWIVFYIISSCYTLIWDLKMDWGLFDKNAGENTFLREEIVYPQKAYYY
CAIIEDVILRFAWTIQISITSTTLLPHSGDIIATVFAPLEVFRRFVWNFFRLENEHLNNCGEFRAVRDISVAPLNADDQT
LLEQMMDQDDGVRNR
;
A,B
2 'polypeptide(L)'
;VDERNECGQTPLMIAAEQGNLEIVKELIKNGANCNLEDLDNWTALISASKEGHVHIVEELLKCGVNLEHRDMGGWTALMW
ACYKGRTDVVELLLSHGANPSVTGLYSVYPIIWAAGRGHADIVHLLLQNGAKVNCSDKYGTTPLVWAARKGHLECVKHLL
AMGADVDQEGANSMTALIVAVKGGYTQSVKEILKRNPNVNLTDKDGNTALMIASKEGHTEIVQDLLDAGTYVNIPDRSGD
TVLIGAVRGGHVEIVRALLQKYADIDIRGQDNKTALYWAVEKGNATMVRDILQCNPDTEICTKDGETPLIKATKMRNIEV
VELLLDKGAKVSAVDKKGDTPLHIAIRGRSRKLAELLLRNPKDGRLLYRPNKAGETPYNIDCSHQKSILTQIFGAR
;
C,D
#
# COMPACT_ATOMS: atom_id res chain seq x y z
N MET A 1 3.94 -18.08 16.22
CA MET A 1 2.49 -18.15 16.18
C MET A 1 2.04 -19.28 15.25
N LYS A 2 3.02 -19.90 14.59
CA LYS A 2 2.78 -21.05 13.71
C LYS A 2 1.76 -20.70 12.61
N PHE A 3 2.18 -19.78 11.75
CA PHE A 3 1.34 -19.38 10.62
C PHE A 3 1.04 -20.57 9.74
N ALA A 4 2.06 -21.11 9.10
CA ALA A 4 1.93 -22.31 8.28
C ALA A 4 3.32 -22.90 8.06
N GLU A 5 3.42 -23.88 7.18
CA GLU A 5 4.71 -24.43 6.82
C GLU A 5 5.25 -23.87 5.51
N HIS A 6 4.38 -23.44 4.61
CA HIS A 6 4.81 -22.88 3.33
C HIS A 6 4.55 -21.38 3.23
N LEU A 7 3.40 -20.92 3.74
CA LEU A 7 3.08 -19.49 3.65
C LEU A 7 4.00 -18.66 4.53
N SER A 8 4.66 -19.30 5.51
CA SER A 8 5.51 -18.55 6.43
C SER A 8 6.66 -17.85 5.70
N ALA A 9 7.17 -18.47 4.63
CA ALA A 9 8.30 -17.89 3.93
C ALA A 9 7.89 -16.69 3.10
N HIS A 10 6.64 -16.65 2.63
CA HIS A 10 6.16 -15.58 1.78
C HIS A 10 5.66 -14.37 2.56
N ILE A 11 5.64 -14.44 3.89
CA ILE A 11 5.03 -13.41 4.71
C ILE A 11 6.08 -12.38 5.11
N THR A 12 5.88 -11.15 4.66
CA THR A 12 6.71 -9.99 4.95
C THR A 12 6.56 -9.60 6.42
N PRO A 13 7.60 -9.08 7.05
CA PRO A 13 7.45 -8.64 8.45
C PRO A 13 6.37 -7.59 8.66
N GLU A 14 6.11 -6.72 7.69
CA GLU A 14 5.00 -5.78 7.82
C GLU A 14 3.66 -6.50 7.85
N TRP A 15 3.57 -7.69 7.22
CA TRP A 15 2.39 -8.53 7.40
C TRP A 15 2.30 -9.03 8.83
N ARG A 16 3.43 -9.43 9.42
CA ARG A 16 3.41 -9.98 10.76
C ARG A 16 3.12 -8.93 11.82
N LYS A 17 3.42 -7.67 11.54
CA LYS A 17 3.12 -6.61 12.48
C LYS A 17 1.61 -6.38 12.62
N GLN A 18 0.81 -6.88 11.69
CA GLN A 18 -0.63 -6.62 11.66
C GLN A 18 -1.47 -7.80 12.11
N TYR A 19 -0.86 -8.85 12.62
CA TYR A 19 -1.63 -9.97 13.17
C TYR A 19 -1.94 -9.71 14.63
N ILE A 20 -2.85 -10.53 15.18
CA ILE A 20 -3.20 -10.40 16.60
C ILE A 20 -2.01 -10.82 17.45
N GLN A 21 -1.78 -10.09 18.53
CA GLN A 21 -0.67 -10.38 19.44
C GLN A 21 -1.09 -11.52 20.38
N TYR A 22 -1.02 -12.73 19.84
CA TYR A 22 -1.40 -13.92 20.59
C TYR A 22 -0.54 -14.07 21.84
N GLU A 23 0.78 -13.95 21.69
CA GLU A 23 1.67 -14.12 22.82
C GLU A 23 1.47 -13.02 23.86
N ALA A 24 1.27 -11.78 23.42
CA ALA A 24 1.02 -10.69 24.37
C ALA A 24 -0.26 -10.94 25.14
N PHE A 25 -1.32 -11.38 24.46
CA PHE A 25 -2.57 -11.64 25.15
C PHE A 25 -2.42 -12.77 26.17
N LYS A 26 -1.72 -13.84 25.78
CA LYS A 26 -1.54 -14.96 26.71
C LYS A 26 -0.70 -14.53 27.92
N ASP A 27 0.32 -13.70 27.70
CA ASP A 27 1.12 -13.21 28.81
C ASP A 27 0.28 -12.31 29.72
N MET A 28 -0.60 -11.49 29.14
CA MET A 28 -1.48 -10.66 29.95
C MET A 28 -2.41 -11.51 30.80
N LEU A 29 -2.99 -12.56 30.22
CA LEU A 29 -3.87 -13.44 30.97
C LEU A 29 -3.12 -14.16 32.09
N TYR A 30 -1.89 -14.60 31.80
CA TYR A 30 -1.12 -15.29 32.82
C TYR A 30 -0.69 -14.33 33.93
N SER A 31 -0.41 -13.06 33.59
CA SER A 31 -0.12 -12.08 34.61
C SER A 31 -1.33 -11.82 35.49
N ALA A 32 -2.52 -11.76 34.89
CA ALA A 32 -3.74 -11.60 35.67
C ALA A 32 -3.96 -12.79 36.59
N GLN A 33 -3.71 -14.00 36.09
CA GLN A 33 -3.86 -15.20 36.92
C GLN A 33 -2.86 -15.22 38.07
N ASP A 34 -1.62 -14.81 37.81
CA ASP A 34 -0.57 -14.95 38.81
C ASP A 34 -0.72 -13.94 39.95
N GLN A 35 -1.26 -12.76 39.68
CA GLN A 35 -1.35 -11.70 40.66
C GLN A 35 -2.73 -11.61 41.31
N ALA A 36 -3.58 -12.60 41.10
CA ALA A 36 -4.94 -12.53 41.62
C ALA A 36 -4.95 -12.72 43.13
N PRO A 37 -5.50 -11.79 43.89
CA PRO A 37 -5.66 -12.03 45.34
C PRO A 37 -6.66 -13.14 45.59
N SER A 38 -6.46 -13.86 46.68
CA SER A 38 -7.28 -15.01 47.00
C SER A 38 -8.47 -14.62 47.87
N VAL A 39 -9.52 -15.44 47.80
CA VAL A 39 -10.69 -15.23 48.65
C VAL A 39 -10.34 -15.49 50.11
N GLU A 40 -9.42 -16.41 50.36
CA GLU A 40 -9.04 -16.74 51.73
C GLU A 40 -8.41 -15.55 52.44
N VAL A 41 -7.54 -14.81 51.74
CA VAL A 41 -6.83 -13.70 52.35
C VAL A 41 -7.61 -12.39 52.20
N THR A 42 -8.13 -12.12 51.01
CA THR A 42 -8.83 -10.87 50.73
C THR A 42 -10.31 -11.14 50.48
N ASP A 43 -11.14 -10.13 50.74
CA ASP A 43 -12.58 -10.27 50.58
C ASP A 43 -12.95 -10.27 49.10
N GLU A 44 -14.25 -10.41 48.83
CA GLU A 44 -14.72 -10.54 47.46
C GLU A 44 -14.59 -9.22 46.70
N ASP A 45 -14.75 -8.09 47.38
CA ASP A 45 -14.67 -6.80 46.70
C ASP A 45 -13.29 -6.57 46.10
N THR A 46 -12.23 -6.89 46.85
CA THR A 46 -10.89 -6.68 46.35
C THR A 46 -10.61 -7.54 45.11
N VAL A 47 -11.06 -8.79 45.14
CA VAL A 47 -10.87 -9.66 43.98
C VAL A 47 -11.68 -9.16 42.80
N LYS A 48 -12.91 -8.72 43.04
CA LYS A 48 -13.77 -8.25 41.96
C LYS A 48 -13.20 -7.00 41.30
N ARG A 49 -12.65 -6.08 42.10
CA ARG A 49 -12.09 -4.87 41.49
C ARG A 49 -10.83 -5.19 40.71
N TYR A 50 -10.02 -6.14 41.18
CA TYR A 50 -8.85 -6.54 40.41
C TYR A 50 -9.26 -7.14 39.08
N PHE A 51 -10.29 -8.00 39.08
CA PHE A 51 -10.72 -8.59 37.82
C PHE A 51 -11.37 -7.56 36.90
N ALA A 52 -12.06 -6.56 37.46
CA ALA A 52 -12.58 -5.48 36.63
C ALA A 52 -11.44 -4.69 35.99
N LYS A 53 -10.41 -4.39 36.77
CA LYS A 53 -9.22 -3.72 36.25
C LYS A 53 -8.61 -4.51 35.11
N PHE A 54 -8.50 -5.83 35.27
CA PHE A 54 -7.92 -6.65 34.22
C PHE A 54 -8.82 -6.69 32.98
N GLU A 55 -10.12 -6.90 33.18
CA GLU A 55 -11.03 -7.06 32.05
C GLU A 55 -11.11 -5.80 31.21
N GLU A 56 -11.09 -4.63 31.84
CA GLU A 56 -11.17 -3.38 31.08
C GLU A 56 -9.96 -3.24 30.14
N LYS A 57 -8.76 -3.47 30.67
CA LYS A 57 -7.57 -3.41 29.84
C LYS A 57 -7.60 -4.48 28.74
N PHE A 58 -8.03 -5.69 29.10
CA PHE A 58 -8.08 -6.77 28.13
C PHE A 58 -9.01 -6.43 26.97
N PHE A 59 -10.19 -5.89 27.27
CA PHE A 59 -11.13 -5.61 26.20
C PHE A 59 -10.75 -4.37 25.41
N GLN A 60 -10.09 -3.38 26.03
CA GLN A 60 -9.54 -2.29 25.23
C GLN A 60 -8.49 -2.81 24.25
N THR A 61 -7.62 -3.71 24.71
CA THR A 61 -6.61 -4.27 23.82
C THR A 61 -7.26 -5.07 22.70
N CYS A 62 -8.28 -5.86 23.02
CA CYS A 62 -8.97 -6.62 22.00
C CYS A 62 -9.63 -5.70 20.97
N GLU A 63 -10.25 -4.61 21.41
CA GLU A 63 -10.84 -3.68 20.48
C GLU A 63 -9.80 -3.05 19.57
N LYS A 64 -8.64 -2.69 20.12
CA LYS A 64 -7.58 -2.11 19.29
C LYS A 64 -7.10 -3.11 18.25
N GLU A 65 -6.85 -4.36 18.65
CA GLU A 65 -6.41 -5.35 17.67
C GLU A 65 -7.46 -5.61 16.61
N LEU A 66 -8.73 -5.67 17.00
CA LEU A 66 -9.79 -5.89 16.02
C LEU A 66 -9.87 -4.75 15.02
N ALA A 67 -9.74 -3.51 15.50
CA ALA A 67 -9.74 -2.37 14.59
C ALA A 67 -8.55 -2.42 13.64
N LYS A 68 -7.37 -2.80 14.17
CA LYS A 68 -6.19 -2.94 13.31
C LYS A 68 -6.41 -3.95 12.20
N ILE A 69 -6.97 -5.12 12.56
CA ILE A 69 -7.21 -6.15 11.55
C ILE A 69 -8.22 -5.68 10.52
N ASN A 70 -9.29 -5.01 10.96
CA ASN A 70 -10.28 -4.50 10.02
C ASN A 70 -9.65 -3.52 9.04
N THR A 71 -8.87 -2.57 9.55
CA THR A 71 -8.28 -1.55 8.68
C THR A 71 -7.29 -2.16 7.70
N PHE A 72 -6.40 -3.03 8.18
CA PHE A 72 -5.43 -3.64 7.28
C PHE A 72 -6.11 -4.53 6.24
N TYR A 73 -7.15 -5.27 6.63
CA TYR A 73 -7.84 -6.09 5.65
C TYR A 73 -8.54 -5.23 4.61
N SER A 74 -9.13 -4.10 5.02
CA SER A 74 -9.75 -3.22 4.03
C SER A 74 -8.72 -2.69 3.05
N GLU A 75 -7.57 -2.26 3.56
CA GLU A 75 -6.50 -1.77 2.67
C GLU A 75 -6.09 -2.85 1.68
N LYS A 76 -5.85 -4.07 2.17
CA LYS A 76 -5.37 -5.13 1.29
C LYS A 76 -6.42 -5.58 0.31
N LEU A 77 -7.70 -5.58 0.71
CA LEU A 77 -8.76 -5.92 -0.23
C LEU A 77 -8.85 -4.89 -1.35
N ALA A 78 -8.79 -3.61 -1.00
CA ALA A 78 -8.81 -2.58 -2.04
C ALA A 78 -7.61 -2.72 -2.97
N GLU A 79 -6.44 -3.00 -2.41
CA GLU A 79 -5.26 -3.20 -3.25
C GLU A 79 -5.45 -4.39 -4.20
N ALA A 80 -6.00 -5.49 -3.69
CA ALA A 80 -6.19 -6.67 -4.52
C ALA A 80 -7.17 -6.38 -5.66
N GLN A 81 -8.29 -5.71 -5.37
CA GLN A 81 -9.24 -5.40 -6.43
C GLN A 81 -8.63 -4.46 -7.47
N ARG A 82 -7.88 -3.46 -7.02
CA ARG A 82 -7.26 -2.53 -7.97
C ARG A 82 -6.25 -3.25 -8.85
N ARG A 83 -5.43 -4.12 -8.26
CA ARG A 83 -4.44 -4.85 -9.06
C ARG A 83 -5.11 -5.81 -10.02
N PHE A 84 -6.22 -6.44 -9.61
CA PHE A 84 -6.94 -7.31 -10.53
C PHE A 84 -7.47 -6.52 -11.72
N ALA A 85 -8.03 -5.33 -11.46
CA ALA A 85 -8.50 -4.50 -12.56
C ALA A 85 -7.37 -4.11 -13.49
N THR A 86 -6.21 -3.72 -12.92
CA THR A 86 -5.08 -3.35 -13.75
C THR A 86 -4.59 -4.51 -14.60
N LEU A 87 -4.54 -5.71 -14.01
CA LEU A 87 -4.07 -6.88 -14.76
C LEU A 87 -5.04 -7.25 -15.88
N GLN A 88 -6.34 -7.16 -15.61
CA GLN A 88 -7.31 -7.40 -16.69
C GLN A 88 -7.16 -6.37 -17.79
N ASN A 89 -6.93 -5.10 -17.44
CA ASN A 89 -6.72 -4.08 -18.46
C ASN A 89 -5.48 -4.38 -19.30
N GLU A 90 -4.39 -4.77 -18.66
CA GLU A 90 -3.17 -5.10 -19.40
C GLU A 90 -3.41 -6.29 -20.32
N LEU A 91 -4.11 -7.32 -19.83
CA LEU A 91 -4.35 -8.51 -20.65
C LEU A 91 -5.24 -8.19 -21.84
N GLN A 92 -6.28 -7.39 -21.64
CA GLN A 92 -7.14 -7.01 -22.75
C GLN A 92 -6.40 -6.13 -23.74
N SER A 93 -5.52 -5.24 -23.27
CA SER A 93 -4.71 -4.43 -24.18
C SER A 93 -3.80 -5.31 -25.02
N SER A 94 -3.17 -6.32 -24.39
CA SER A 94 -2.31 -7.23 -25.13
C SER A 94 -3.10 -8.03 -26.16
N LEU A 95 -4.29 -8.51 -25.78
CA LEU A 95 -5.12 -9.25 -26.72
C LEU A 95 -5.56 -8.39 -27.89
N ASP A 96 -5.96 -7.15 -27.62
CA ASP A 96 -6.35 -6.25 -28.70
C ASP A 96 -5.19 -5.92 -29.61
N ALA A 97 -3.99 -5.76 -29.06
CA ALA A 97 -2.81 -5.52 -29.88
C ALA A 97 -2.49 -6.72 -30.76
N GLN A 98 -2.60 -7.93 -30.19
CA GLN A 98 -2.24 -9.12 -30.96
C GLN A 98 -3.26 -9.42 -32.04
N LYS A 99 -4.55 -9.33 -31.72
CA LYS A 99 -5.59 -9.61 -32.72
C LYS A 99 -5.54 -8.62 -33.86
N GLU A 100 -5.35 -7.34 -33.55
CA GLU A 100 -5.28 -6.31 -34.58
C GLU A 100 -3.87 -5.73 -34.67
N ARG A 126 9.82 -11.70 -22.28
CA ARG A 126 8.51 -11.88 -22.89
C ARG A 126 7.40 -11.32 -22.00
N ASN A 127 6.49 -10.56 -22.60
CA ASN A 127 5.45 -9.89 -21.82
C ASN A 127 4.38 -10.87 -21.35
N ILE A 128 4.08 -11.91 -22.12
CA ILE A 128 3.05 -12.87 -21.70
C ILE A 128 3.53 -13.70 -20.52
N LYS A 129 4.79 -14.14 -20.56
CA LYS A 129 5.34 -14.89 -19.44
C LYS A 129 5.41 -14.01 -18.18
N ASP A 130 5.82 -12.75 -18.33
CA ASP A 130 5.80 -11.84 -17.21
C ASP A 130 4.38 -11.59 -16.70
N LEU A 131 3.38 -11.63 -17.58
CA LEU A 131 2.01 -11.43 -17.14
C LEU A 131 1.49 -12.63 -16.37
N LYS A 132 1.84 -13.85 -16.80
CA LYS A 132 1.53 -15.02 -16.00
C LYS A 132 2.24 -14.97 -14.65
N LEU A 133 3.48 -14.47 -14.63
CA LEU A 133 4.20 -14.32 -13.36
C LEU A 133 3.49 -13.32 -12.45
N ALA A 134 3.00 -12.22 -13.02
CA ALA A 134 2.25 -11.24 -12.25
C ALA A 134 0.97 -11.83 -11.69
N PHE A 135 0.28 -12.65 -12.50
CA PHE A 135 -0.90 -13.33 -11.97
C PHE A 135 -0.54 -14.31 -10.86
N SER A 136 0.62 -14.96 -10.95
CA SER A 136 1.06 -15.83 -9.86
C SER A 136 1.26 -15.04 -8.58
N GLU A 137 1.91 -13.87 -8.68
CA GLU A 137 2.11 -13.04 -7.49
C GLU A 137 0.78 -12.53 -6.93
N PHE A 138 -0.15 -12.13 -7.81
CA PHE A 138 -1.46 -11.69 -7.34
C PHE A 138 -2.21 -12.81 -6.63
N TYR A 139 -2.12 -14.03 -7.18
CA TYR A 139 -2.73 -15.18 -6.53
C TYR A 139 -2.11 -15.41 -5.16
N LEU A 140 -0.79 -15.26 -5.06
CA LEU A 140 -0.12 -15.40 -3.77
C LEU A 140 -0.63 -14.36 -2.78
N SER A 141 -0.85 -13.13 -3.24
CA SER A 141 -1.40 -12.10 -2.37
C SER A 141 -2.79 -12.47 -1.87
N LEU A 142 -3.63 -13.00 -2.76
CA LEU A 142 -4.97 -13.41 -2.34
C LEU A 142 -4.92 -14.53 -1.32
N ILE A 143 -4.02 -15.51 -1.52
CA ILE A 143 -3.90 -16.59 -0.54
C ILE A 143 -3.43 -16.04 0.80
N LEU A 144 -2.50 -15.08 0.78
CA LEU A 144 -2.01 -14.51 2.03
C LEU A 144 -3.11 -13.76 2.76
N LEU A 145 -3.99 -13.07 2.02
CA LEU A 145 -5.11 -12.39 2.69
C LEU A 145 -6.13 -13.37 3.24
N GLN A 146 -6.37 -14.49 2.54
CA GLN A 146 -7.23 -15.52 3.11
C GLN A 146 -6.64 -16.07 4.41
N ASN A 147 -5.33 -16.31 4.41
CA ASN A 147 -4.63 -16.68 5.64
C ASN A 147 -4.81 -15.62 6.72
N TYR A 148 -4.76 -14.35 6.32
CA TYR A 148 -4.96 -13.26 7.27
C TYR A 148 -6.32 -13.34 7.94
N GLN A 149 -7.37 -13.61 7.17
CA GLN A 149 -8.69 -13.78 7.78
C GLN A 149 -8.67 -14.95 8.76
N ASN A 150 -8.23 -16.12 8.29
CA ASN A 150 -8.41 -17.35 9.04
C ASN A 150 -7.61 -17.35 10.35
N LEU A 151 -6.33 -16.99 10.29
CA LEU A 151 -5.50 -17.05 11.49
C LEU A 151 -5.89 -15.99 12.51
N ASN A 152 -6.34 -14.81 12.08
CA ASN A 152 -6.79 -13.83 13.06
C ASN A 152 -8.07 -14.27 13.73
N PHE A 153 -9.01 -14.85 12.98
CA PHE A 153 -10.20 -15.37 13.64
C PHE A 153 -9.85 -16.49 14.62
N THR A 154 -8.95 -17.38 14.23
CA THR A 154 -8.54 -18.46 15.13
C THR A 154 -7.88 -17.91 16.39
N GLY A 155 -7.02 -16.90 16.23
CA GLY A 155 -6.38 -16.29 17.38
C GLY A 155 -7.39 -15.67 18.34
N PHE A 156 -8.36 -14.92 17.81
CA PHE A 156 -9.39 -14.36 18.68
C PHE A 156 -10.16 -15.45 19.39
N ARG A 157 -10.54 -16.51 18.68
CA ARG A 157 -11.32 -17.57 19.31
C ARG A 157 -10.54 -18.21 20.46
N LYS A 158 -9.27 -18.53 20.24
CA LYS A 158 -8.49 -19.17 21.29
C LYS A 158 -8.25 -18.22 22.47
N ILE A 159 -7.96 -16.94 22.19
CA ILE A 159 -7.70 -16.00 23.28
C ILE A 159 -8.93 -15.83 24.14
N LEU A 160 -10.10 -15.66 23.52
CA LEU A 160 -11.31 -15.48 24.32
C LEU A 160 -11.73 -16.77 25.00
N LYS A 161 -11.47 -17.94 24.42
CA LYS A 161 -11.74 -19.18 25.13
C LYS A 161 -10.85 -19.32 26.35
N LYS A 162 -9.57 -18.95 26.23
CA LYS A 162 -8.69 -18.97 27.39
C LYS A 162 -9.14 -17.96 28.44
N HIS A 163 -9.60 -16.79 28.02
CA HIS A 163 -10.15 -15.81 28.95
C HIS A 163 -11.33 -16.40 29.72
N ASP A 164 -12.25 -17.05 29.01
CA ASP A 164 -13.39 -17.67 29.67
C ASP A 164 -12.95 -18.75 30.65
N LYS A 165 -11.97 -19.56 30.27
CA LYS A 165 -11.49 -20.61 31.16
C LYS A 165 -10.85 -20.02 32.41
N ILE A 166 -10.03 -18.98 32.25
CA ILE A 166 -9.25 -18.48 33.37
C ILE A 166 -10.10 -17.68 34.34
N LEU A 167 -10.89 -16.73 33.84
CA LEU A 167 -11.69 -15.92 34.74
C LEU A 167 -13.11 -16.45 34.93
N GLU A 168 -13.46 -17.58 34.31
CA GLU A 168 -14.72 -18.27 34.57
C GLU A 168 -15.93 -17.40 34.23
N THR A 169 -15.78 -16.46 33.31
CA THR A 169 -16.86 -15.61 32.87
C THR A 169 -17.07 -15.78 31.37
N SER A 170 -18.33 -15.83 30.96
CA SER A 170 -18.68 -15.98 29.56
C SER A 170 -18.65 -14.67 28.78
N ARG A 171 -18.02 -13.63 29.34
CA ARG A 171 -17.95 -12.36 28.63
C ARG A 171 -17.11 -12.47 27.36
N GLY A 172 -16.12 -13.37 27.34
CA GLY A 172 -15.31 -13.52 26.15
C GLY A 172 -16.11 -13.99 24.95
N ALA A 173 -16.94 -15.02 25.14
CA ALA A 173 -17.74 -15.55 24.05
C ALA A 173 -18.79 -14.54 23.59
N ASP A 174 -19.44 -13.87 24.55
CA ASP A 174 -20.43 -12.86 24.19
C ASP A 174 -19.79 -11.71 23.43
N TRP A 175 -18.61 -11.27 23.86
CA TRP A 175 -17.92 -10.21 23.14
C TRP A 175 -17.53 -10.67 21.75
N ARG A 176 -17.09 -11.93 21.63
CA ARG A 176 -16.74 -12.46 20.31
C ARG A 176 -17.94 -12.45 19.38
N VAL A 177 -19.08 -12.91 19.87
CA VAL A 177 -20.29 -12.94 19.04
C VAL A 177 -20.72 -11.53 18.68
N ALA A 178 -20.59 -10.59 19.62
CA ALA A 178 -21.07 -9.23 19.38
C ALA A 178 -20.16 -8.46 18.44
N HIS A 179 -18.85 -8.68 18.48
CA HIS A 179 -17.92 -7.85 17.72
C HIS A 179 -17.12 -8.63 16.68
N VAL A 180 -16.51 -9.75 17.06
CA VAL A 180 -15.58 -10.43 16.16
C VAL A 180 -16.32 -11.04 14.97
N GLU A 181 -17.41 -11.76 15.25
CA GLU A 181 -18.11 -12.48 14.20
C GLU A 181 -18.86 -11.56 13.23
N VAL A 182 -19.10 -10.30 13.59
CA VAL A 182 -19.72 -9.35 12.68
C VAL A 182 -18.69 -8.41 12.06
N ALA A 183 -17.41 -8.59 12.34
CA ALA A 183 -16.40 -7.70 11.81
C ALA A 183 -16.25 -7.92 10.31
N PRO A 184 -15.83 -6.89 9.56
CA PRO A 184 -15.67 -7.05 8.12
C PRO A 184 -14.67 -8.11 7.70
N PHE A 185 -13.59 -8.31 8.45
CA PHE A 185 -12.58 -9.26 7.98
C PHE A 185 -13.09 -10.68 8.04
N TYR A 186 -13.99 -10.98 8.97
CA TYR A 186 -14.57 -12.32 9.05
C TYR A 186 -15.68 -12.52 8.02
N THR A 187 -16.50 -11.49 7.77
CA THR A 187 -17.68 -11.64 6.94
C THR A 187 -17.43 -11.37 5.46
N CYS A 188 -16.52 -10.46 5.13
CA CYS A 188 -16.26 -10.14 3.73
C CYS A 188 -15.63 -11.33 3.04
N LYS A 189 -16.35 -11.92 2.09
CA LYS A 189 -15.90 -13.10 1.37
C LYS A 189 -15.54 -12.78 -0.07
N LYS A 190 -15.06 -11.56 -0.32
CA LYS A 190 -14.65 -11.18 -1.67
C LYS A 190 -13.32 -11.80 -2.08
N ILE A 191 -12.51 -12.24 -1.12
CA ILE A 191 -11.21 -12.80 -1.45
C ILE A 191 -11.37 -14.15 -2.14
N ASN A 192 -12.30 -14.98 -1.67
CA ASN A 192 -12.59 -16.25 -2.34
C ASN A 192 -13.05 -16.01 -3.77
N GLN A 193 -13.92 -15.02 -3.96
CA GLN A 193 -14.40 -14.69 -5.30
C GLN A 193 -13.25 -14.21 -6.18
N LEU A 194 -12.35 -13.39 -5.65
CA LEU A 194 -11.20 -12.95 -6.43
C LEU A 194 -10.31 -14.13 -6.79
N ILE A 195 -10.13 -15.08 -5.88
CA ILE A 195 -9.33 -16.26 -6.19
C ILE A 195 -9.95 -17.03 -7.35
N SER A 196 -11.26 -17.26 -7.27
CA SER A 196 -11.94 -18.00 -8.34
C SER A 196 -11.86 -17.25 -9.67
N GLU A 197 -12.05 -15.93 -9.65
CA GLU A 197 -11.99 -15.16 -10.89
C GLU A 197 -10.58 -15.14 -11.45
N THR A 198 -9.55 -15.08 -10.59
CA THR A 198 -8.19 -15.14 -11.09
C THR A 198 -7.90 -16.47 -11.76
N GLU A 199 -8.34 -17.57 -11.14
CA GLU A 199 -8.15 -18.88 -11.76
C GLU A 199 -8.88 -18.96 -13.10
N ALA A 200 -10.11 -18.47 -13.14
CA ALA A 200 -10.88 -18.50 -14.39
C ALA A 200 -10.20 -17.67 -15.46
N VAL A 201 -9.74 -16.47 -15.12
CA VAL A 201 -9.11 -15.58 -16.10
C VAL A 201 -7.86 -16.23 -16.66
N VAL A 202 -6.98 -16.73 -15.79
CA VAL A 202 -5.74 -17.32 -16.29
C VAL A 202 -6.05 -18.54 -17.15
N THR A 203 -6.97 -19.40 -16.69
CA THR A 203 -7.29 -20.63 -17.42
C THR A 203 -7.86 -20.33 -18.80
N ASN A 204 -8.81 -19.41 -18.89
CA ASN A 204 -9.50 -19.19 -20.15
C ASN A 204 -8.79 -18.18 -21.05
N GLU A 205 -7.83 -17.42 -20.55
CA GLU A 205 -7.24 -16.37 -21.37
C GLU A 205 -5.73 -16.47 -21.50
N LEU A 206 -5.01 -16.77 -20.41
CA LEU A 206 -3.55 -16.84 -20.52
C LEU A 206 -3.12 -18.12 -21.20
N GLU A 207 -3.87 -19.20 -20.99
CA GLU A 207 -3.66 -20.47 -21.67
C GLU A 207 -4.96 -20.87 -22.37
N ASP A 208 -4.88 -21.93 -23.17
CA ASP A 208 -6.08 -22.52 -23.72
C ASP A 208 -6.91 -23.13 -22.59
N GLY A 209 -8.09 -23.64 -22.94
CA GLY A 209 -8.93 -24.22 -21.91
C GLY A 209 -8.22 -25.37 -21.21
N ASP A 210 -7.70 -25.09 -20.02
CA ASP A 210 -6.97 -26.06 -19.21
C ASP A 210 -6.83 -25.53 -17.79
N ARG A 211 -7.38 -26.25 -16.82
CA ARG A 211 -7.28 -25.81 -15.44
C ARG A 211 -6.06 -26.39 -14.73
N GLN A 212 -5.66 -27.62 -15.07
CA GLN A 212 -4.50 -28.21 -14.42
C GLN A 212 -3.23 -27.42 -14.70
N LYS A 213 -3.04 -27.00 -15.97
CA LYS A 213 -1.85 -26.23 -16.31
C LYS A 213 -1.84 -24.86 -15.64
N ALA A 214 -2.98 -24.17 -15.66
CA ALA A 214 -3.06 -22.85 -15.05
C ALA A 214 -2.84 -22.92 -13.55
N MET A 215 -3.44 -23.91 -12.89
CA MET A 215 -3.22 -24.06 -11.46
C MET A 215 -1.78 -24.48 -11.16
N LYS A 216 -1.18 -25.29 -12.02
CA LYS A 216 0.22 -25.66 -11.84
C LYS A 216 1.12 -24.43 -11.91
N ARG A 217 0.83 -23.52 -12.84
CA ARG A 217 1.66 -22.32 -12.96
C ARG A 217 1.42 -21.36 -11.81
N LEU A 218 0.16 -21.13 -11.43
CA LEU A 218 -0.14 -20.18 -10.37
C LEU A 218 0.19 -20.69 -8.99
N ARG A 219 0.38 -21.99 -8.81
CA ARG A 219 0.55 -22.56 -7.49
C ARG A 219 1.98 -22.42 -6.98
N VAL A 220 2.89 -21.95 -7.82
CA VAL A 220 4.29 -21.77 -7.43
C VAL A 220 4.67 -20.31 -7.65
N PRO A 221 4.23 -19.40 -6.79
CA PRO A 221 4.58 -17.99 -6.96
C PRO A 221 6.03 -17.75 -6.63
N PRO A 222 6.60 -16.64 -7.09
CA PRO A 222 7.97 -16.29 -6.69
C PRO A 222 8.06 -16.09 -5.18
N LEU A 223 9.06 -16.72 -4.58
CA LEU A 223 9.22 -16.64 -3.14
C LEU A 223 9.56 -15.23 -2.68
N GLY A 224 10.20 -14.44 -3.54
CA GLY A 224 10.59 -13.10 -3.17
C GLY A 224 9.42 -12.24 -2.76
N ALA A 225 9.31 -11.96 -1.47
CA ALA A 225 8.23 -11.13 -0.97
C ALA A 225 8.44 -9.68 -1.40
N ALA A 226 7.39 -8.87 -1.21
CA ALA A 226 7.36 -7.50 -1.73
C ALA A 226 8.18 -6.58 -0.83
N GLN A 227 9.50 -6.76 -0.90
CA GLN A 227 10.42 -5.79 -0.31
C GLN A 227 11.66 -5.71 -1.21
N PRO A 228 12.15 -4.52 -1.50
CA PRO A 228 13.40 -4.38 -2.24
C PRO A 228 14.59 -4.57 -1.32
N ALA A 229 15.78 -4.38 -1.87
CA ALA A 229 16.99 -4.43 -1.07
C ALA A 229 17.01 -3.28 -0.08
N PRO A 230 17.75 -3.41 1.03
CA PRO A 230 17.77 -2.35 2.04
C PRO A 230 18.38 -1.03 1.56
N ALA A 231 18.75 -0.97 0.28
CA ALA A 231 19.20 0.24 -0.40
C ALA A 231 20.58 0.69 0.06
N TRP A 232 21.13 -0.01 1.05
CA TRP A 232 22.53 0.14 1.41
C TRP A 232 23.35 -1.10 1.10
N THR A 233 22.72 -2.28 1.14
CA THR A 233 23.39 -3.49 0.70
C THR A 233 23.71 -3.42 -0.79
N THR A 234 22.79 -2.88 -1.59
CA THR A 234 23.06 -2.71 -3.01
C THR A 234 24.23 -1.74 -3.24
N PHE A 235 24.28 -0.66 -2.48
CA PHE A 235 25.38 0.29 -2.62
C PHE A 235 26.71 -0.35 -2.26
N ARG A 236 26.73 -1.15 -1.18
CA ARG A 236 27.98 -1.81 -0.81
C ARG A 236 28.37 -2.88 -1.81
N VAL A 237 27.38 -3.55 -2.41
CA VAL A 237 27.69 -4.49 -3.49
C VAL A 237 28.35 -3.76 -4.65
N GLY A 238 27.82 -2.59 -5.02
CA GLY A 238 28.46 -1.80 -6.07
C GLY A 238 29.86 -1.37 -5.68
N LEU A 239 30.05 -0.91 -4.45
CA LEU A 239 31.35 -0.49 -3.98
C LEU A 239 32.37 -1.62 -4.10
N PHE A 240 32.04 -2.79 -3.54
CA PHE A 240 32.97 -3.90 -3.56
C PHE A 240 33.18 -4.44 -4.97
N CYS A 241 32.15 -4.42 -5.82
CA CYS A 241 32.35 -4.86 -7.20
C CYS A 241 33.30 -3.92 -7.94
N GLY A 242 33.16 -2.61 -7.74
CA GLY A 242 34.08 -1.69 -8.39
C GLY A 242 35.51 -1.85 -7.91
N ILE A 243 35.69 -1.94 -6.59
CA ILE A 243 37.03 -2.14 -6.06
C ILE A 243 37.61 -3.45 -6.56
N PHE A 244 36.78 -4.49 -6.65
CA PHE A 244 37.26 -5.79 -7.12
C PHE A 244 37.66 -5.74 -8.59
N ILE A 245 36.89 -5.06 -9.42
CA ILE A 245 37.25 -4.97 -10.84
C ILE A 245 38.57 -4.24 -11.01
N VAL A 246 38.72 -3.10 -10.33
CA VAL A 246 39.96 -2.34 -10.50
C VAL A 246 41.14 -3.12 -9.93
N LEU A 247 40.93 -3.83 -8.82
CA LEU A 247 42.00 -4.61 -8.24
C LEU A 247 42.39 -5.78 -9.13
N ASN A 248 41.42 -6.40 -9.81
CA ASN A 248 41.75 -7.46 -10.76
C ASN A 248 42.54 -6.92 -11.93
N ILE A 249 42.18 -5.73 -12.43
CA ILE A 249 42.98 -5.12 -13.49
C ILE A 249 44.40 -4.87 -13.00
N THR A 250 44.55 -4.40 -11.76
CA THR A 250 45.88 -4.22 -11.19
C THR A 250 46.63 -5.54 -11.09
N LEU A 251 45.96 -6.60 -10.67
CA LEU A 251 46.59 -7.92 -10.59
C LEU A 251 47.08 -8.37 -11.95
N VAL A 252 46.25 -8.21 -12.98
CA VAL A 252 46.64 -8.65 -14.32
C VAL A 252 47.85 -7.86 -14.80
N LEU A 253 47.81 -6.54 -14.64
CA LEU A 253 48.95 -5.73 -15.09
C LEU A 253 50.21 -6.06 -14.31
N ALA A 254 50.10 -6.21 -12.98
CA ALA A 254 51.27 -6.52 -12.17
C ALA A 254 51.87 -7.87 -12.54
N ALA A 255 51.01 -8.87 -12.76
CA ALA A 255 51.53 -10.19 -13.14
C ALA A 255 52.17 -10.15 -14.52
N VAL A 256 51.58 -9.41 -15.46
CA VAL A 256 52.17 -9.33 -16.80
C VAL A 256 53.52 -8.64 -16.75
N PHE A 257 53.62 -7.53 -16.03
CA PHE A 257 54.86 -6.76 -16.02
C PHE A 257 55.83 -7.19 -14.93
N LYS A 258 55.38 -7.25 -13.68
CA LYS A 258 56.25 -7.63 -12.57
C LYS A 258 56.23 -9.15 -12.45
N LEU A 259 57.23 -9.80 -13.04
CA LEU A 259 57.35 -11.25 -13.03
C LEU A 259 58.58 -11.65 -12.23
N GLU A 260 58.41 -12.68 -11.40
CA GLU A 260 59.52 -13.15 -10.58
C GLU A 260 60.54 -13.89 -11.45
N THR A 261 61.74 -14.06 -10.89
CA THR A 261 62.82 -14.76 -11.55
C THR A 261 63.59 -15.60 -10.53
N ASP A 262 63.92 -16.84 -10.92
CA ASP A 262 64.66 -17.77 -10.07
C ASP A 262 63.94 -18.03 -8.75
N ARG A 263 62.62 -18.16 -8.82
CA ARG A 263 61.83 -18.51 -7.64
C ARG A 263 60.62 -19.31 -8.09
N SER A 264 60.05 -20.06 -7.16
CA SER A 264 58.87 -20.88 -7.41
C SER A 264 57.66 -20.16 -6.84
N ILE A 265 56.79 -19.66 -7.73
CA ILE A 265 55.56 -19.00 -7.31
C ILE A 265 54.48 -20.01 -6.94
N TRP A 266 54.76 -21.30 -7.09
CA TRP A 266 53.75 -22.33 -6.85
C TRP A 266 53.19 -22.32 -5.42
N PRO A 267 53.98 -22.14 -4.36
CA PRO A 267 53.37 -22.11 -3.02
C PRO A 267 52.32 -21.03 -2.85
N LEU A 268 52.44 -19.91 -3.56
CA LEU A 268 51.43 -18.86 -3.44
C LEU A 268 50.17 -19.21 -4.21
N ILE A 269 50.31 -19.85 -5.37
CA ILE A 269 49.17 -20.05 -6.25
C ILE A 269 48.17 -21.01 -5.62
N ARG A 270 48.62 -22.01 -4.86
CA ARG A 270 47.69 -22.94 -4.22
C ARG A 270 46.91 -22.25 -3.11
N ILE A 271 47.59 -21.45 -2.29
CA ILE A 271 46.93 -20.73 -1.21
C ILE A 271 45.87 -19.78 -1.77
N TYR A 272 46.25 -18.98 -2.75
CA TYR A 272 45.28 -18.06 -3.30
C TYR A 272 44.25 -18.76 -4.16
N ARG A 273 44.54 -19.98 -4.62
CA ARG A 273 43.53 -20.81 -5.27
C ARG A 273 42.42 -21.18 -4.30
N GLY A 274 42.81 -21.60 -3.09
CA GLY A 274 41.80 -21.87 -2.08
C GLY A 274 40.94 -20.65 -1.79
N GLY A 275 41.58 -19.51 -1.61
CA GLY A 275 40.82 -18.27 -1.40
C GLY A 275 39.88 -17.96 -2.55
N PHE A 276 40.38 -18.12 -3.78
CA PHE A 276 39.59 -17.82 -4.97
C PHE A 276 38.37 -18.72 -5.07
N LEU A 277 38.54 -20.02 -4.80
CA LEU A 277 37.38 -20.91 -4.86
C LEU A 277 36.36 -20.54 -3.81
N LEU A 278 36.79 -20.16 -2.60
CA LEU A 278 35.82 -19.75 -1.60
C LEU A 278 35.02 -18.54 -2.06
N ILE A 279 35.71 -17.52 -2.59
CA ILE A 279 35.02 -16.30 -3.04
C ILE A 279 34.06 -16.61 -4.18
N GLU A 280 34.52 -17.39 -5.16
CA GLU A 280 33.68 -17.72 -6.30
C GLU A 280 32.48 -18.55 -5.88
N PHE A 281 32.67 -19.45 -4.91
CA PHE A 281 31.54 -20.23 -4.40
C PHE A 281 30.51 -19.33 -3.75
N LEU A 282 30.95 -18.35 -2.95
CA LEU A 282 29.96 -17.45 -2.35
C LEU A 282 29.23 -16.63 -3.39
N PHE A 283 29.92 -16.14 -4.41
CA PHE A 283 29.27 -15.40 -5.49
C PHE A 283 28.23 -16.26 -6.21
N LEU A 284 28.62 -17.48 -6.59
CA LEU A 284 27.69 -18.35 -7.31
C LEU A 284 26.55 -18.79 -6.41
N LEU A 285 26.78 -18.91 -5.10
CA LEU A 285 25.69 -19.23 -4.20
C LEU A 285 24.70 -18.07 -4.09
N GLY A 286 25.21 -16.84 -4.14
CA GLY A 286 24.30 -15.71 -4.26
C GLY A 286 23.45 -15.79 -5.50
N ILE A 287 24.05 -16.15 -6.63
CA ILE A 287 23.26 -16.32 -7.86
C ILE A 287 22.24 -17.45 -7.68
N ASN A 288 22.61 -18.53 -7.01
CA ASN A 288 21.67 -19.62 -6.74
C ASN A 288 20.49 -19.13 -5.91
N THR A 289 20.77 -18.33 -4.88
CA THR A 289 19.69 -17.82 -4.05
C THR A 289 18.75 -16.94 -4.87
N TYR A 290 19.32 -16.10 -5.74
CA TYR A 290 18.48 -15.30 -6.63
C TYR A 290 17.61 -16.18 -7.52
N GLY A 291 18.21 -17.22 -8.10
CA GLY A 291 17.45 -18.10 -8.98
C GLY A 291 16.32 -18.82 -8.28
N TRP A 292 16.61 -19.37 -7.10
CA TRP A 292 15.57 -20.03 -6.33
C TRP A 292 14.46 -19.05 -5.96
N ARG A 293 14.84 -17.85 -5.50
CA ARG A 293 13.85 -16.90 -5.02
C ARG A 293 12.93 -16.44 -6.14
N GLN A 294 13.48 -16.15 -7.32
CA GLN A 294 12.62 -15.69 -8.40
C GLN A 294 11.83 -16.83 -9.03
N ALA A 295 12.45 -17.99 -9.23
CA ALA A 295 11.78 -19.07 -9.94
C ALA A 295 10.61 -19.64 -9.16
N GLY A 296 10.66 -19.53 -7.82
CA GLY A 296 9.60 -20.04 -6.98
C GLY A 296 10.01 -21.12 -6.02
N VAL A 297 11.26 -21.57 -6.04
CA VAL A 297 11.70 -22.65 -5.17
C VAL A 297 11.80 -22.14 -3.74
N ASN A 298 11.01 -22.73 -2.85
CA ASN A 298 10.94 -22.31 -1.45
C ASN A 298 12.13 -22.89 -0.71
N HIS A 299 13.30 -22.30 -0.95
CA HIS A 299 14.51 -22.79 -0.30
C HIS A 299 14.52 -22.49 1.20
N VAL A 300 13.72 -21.53 1.66
CA VAL A 300 13.67 -21.23 3.08
C VAL A 300 13.16 -22.42 3.87
N LEU A 301 12.10 -23.07 3.40
CA LEU A 301 11.56 -24.22 4.11
C LEU A 301 12.49 -25.43 3.99
N ILE A 302 13.04 -25.67 2.80
CA ILE A 302 13.90 -26.83 2.60
C ILE A 302 15.16 -26.73 3.45
N PHE A 303 15.82 -25.56 3.42
CA PHE A 303 16.97 -25.35 4.30
C PHE A 303 16.59 -25.23 5.77
N GLU A 304 15.31 -25.07 6.07
CA GLU A 304 14.83 -24.87 7.44
C GLU A 304 15.43 -23.61 8.04
N LEU A 305 15.55 -22.57 7.21
CA LEU A 305 15.97 -21.26 7.66
C LEU A 305 14.84 -20.56 8.43
N ASN A 306 15.21 -19.51 9.14
CA ASN A 306 14.24 -18.71 9.87
C ASN A 306 13.40 -17.91 8.88
N PRO A 307 12.08 -18.08 8.84
CA PRO A 307 11.27 -17.34 7.86
C PRO A 307 11.38 -15.83 8.01
N ARG A 308 11.69 -15.34 9.20
CA ARG A 308 11.96 -13.93 9.42
C ARG A 308 13.46 -13.67 9.40
N SER A 309 13.86 -12.57 8.76
CA SER A 309 15.25 -12.14 8.70
C SER A 309 16.14 -13.22 8.07
N ASN A 310 15.86 -13.50 6.80
CA ASN A 310 16.74 -14.32 5.97
C ASN A 310 17.57 -13.40 5.07
N LEU A 311 18.46 -14.00 4.29
CA LEU A 311 19.39 -13.26 3.44
C LEU A 311 19.04 -13.44 1.98
N SER A 312 18.89 -12.32 1.27
CA SER A 312 18.68 -12.33 -0.17
C SER A 312 20.03 -12.52 -0.86
N HIS A 313 20.06 -12.35 -2.18
CA HIS A 313 21.31 -12.55 -2.89
C HIS A 313 22.27 -11.37 -2.75
N GLN A 314 21.75 -10.16 -2.47
CA GLN A 314 22.64 -9.01 -2.33
C GLN A 314 23.62 -9.21 -1.18
N HIS A 315 23.17 -9.78 -0.07
CA HIS A 315 24.06 -9.98 1.07
C HIS A 315 25.19 -10.95 0.72
N LEU A 316 24.87 -12.05 0.03
CA LEU A 316 25.91 -12.99 -0.38
C LEU A 316 26.88 -12.34 -1.36
N PHE A 317 26.36 -11.55 -2.30
CA PHE A 317 27.24 -10.84 -3.20
C PHE A 317 28.18 -9.90 -2.45
N GLU A 318 27.66 -9.22 -1.43
CA GLU A 318 28.47 -8.29 -0.66
C GLU A 318 29.57 -9.01 0.11
N ILE A 319 29.25 -10.15 0.75
CA ILE A 319 30.26 -10.91 1.47
C ILE A 319 31.33 -11.42 0.50
N ALA A 320 30.89 -11.95 -0.64
CA ALA A 320 31.85 -12.43 -1.63
C ALA A 320 32.75 -11.31 -2.11
N GLY A 321 32.19 -10.13 -2.36
CA GLY A 321 32.99 -9.01 -2.78
C GLY A 321 33.99 -8.58 -1.72
N PHE A 322 33.58 -8.59 -0.45
CA PHE A 322 34.48 -8.19 0.63
C PHE A 322 35.65 -9.14 0.73
N LEU A 323 35.38 -10.44 0.71
CA LEU A 323 36.48 -11.40 0.76
C LEU A 323 37.34 -11.32 -0.50
N GLY A 324 36.74 -10.98 -1.64
CA GLY A 324 37.54 -10.77 -2.84
C GLY A 324 38.47 -9.58 -2.72
N ILE A 325 37.99 -8.50 -2.08
CA ILE A 325 38.83 -7.33 -1.86
C ILE A 325 40.02 -7.71 -0.97
N LEU A 326 39.75 -8.45 0.11
CA LEU A 326 40.84 -8.87 0.98
C LEU A 326 41.83 -9.76 0.24
N TRP A 327 41.33 -10.70 -0.57
CA TRP A 327 42.20 -11.60 -1.29
C TRP A 327 43.06 -10.86 -2.31
N CYS A 328 42.46 -9.92 -3.04
CA CYS A 328 43.23 -9.14 -4.00
C CYS A 328 44.27 -8.27 -3.31
N LEU A 329 43.92 -7.68 -2.16
CA LEU A 329 44.87 -6.85 -1.45
C LEU A 329 46.06 -7.68 -0.96
N SER A 330 45.79 -8.87 -0.41
CA SER A 330 46.89 -9.73 0.02
C SER A 330 47.76 -10.15 -1.16
N LEU A 331 47.13 -10.48 -2.30
CA LEU A 331 47.91 -10.88 -3.46
C LEU A 331 48.78 -9.74 -3.98
N LEU A 332 48.24 -8.52 -4.03
CA LEU A 332 49.04 -7.38 -4.44
C LEU A 332 50.19 -7.12 -3.47
N ALA A 333 49.92 -7.23 -2.17
CA ALA A 333 51.00 -7.08 -1.20
C ALA A 333 52.07 -8.12 -1.40
N CYS A 334 51.70 -9.33 -1.83
CA CYS A 334 52.70 -10.33 -2.15
C CYS A 334 53.50 -9.95 -3.39
N PHE A 335 52.82 -9.43 -4.42
CA PHE A 335 53.53 -9.02 -5.63
C PHE A 335 54.43 -7.82 -5.37
N PHE A 336 53.88 -6.78 -4.76
CA PHE A 336 54.67 -5.60 -4.44
C PHE A 336 55.42 -5.81 -3.13
N ALA A 337 56.01 -4.74 -2.62
CA ALA A 337 56.70 -4.75 -1.33
C ALA A 337 56.19 -3.57 -0.52
N PRO A 338 54.97 -3.66 0.02
CA PRO A 338 54.42 -2.52 0.77
C PRO A 338 55.23 -2.20 2.02
N ILE A 339 55.48 -3.19 2.87
CA ILE A 339 56.18 -2.99 4.13
C ILE A 339 57.47 -3.79 4.08
N SER A 340 58.60 -3.11 4.33
CA SER A 340 59.90 -3.76 4.23
C SER A 340 60.08 -4.84 5.29
N VAL A 341 59.72 -4.53 6.54
CA VAL A 341 59.96 -5.48 7.63
C VAL A 341 59.03 -6.68 7.52
N ILE A 342 57.79 -6.47 7.12
CA ILE A 342 56.82 -7.56 6.99
C ILE A 342 57.19 -8.43 5.81
N PRO A 343 57.46 -9.72 6.01
CA PRO A 343 57.81 -10.59 4.89
C PRO A 343 56.59 -10.93 4.05
N THR A 344 56.85 -11.61 2.94
CA THR A 344 55.80 -11.92 1.97
C THR A 344 54.77 -12.89 2.56
N TYR A 345 55.22 -13.90 3.29
CA TYR A 345 54.31 -14.96 3.73
C TYR A 345 53.33 -14.49 4.80
N VAL A 346 53.50 -13.29 5.35
CA VAL A 346 52.56 -12.80 6.35
C VAL A 346 51.20 -12.51 5.73
N TYR A 347 51.18 -12.02 4.49
CA TYR A 347 49.91 -11.63 3.89
C TYR A 347 48.90 -12.77 3.76
N PRO A 348 49.26 -13.98 3.29
CA PRO A 348 48.29 -15.08 3.38
C PRO A 348 47.86 -15.38 4.80
N LEU A 349 48.79 -15.30 5.76
CA LEU A 349 48.44 -15.51 7.16
C LEU A 349 47.43 -14.47 7.63
N ALA A 350 47.67 -13.20 7.32
CA ALA A 350 46.74 -12.15 7.73
C ALA A 350 45.39 -12.33 7.06
N LEU A 351 45.39 -12.68 5.77
CA LEU A 351 44.15 -12.88 5.04
C LEU A 351 43.31 -13.97 5.67
N TYR A 352 43.89 -15.14 5.91
CA TYR A 352 43.09 -16.24 6.45
C TYR A 352 42.79 -16.06 7.93
N GLY A 353 43.66 -15.39 8.68
CA GLY A 353 43.32 -15.05 10.05
C GLY A 353 42.10 -14.15 10.11
N PHE A 354 42.05 -13.14 9.24
CA PHE A 354 40.88 -12.27 9.21
C PHE A 354 39.65 -13.01 8.72
N MET A 355 39.80 -13.90 7.73
CA MET A 355 38.65 -14.67 7.26
C MET A 355 38.08 -15.54 8.37
N VAL A 356 38.95 -16.27 9.07
CA VAL A 356 38.47 -17.18 10.11
C VAL A 356 37.92 -16.40 11.30
N PHE A 357 38.51 -15.24 11.61
CA PHE A 357 37.97 -14.41 12.68
C PHE A 357 36.59 -13.86 12.30
N PHE A 358 36.44 -13.42 11.06
CA PHE A 358 35.13 -13.02 10.55
C PHE A 358 34.16 -14.18 10.51
N LEU A 359 34.66 -15.42 10.53
CA LEU A 359 33.80 -16.58 10.65
C LEU A 359 33.48 -16.94 12.09
N ILE A 360 34.36 -16.64 13.04
CA ILE A 360 34.13 -17.04 14.43
C ILE A 360 34.06 -15.80 15.33
N ASN A 361 33.56 -14.69 14.81
CA ASN A 361 33.39 -13.48 15.59
C ASN A 361 32.39 -13.70 16.71
N PRO A 362 32.78 -13.54 17.97
CA PRO A 362 31.83 -13.77 19.06
C PRO A 362 30.76 -12.71 19.19
N THR A 363 31.03 -11.49 18.72
CA THR A 363 30.11 -10.37 18.91
C THR A 363 28.90 -10.52 18.00
N LYS A 364 27.99 -9.54 18.09
CA LYS A 364 26.75 -9.55 17.34
C LYS A 364 26.82 -8.77 16.03
N THR A 365 28.01 -8.37 15.61
CA THR A 365 28.15 -7.56 14.41
C THR A 365 28.55 -8.42 13.23
N PHE A 366 28.36 -7.86 12.02
CA PHE A 366 28.80 -8.45 10.76
C PHE A 366 28.16 -9.83 10.55
N TYR A 367 26.84 -9.80 10.36
CA TYR A 367 26.06 -10.97 9.95
C TYR A 367 26.08 -12.05 11.04
N TYR A 368 25.70 -11.67 12.26
CA TYR A 368 25.82 -12.60 13.38
C TYR A 368 24.89 -13.80 13.20
N LYS A 369 23.68 -13.57 12.68
CA LYS A 369 22.73 -14.66 12.53
C LYS A 369 23.25 -15.72 11.56
N SER A 370 23.64 -15.29 10.36
CA SER A 370 24.13 -16.24 9.36
C SER A 370 25.43 -16.89 9.81
N ARG A 371 26.30 -16.12 10.45
CA ARG A 371 27.57 -16.67 10.92
C ARG A 371 27.34 -17.76 11.96
N PHE A 372 26.43 -17.53 12.91
CA PHE A 372 26.16 -18.54 13.93
C PHE A 372 25.45 -19.75 13.34
N TRP A 373 24.54 -19.53 12.39
CA TRP A 373 23.90 -20.66 11.71
C TRP A 373 24.93 -21.51 10.98
N LEU A 374 25.88 -20.87 10.30
CA LEU A 374 26.91 -21.60 9.58
C LEU A 374 27.82 -22.35 10.54
N LEU A 375 28.16 -21.74 11.68
CA LEU A 375 29.00 -22.44 12.65
C LEU A 375 28.29 -23.67 13.21
N LYS A 376 27.01 -23.53 13.55
CA LYS A 376 26.26 -24.69 14.03
C LYS A 376 26.19 -25.77 12.96
N LEU A 377 25.96 -25.37 11.70
CA LEU A 377 25.88 -26.34 10.62
C LEU A 377 27.22 -27.04 10.40
N LEU A 378 28.33 -26.32 10.47
CA LEU A 378 29.64 -26.94 10.33
C LEU A 378 29.90 -27.91 11.47
N PHE A 379 29.51 -27.55 12.69
CA PHE A 379 29.67 -28.46 13.81
C PHE A 379 28.87 -29.73 13.60
N ARG A 380 27.65 -29.62 13.09
CA ARG A 380 26.83 -30.82 12.88
C ARG A 380 27.34 -31.64 11.69
N VAL A 381 27.90 -31.00 10.66
CA VAL A 381 28.41 -31.74 9.51
C VAL A 381 29.66 -32.51 9.87
N PHE A 382 30.61 -31.87 10.55
CA PHE A 382 31.89 -32.54 10.80
C PHE A 382 31.75 -33.68 11.81
N THR A 383 30.90 -33.50 12.83
CA THR A 383 30.52 -34.61 13.71
C THR A 383 29.23 -35.22 13.19
N ALA A 384 29.37 -35.95 12.07
CA ALA A 384 28.20 -36.29 11.27
C ALA A 384 27.31 -37.34 11.91
N PRO A 385 27.77 -38.56 12.21
CA PRO A 385 26.83 -39.60 12.66
C PRO A 385 26.13 -39.30 13.97
N PHE A 386 26.69 -38.40 14.79
CA PHE A 386 26.08 -38.10 16.08
C PHE A 386 24.85 -37.22 15.94
N HIS A 387 24.83 -36.33 14.95
CA HIS A 387 23.72 -35.41 14.74
C HIS A 387 22.77 -35.94 13.68
N LYS A 388 21.48 -35.74 13.91
CA LYS A 388 20.47 -36.09 12.92
C LYS A 388 20.69 -35.28 11.64
N VAL A 389 20.48 -35.92 10.49
CA VAL A 389 20.83 -35.35 9.19
C VAL A 389 19.62 -34.57 8.69
N GLY A 390 19.69 -33.24 8.76
CA GLY A 390 18.74 -32.39 8.10
C GLY A 390 19.13 -32.17 6.66
N PHE A 391 18.39 -31.28 5.99
CA PHE A 391 18.74 -30.97 4.60
C PHE A 391 20.00 -30.13 4.53
N ALA A 392 20.22 -29.25 5.52
CA ALA A 392 21.39 -28.40 5.49
C ALA A 392 22.67 -29.20 5.64
N ASP A 393 22.65 -30.23 6.49
CA ASP A 393 23.83 -31.09 6.62
C ASP A 393 24.16 -31.77 5.30
N PHE A 394 23.13 -32.30 4.62
CA PHE A 394 23.33 -32.84 3.28
C PHE A 394 23.94 -31.81 2.34
N TRP A 395 23.32 -30.63 2.26
CA TRP A 395 23.75 -29.64 1.28
C TRP A 395 25.19 -29.22 1.52
N LEU A 396 25.55 -28.95 2.78
CA LEU A 396 26.88 -28.46 3.04
C LEU A 396 27.93 -29.56 2.95
N ALA A 397 27.58 -30.80 3.31
CA ALA A 397 28.53 -31.89 3.10
C ALA A 397 28.81 -32.09 1.61
N ASP A 398 27.78 -31.94 0.78
CA ASP A 398 27.99 -32.08 -0.66
C ASP A 398 28.77 -30.89 -1.23
N GLN A 399 28.54 -29.69 -0.68
CA GLN A 399 29.37 -28.55 -1.05
C GLN A 399 30.82 -28.78 -0.66
N LEU A 400 31.06 -29.44 0.47
CA LEU A 400 32.42 -29.81 0.83
C LEU A 400 33.00 -30.81 -0.16
N ASN A 401 32.17 -31.77 -0.59
CA ASN A 401 32.61 -32.69 -1.66
C ASN A 401 33.06 -31.91 -2.89
N SER A 402 32.39 -30.80 -3.18
CA SER A 402 32.79 -29.97 -4.31
C SER A 402 33.99 -29.07 -4.02
N LEU A 403 34.18 -28.64 -2.79
CA LEU A 403 35.18 -27.63 -2.44
C LEU A 403 36.37 -28.23 -1.69
N SER A 404 36.54 -29.56 -1.76
CA SER A 404 37.69 -30.21 -1.14
C SER A 404 39.03 -29.57 -1.51
N VAL A 405 39.08 -28.82 -2.62
CA VAL A 405 40.34 -28.17 -2.98
C VAL A 405 40.73 -27.11 -1.97
N ILE A 406 39.74 -26.43 -1.38
CA ILE A 406 40.03 -25.46 -0.32
C ILE A 406 40.66 -26.16 0.88
N LEU A 407 40.10 -27.32 1.27
CA LEU A 407 40.67 -28.08 2.37
C LEU A 407 42.09 -28.53 2.05
N MET A 408 42.31 -29.00 0.82
CA MET A 408 43.64 -29.43 0.42
C MET A 408 44.64 -28.28 0.42
N ASP A 409 44.22 -27.09 -0.02
CA ASP A 409 45.12 -25.95 -0.02
C ASP A 409 45.39 -25.45 1.40
N LEU A 410 44.41 -25.56 2.30
CA LEU A 410 44.66 -25.25 3.70
C LEU A 410 45.67 -26.23 4.30
N GLU A 411 45.54 -27.51 3.98
CA GLU A 411 46.52 -28.50 4.40
C GLU A 411 47.90 -28.18 3.84
N TYR A 412 47.97 -27.79 2.57
CA TYR A 412 49.24 -27.44 1.97
C TYR A 412 49.84 -26.20 2.61
N MET A 413 49.00 -25.23 2.97
CA MET A 413 49.47 -24.05 3.68
C MET A 413 50.08 -24.44 5.02
N ILE A 414 49.42 -25.34 5.76
CA ILE A 414 49.97 -25.80 7.03
C ILE A 414 51.29 -26.52 6.82
N CYS A 415 51.36 -27.38 5.80
CA CYS A 415 52.61 -28.10 5.51
C CYS A 415 53.73 -27.14 5.13
N PHE A 416 53.42 -26.13 4.31
CA PHE A 416 54.43 -25.22 3.80
C PHE A 416 54.87 -24.22 4.85
N TYR A 417 54.02 -23.92 5.83
CA TYR A 417 54.40 -23.02 6.90
C TYR A 417 54.90 -23.75 8.14
N SER A 418 54.84 -25.08 8.17
CA SER A 418 55.32 -25.86 9.30
C SER A 418 56.69 -26.48 9.04
N LEU A 419 56.81 -27.26 7.96
CA LEU A 419 58.09 -27.90 7.67
C LEU A 419 59.15 -26.89 7.31
N GLU A 420 58.83 -25.92 6.45
CA GLU A 420 59.80 -24.95 5.98
C GLU A 420 59.13 -23.58 5.92
N LEU A 421 59.81 -22.64 5.26
CA LEU A 421 59.38 -21.26 5.02
C LEU A 421 58.12 -20.80 5.75
N TYR A 443 52.06 -34.82 2.20
CA TYR A 443 52.36 -36.18 1.74
C TYR A 443 53.29 -36.89 2.70
N THR A 444 53.10 -36.66 3.99
CA THR A 444 53.90 -37.36 5.00
C THR A 444 53.70 -38.86 4.88
N TYR A 445 52.48 -39.31 5.10
CA TYR A 445 52.11 -40.70 4.80
C TYR A 445 50.63 -40.68 4.41
N GLY A 446 50.36 -40.45 3.13
CA GLY A 446 49.00 -40.48 2.63
C GLY A 446 48.08 -39.47 3.25
N VAL A 447 48.64 -38.43 3.88
CA VAL A 447 47.81 -37.41 4.52
C VAL A 447 46.95 -36.69 3.49
N ARG A 448 47.51 -36.42 2.31
CA ARG A 448 46.75 -35.75 1.27
C ARG A 448 45.56 -36.59 0.82
N ALA A 449 45.74 -37.90 0.73
CA ALA A 449 44.62 -38.77 0.38
C ALA A 449 43.52 -38.70 1.42
N ILE A 450 43.87 -38.69 2.70
CA ILE A 450 42.87 -38.58 3.75
C ILE A 450 42.16 -37.23 3.66
N VAL A 451 42.89 -36.16 3.38
CA VAL A 451 42.27 -34.85 3.27
C VAL A 451 41.29 -34.82 2.10
N GLN A 452 41.65 -35.46 0.98
CA GLN A 452 40.70 -35.56 -0.13
C GLN A 452 39.47 -36.36 0.26
N CYS A 453 39.65 -37.46 0.99
CA CYS A 453 38.54 -38.33 1.33
C CYS A 453 37.69 -37.83 2.49
N ILE A 454 38.11 -36.77 3.20
CA ILE A 454 37.32 -36.26 4.31
C ILE A 454 35.90 -35.89 3.90
N PRO A 455 35.65 -35.07 2.88
CA PRO A 455 34.26 -34.73 2.55
C PRO A 455 33.43 -35.94 2.15
N ALA A 456 34.01 -36.82 1.34
CA ALA A 456 33.32 -38.03 0.95
C ALA A 456 33.01 -38.89 2.16
N TRP A 457 33.92 -38.94 3.14
CA TRP A 457 33.62 -39.66 4.36
C TRP A 457 32.49 -39.03 5.15
N LEU A 458 32.47 -37.69 5.24
CA LEU A 458 31.38 -37.03 5.96
C LEU A 458 30.05 -37.42 5.36
N ARG A 459 29.91 -37.32 4.04
CA ARG A 459 28.61 -37.65 3.48
C ARG A 459 28.34 -39.16 3.47
N PHE A 460 29.38 -39.99 3.39
CA PHE A 460 29.20 -41.43 3.52
C PHE A 460 28.59 -41.79 4.87
N ILE A 461 29.15 -41.22 5.94
CA ILE A 461 28.64 -41.56 7.26
C ILE A 461 27.29 -40.88 7.53
N GLN A 462 27.01 -39.71 6.93
CA GLN A 462 25.66 -39.18 7.01
C GLN A 462 24.65 -40.10 6.34
N CYS A 463 25.00 -40.66 5.19
CA CYS A 463 24.10 -41.58 4.51
C CYS A 463 23.87 -42.83 5.36
N LEU A 464 24.92 -43.35 5.99
CA LEU A 464 24.74 -44.51 6.85
C LEU A 464 23.88 -44.16 8.08
N ARG A 465 24.05 -42.96 8.63
CA ARG A 465 23.21 -42.54 9.75
C ARG A 465 21.75 -42.46 9.34
N ARG A 466 21.48 -41.93 8.15
CA ARG A 466 20.09 -41.89 7.68
C ARG A 466 19.57 -43.29 7.38
N TYR A 467 20.46 -44.22 6.99
CA TYR A 467 20.05 -45.61 6.87
C TYR A 467 19.62 -46.16 8.22
N ARG A 468 20.40 -45.89 9.27
CA ARG A 468 20.01 -46.35 10.60
C ARG A 468 18.68 -45.73 11.02
N ASP A 469 18.49 -44.45 10.75
CA ASP A 469 17.29 -43.77 11.22
C ASP A 469 16.05 -44.19 10.43
N THR A 470 16.03 -43.90 9.13
CA THR A 470 14.85 -44.16 8.32
C THR A 470 14.69 -45.65 7.98
N LYS A 471 15.80 -46.36 7.82
CA LYS A 471 15.80 -47.78 7.46
C LYS A 471 15.12 -47.99 6.10
N ARG A 472 15.70 -47.36 5.08
CA ARG A 472 15.35 -47.63 3.69
C ARG A 472 16.64 -47.74 2.90
N ALA A 473 16.83 -48.86 2.22
CA ALA A 473 18.10 -49.14 1.58
C ALA A 473 18.22 -48.54 0.19
N PHE A 474 17.15 -48.00 -0.39
CA PHE A 474 17.24 -47.52 -1.77
C PHE A 474 18.03 -46.22 -1.89
N PRO A 475 17.64 -45.12 -1.23
CA PRO A 475 18.37 -43.86 -1.45
C PRO A 475 19.58 -43.71 -0.56
N HIS A 476 19.86 -44.64 0.35
CA HIS A 476 20.91 -44.42 1.34
C HIS A 476 22.15 -45.28 1.08
N LEU A 477 21.98 -46.59 0.97
CA LEU A 477 23.14 -47.46 0.77
C LEU A 477 23.77 -47.24 -0.60
N VAL A 478 22.95 -46.96 -1.61
CA VAL A 478 23.48 -46.65 -2.93
C VAL A 478 24.35 -45.39 -2.88
N ASN A 479 23.86 -44.37 -2.18
CA ASN A 479 24.62 -43.13 -2.04
C ASN A 479 25.92 -43.37 -1.28
N ALA A 480 25.88 -44.21 -0.24
CA ALA A 480 27.08 -44.58 0.48
C ALA A 480 28.07 -45.31 -0.43
N GLY A 481 27.56 -46.19 -1.29
CA GLY A 481 28.43 -46.84 -2.26
C GLY A 481 29.10 -45.85 -3.18
N LYS A 482 28.39 -44.79 -3.55
CA LYS A 482 28.99 -43.74 -4.39
C LYS A 482 30.15 -43.06 -3.67
N TYR A 483 29.91 -42.60 -2.44
CA TYR A 483 30.97 -41.93 -1.72
C TYR A 483 32.06 -42.88 -1.25
N SER A 484 31.87 -44.19 -1.38
CA SER A 484 32.95 -45.13 -1.19
C SER A 484 33.74 -45.41 -2.47
N THR A 485 33.07 -45.36 -3.63
CA THR A 485 33.81 -45.44 -4.88
C THR A 485 34.77 -44.28 -5.04
N THR A 486 34.42 -43.11 -4.48
CA THR A 486 35.41 -42.03 -4.44
C THR A 486 36.64 -42.43 -3.64
N PHE A 487 36.44 -43.10 -2.49
CA PHE A 487 37.56 -43.61 -1.71
C PHE A 487 38.43 -44.55 -2.53
N PHE A 488 37.79 -45.47 -3.24
CA PHE A 488 38.54 -46.42 -4.06
C PHE A 488 39.35 -45.71 -5.12
N MET A 489 38.75 -44.72 -5.78
CA MET A 489 39.49 -43.91 -6.76
C MET A 489 40.75 -43.32 -6.16
N VAL A 490 40.61 -42.63 -5.03
CA VAL A 490 41.76 -41.94 -4.45
C VAL A 490 42.82 -42.93 -4.02
N THR A 491 42.41 -44.02 -3.38
CA THR A 491 43.37 -45.00 -2.87
C THR A 491 44.15 -45.65 -4.00
N PHE A 492 43.46 -46.05 -5.07
CA PHE A 492 44.16 -46.69 -6.17
C PHE A 492 45.03 -45.71 -6.96
N ALA A 493 44.61 -44.44 -7.06
CA ALA A 493 45.49 -43.45 -7.68
C ALA A 493 46.77 -43.27 -6.86
N ALA A 494 46.64 -43.19 -5.54
CA ALA A 494 47.82 -43.03 -4.69
C ALA A 494 48.73 -44.25 -4.78
N LEU A 495 48.15 -45.46 -4.78
CA LEU A 495 48.96 -46.67 -4.90
C LEU A 495 49.65 -46.74 -6.25
N TYR A 496 48.96 -46.31 -7.32
CA TYR A 496 49.59 -46.23 -8.63
C TYR A 496 50.77 -45.28 -8.61
N SER A 497 50.61 -44.11 -8.00
CA SER A 497 51.71 -43.15 -7.91
C SER A 497 52.89 -43.74 -7.14
N THR A 498 52.61 -44.38 -6.01
CA THR A 498 53.69 -44.94 -5.19
C THR A 498 54.41 -46.07 -5.92
N HIS A 499 53.66 -46.95 -6.59
CA HIS A 499 54.26 -48.11 -7.24
C HIS A 499 54.86 -47.80 -8.59
N LYS A 500 54.57 -46.64 -9.18
CA LYS A 500 55.28 -46.29 -10.41
C LYS A 500 56.76 -46.02 -10.14
N GLU A 501 57.10 -45.56 -8.94
CA GLU A 501 58.49 -45.41 -8.55
C GLU A 501 59.18 -46.77 -8.42
N ARG A 502 58.47 -47.76 -7.86
CA ARG A 502 59.04 -49.10 -7.76
C ARG A 502 59.30 -49.69 -9.13
N GLY A 503 58.39 -49.48 -10.08
CA GLY A 503 58.50 -50.08 -11.39
C GLY A 503 58.07 -51.52 -11.48
N HIS A 504 57.44 -52.05 -10.45
CA HIS A 504 57.03 -53.45 -10.45
C HIS A 504 55.87 -53.66 -11.43
N SER A 505 55.69 -54.92 -11.83
CA SER A 505 54.63 -55.27 -12.77
C SER A 505 53.24 -54.98 -12.20
N ASP A 506 53.11 -54.88 -10.88
CA ASP A 506 51.82 -54.54 -10.28
C ASP A 506 51.39 -53.12 -10.60
N THR A 507 52.29 -52.29 -11.12
CA THR A 507 51.93 -50.92 -11.46
C THR A 507 50.84 -50.88 -12.54
N MET A 508 50.94 -51.76 -13.54
CA MET A 508 49.90 -51.81 -14.56
C MET A 508 48.58 -52.36 -14.01
N VAL A 509 48.66 -53.30 -13.05
CA VAL A 509 47.43 -53.79 -12.42
C VAL A 509 46.74 -52.67 -11.66
N PHE A 510 47.52 -51.86 -10.94
CA PHE A 510 46.93 -50.72 -10.25
C PHE A 510 46.42 -49.67 -11.23
N PHE A 511 47.06 -49.52 -12.39
CA PHE A 511 46.52 -48.63 -13.41
C PHE A 511 45.18 -49.11 -13.93
N TYR A 512 45.05 -50.43 -14.16
CA TYR A 512 43.77 -50.97 -14.58
C TYR A 512 42.69 -50.77 -13.51
N LEU A 513 43.05 -50.99 -12.25
CA LEU A 513 42.10 -50.75 -11.17
C LEU A 513 41.70 -49.28 -11.12
N TRP A 514 42.67 -48.37 -11.28
CA TRP A 514 42.35 -46.95 -11.28
C TRP A 514 41.43 -46.58 -12.44
N ILE A 515 41.68 -47.11 -13.63
CA ILE A 515 40.85 -46.73 -14.77
C ILE A 515 39.44 -47.30 -14.62
N VAL A 516 39.31 -48.53 -14.12
CA VAL A 516 37.99 -49.10 -13.98
C VAL A 516 37.21 -48.38 -12.89
N PHE A 517 37.87 -48.00 -11.79
CA PHE A 517 37.17 -47.27 -10.75
C PHE A 517 36.90 -45.83 -11.15
N TYR A 518 37.76 -45.25 -11.99
CA TYR A 518 37.46 -43.94 -12.57
C TYR A 518 36.17 -43.99 -13.37
N ILE A 519 36.05 -44.94 -14.29
CA ILE A 519 34.86 -45.00 -15.12
C ILE A 519 33.64 -45.35 -14.28
N ILE A 520 33.81 -46.23 -13.27
CA ILE A 520 32.70 -46.62 -12.42
C ILE A 520 32.19 -45.42 -11.62
N SER A 521 33.12 -44.69 -10.98
CA SER A 521 32.70 -43.56 -10.17
C SER A 521 32.09 -42.45 -11.04
N SER A 522 32.69 -42.16 -12.19
CA SER A 522 32.13 -41.13 -13.06
C SER A 522 30.72 -41.48 -13.53
N CYS A 523 30.54 -42.70 -14.05
CA CYS A 523 29.21 -43.11 -14.50
C CYS A 523 28.23 -43.17 -13.33
N TYR A 524 28.67 -43.64 -12.17
CA TYR A 524 27.79 -43.81 -11.02
C TYR A 524 27.29 -42.47 -10.54
N THR A 525 28.20 -41.52 -10.35
CA THR A 525 27.82 -40.18 -9.92
C THR A 525 26.97 -39.48 -10.96
N LEU A 526 27.30 -39.64 -12.24
CA LEU A 526 26.52 -38.99 -13.29
C LEU A 526 25.08 -39.48 -13.30
N ILE A 527 24.90 -40.80 -13.31
CA ILE A 527 23.54 -41.36 -13.29
C ILE A 527 22.81 -40.95 -12.03
N TRP A 528 23.47 -41.05 -10.88
CA TRP A 528 22.79 -40.71 -9.63
C TRP A 528 22.36 -39.25 -9.64
N ASP A 529 23.24 -38.36 -10.08
CA ASP A 529 22.87 -36.95 -10.21
C ASP A 529 21.63 -36.80 -11.05
N LEU A 530 21.74 -37.16 -12.34
CA LEU A 530 20.68 -36.89 -13.30
C LEU A 530 19.39 -37.62 -12.99
N LYS A 531 19.41 -38.64 -12.15
CA LYS A 531 18.17 -39.35 -11.85
C LYS A 531 17.60 -39.02 -10.49
N MET A 532 18.38 -39.13 -9.42
CA MET A 532 17.82 -38.89 -8.10
C MET A 532 18.12 -37.48 -7.58
N ASP A 533 19.28 -36.89 -7.91
CA ASP A 533 19.57 -35.58 -7.37
C ASP A 533 18.92 -34.47 -8.18
N TRP A 534 18.65 -34.72 -9.45
CA TRP A 534 18.03 -33.75 -10.33
C TRP A 534 16.60 -34.10 -10.70
N GLY A 535 16.26 -35.38 -10.71
CA GLY A 535 14.93 -35.82 -11.08
C GLY A 535 14.65 -35.89 -12.55
N LEU A 536 15.66 -35.67 -13.40
CA LEU A 536 15.45 -35.66 -14.84
C LEU A 536 15.23 -37.08 -15.33
N PHE A 537 15.01 -37.20 -16.64
CA PHE A 537 14.87 -38.51 -17.32
C PHE A 537 13.74 -39.33 -16.70
N ASP A 538 12.63 -38.68 -16.39
CA ASP A 538 11.48 -39.35 -15.80
C ASP A 538 10.60 -39.94 -16.88
N LYS A 539 9.96 -41.07 -16.55
CA LYS A 539 9.04 -41.71 -17.48
C LYS A 539 7.73 -40.96 -17.59
N ASN A 540 7.40 -40.11 -16.62
CA ASN A 540 6.10 -39.47 -16.59
C ASN A 540 5.99 -38.32 -17.58
N ALA A 541 7.10 -37.65 -17.89
CA ALA A 541 7.05 -36.52 -18.81
C ALA A 541 6.81 -37.01 -20.23
N GLY A 542 5.84 -36.42 -20.91
CA GLY A 542 5.54 -36.76 -22.28
C GLY A 542 5.94 -35.68 -23.27
N GLU A 543 5.74 -34.42 -22.87
CA GLU A 543 6.04 -33.30 -23.75
C GLU A 543 7.41 -32.69 -23.49
N ASN A 544 7.91 -32.76 -22.26
CA ASN A 544 9.22 -32.21 -21.93
C ASN A 544 10.36 -33.12 -22.38
N THR A 545 10.07 -34.19 -23.12
CA THR A 545 11.06 -35.12 -23.63
C THR A 545 11.89 -35.72 -22.50
N PHE A 546 13.18 -35.40 -22.46
CA PHE A 546 14.08 -36.02 -21.49
C PHE A 546 14.09 -35.23 -20.19
N LEU A 547 12.91 -34.96 -19.64
CA LEU A 547 12.77 -34.20 -18.40
C LEU A 547 11.68 -34.87 -17.57
N ARG A 548 11.17 -34.16 -16.58
CA ARG A 548 10.08 -34.62 -15.75
C ARG A 548 8.84 -33.78 -16.00
N GLU A 549 7.74 -34.13 -15.33
CA GLU A 549 6.45 -33.48 -15.58
C GLU A 549 6.51 -31.99 -15.25
N GLU A 550 6.96 -31.66 -14.05
CA GLU A 550 6.88 -30.30 -13.54
C GLU A 550 8.21 -29.59 -13.76
N ILE A 551 8.16 -28.45 -14.43
CA ILE A 551 9.33 -27.63 -14.70
C ILE A 551 9.10 -26.25 -14.10
N VAL A 552 10.04 -25.81 -13.26
CA VAL A 552 9.91 -24.51 -12.62
C VAL A 552 10.56 -23.41 -13.45
N TYR A 553 11.77 -23.67 -13.98
CA TYR A 553 12.51 -22.64 -14.67
C TYR A 553 11.87 -22.32 -16.03
N PRO A 554 11.95 -21.08 -16.48
CA PRO A 554 11.14 -20.66 -17.64
C PRO A 554 11.47 -21.38 -18.93
N GLN A 555 12.72 -21.76 -19.16
CA GLN A 555 13.12 -22.34 -20.44
C GLN A 555 13.71 -23.72 -20.24
N LYS A 556 13.58 -24.55 -21.27
CA LYS A 556 14.04 -25.93 -21.20
C LYS A 556 15.48 -26.12 -21.62
N ALA A 557 16.00 -25.24 -22.49
CA ALA A 557 17.38 -25.38 -22.94
C ALA A 557 18.36 -25.33 -21.78
N TYR A 558 18.01 -24.62 -20.71
CA TYR A 558 18.80 -24.64 -19.48
C TYR A 558 19.06 -26.07 -19.04
N TYR A 559 18.01 -26.89 -19.01
CA TYR A 559 18.12 -28.26 -18.53
C TYR A 559 19.08 -29.05 -19.40
N TYR A 560 18.97 -28.93 -20.72
CA TYR A 560 19.81 -29.71 -21.62
C TYR A 560 21.27 -29.30 -21.49
N CYS A 561 21.55 -28.00 -21.58
CA CYS A 561 22.94 -27.56 -21.47
C CYS A 561 23.51 -27.93 -20.11
N ALA A 562 22.68 -27.93 -19.07
CA ALA A 562 23.13 -28.39 -17.76
C ALA A 562 23.49 -29.88 -17.80
N ILE A 563 22.71 -30.69 -18.51
CA ILE A 563 23.03 -32.11 -18.63
C ILE A 563 24.40 -32.30 -19.25
N ILE A 564 24.65 -31.64 -20.39
CA ILE A 564 25.95 -31.80 -21.06
C ILE A 564 27.10 -31.30 -20.18
N GLU A 565 26.95 -30.11 -19.60
CA GLU A 565 28.04 -29.59 -18.78
C GLU A 565 28.26 -30.46 -17.55
N ASP A 566 27.20 -31.02 -16.98
CA ASP A 566 27.35 -31.88 -15.82
C ASP A 566 28.08 -33.16 -16.19
N VAL A 567 27.80 -33.73 -17.36
CA VAL A 567 28.54 -34.92 -17.79
C VAL A 567 30.03 -34.60 -17.90
N ILE A 568 30.38 -33.62 -18.72
CA ILE A 568 31.79 -33.37 -18.99
C ILE A 568 32.50 -32.92 -17.73
N LEU A 569 31.83 -32.16 -16.86
CA LEU A 569 32.47 -31.67 -15.65
C LEU A 569 32.53 -32.72 -14.54
N ARG A 570 31.63 -33.71 -14.50
CA ARG A 570 31.87 -34.81 -13.55
C ARG A 570 33.08 -35.62 -13.97
N PHE A 571 33.23 -35.85 -15.28
CA PHE A 571 34.44 -36.54 -15.74
C PHE A 571 35.69 -35.72 -15.43
N ALA A 572 35.62 -34.41 -15.64
CA ALA A 572 36.76 -33.54 -15.32
C ALA A 572 37.04 -33.52 -13.82
N TRP A 573 36.00 -33.52 -12.98
CA TRP A 573 36.19 -33.54 -11.54
C TRP A 573 36.88 -34.83 -11.10
N THR A 574 36.45 -35.96 -11.64
CA THR A 574 37.10 -37.22 -11.28
C THR A 574 38.56 -37.24 -11.73
N ILE A 575 38.85 -36.76 -12.94
CA ILE A 575 40.24 -36.74 -13.38
C ILE A 575 41.05 -35.74 -12.56
N GLN A 576 40.43 -34.66 -12.09
CA GLN A 576 41.14 -33.70 -11.23
C GLN A 576 41.50 -34.35 -9.90
N ILE A 577 40.56 -35.06 -9.29
CA ILE A 577 40.85 -35.74 -8.03
C ILE A 577 41.98 -36.74 -8.23
N SER A 578 41.91 -37.52 -9.31
CA SER A 578 42.93 -38.52 -9.56
C SER A 578 44.30 -37.89 -9.77
N ILE A 579 44.38 -36.83 -10.59
CA ILE A 579 45.65 -36.21 -10.91
C ILE A 579 46.25 -35.52 -9.68
N THR A 580 45.43 -34.80 -8.93
CA THR A 580 45.93 -34.10 -7.75
C THR A 580 46.28 -35.07 -6.62
N SER A 581 45.71 -36.26 -6.63
CA SER A 581 46.07 -37.26 -5.63
C SER A 581 47.30 -38.07 -6.01
N THR A 582 47.83 -37.90 -7.22
CA THR A 582 48.97 -38.66 -7.71
C THR A 582 50.14 -37.73 -8.00
N THR A 583 51.35 -38.21 -7.71
CA THR A 583 52.57 -37.52 -8.09
C THR A 583 53.07 -38.02 -9.44
N LEU A 584 52.20 -37.99 -10.45
CA LEU A 584 52.56 -38.51 -11.76
C LEU A 584 53.56 -37.60 -12.45
N LEU A 585 53.19 -36.34 -12.66
CA LEU A 585 54.08 -35.38 -13.30
C LEU A 585 53.69 -33.96 -12.91
N PRO A 586 54.67 -33.12 -12.53
CA PRO A 586 54.34 -31.76 -12.09
C PRO A 586 54.04 -30.79 -13.22
N HIS A 587 54.19 -31.20 -14.48
CA HIS A 587 53.90 -30.31 -15.59
C HIS A 587 52.41 -29.99 -15.65
N SER A 588 51.58 -31.01 -15.86
CA SER A 588 50.14 -30.80 -15.85
C SER A 588 49.60 -30.59 -14.44
N GLY A 589 50.20 -31.27 -13.46
CA GLY A 589 49.75 -31.08 -12.08
C GLY A 589 49.91 -29.65 -11.62
N ASP A 590 49.02 -29.25 -10.71
CA ASP A 590 48.98 -27.90 -10.16
C ASP A 590 48.53 -26.89 -11.21
N ILE A 591 48.33 -27.35 -12.45
CA ILE A 591 47.70 -26.55 -13.48
C ILE A 591 46.36 -27.14 -13.89
N ILE A 592 46.27 -28.47 -13.95
CA ILE A 592 44.99 -29.13 -14.19
C ILE A 592 44.01 -28.82 -13.06
N ALA A 593 44.47 -28.97 -11.81
CA ALA A 593 43.61 -28.67 -10.67
C ALA A 593 43.22 -27.20 -10.64
N THR A 594 44.18 -26.31 -10.91
CA THR A 594 43.90 -24.88 -10.86
C THR A 594 42.85 -24.47 -11.88
N VAL A 595 42.93 -25.01 -13.10
CA VAL A 595 41.99 -24.60 -14.12
C VAL A 595 40.67 -25.35 -14.00
N PHE A 596 40.65 -26.52 -13.37
CA PHE A 596 39.41 -27.28 -13.27
C PHE A 596 38.62 -27.00 -12.00
N ALA A 597 39.22 -26.42 -10.96
CA ALA A 597 38.47 -26.16 -9.73
C ALA A 597 37.32 -25.17 -9.93
N PRO A 598 37.50 -24.00 -10.56
CA PRO A 598 36.35 -23.13 -10.79
C PRO A 598 35.27 -23.79 -11.63
N LEU A 599 35.67 -24.65 -12.58
CA LEU A 599 34.69 -25.43 -13.33
C LEU A 599 33.90 -26.34 -12.39
N GLU A 600 34.57 -26.94 -11.41
CA GLU A 600 33.88 -27.77 -10.44
C GLU A 600 32.86 -26.96 -9.63
N VAL A 601 33.22 -25.75 -9.22
CA VAL A 601 32.28 -24.92 -8.47
C VAL A 601 31.11 -24.52 -9.36
N PHE A 602 31.37 -24.26 -10.66
CA PHE A 602 30.30 -24.01 -11.61
C PHE A 602 29.32 -25.17 -11.65
N ARG A 603 29.86 -26.38 -11.80
CA ARG A 603 29.00 -27.56 -11.81
C ARG A 603 28.19 -27.66 -10.53
N ARG A 604 28.82 -27.36 -9.39
CA ARG A 604 28.11 -27.47 -8.13
C ARG A 604 26.99 -26.45 -8.00
N PHE A 605 27.15 -25.23 -8.52
CA PHE A 605 26.03 -24.30 -8.33
C PHE A 605 24.88 -24.62 -9.31
N VAL A 606 25.21 -25.14 -10.50
CA VAL A 606 24.16 -25.66 -11.38
C VAL A 606 23.41 -26.80 -10.68
N TRP A 607 24.17 -27.71 -10.07
CA TRP A 607 23.60 -28.78 -9.27
C TRP A 607 22.69 -28.22 -8.18
N ASN A 608 23.10 -27.11 -7.56
CA ASN A 608 22.29 -26.50 -6.52
C ASN A 608 20.93 -26.10 -7.06
N PHE A 609 20.92 -25.37 -8.18
CA PHE A 609 19.65 -25.03 -8.84
C PHE A 609 18.76 -26.25 -8.95
N PHE A 610 19.25 -27.27 -9.65
CA PHE A 610 18.32 -28.34 -10.02
C PHE A 610 17.98 -29.27 -8.86
N ARG A 611 18.88 -29.43 -7.89
CA ARG A 611 18.53 -30.23 -6.72
C ARG A 611 17.50 -29.53 -5.86
N LEU A 612 17.62 -28.22 -5.67
CA LEU A 612 16.58 -27.53 -4.90
C LEU A 612 15.25 -27.54 -5.65
N GLU A 613 15.29 -27.45 -6.98
CA GLU A 613 14.05 -27.57 -7.74
C GLU A 613 13.41 -28.94 -7.53
N ASN A 614 14.23 -30.00 -7.56
CA ASN A 614 13.70 -31.34 -7.33
C ASN A 614 13.15 -31.49 -5.92
N GLU A 615 13.85 -30.92 -4.93
CA GLU A 615 13.37 -30.99 -3.56
C GLU A 615 12.02 -30.30 -3.41
N HIS A 616 11.86 -29.14 -4.04
CA HIS A 616 10.56 -28.46 -4.00
C HIS A 616 9.47 -29.30 -4.68
N LEU A 617 9.76 -29.82 -5.86
CA LEU A 617 8.71 -30.45 -6.65
C LEU A 617 8.43 -31.89 -6.20
N ASN A 618 9.42 -32.76 -6.33
CA ASN A 618 9.19 -34.19 -6.16
C ASN A 618 9.62 -34.73 -4.81
N ASN A 619 10.01 -33.89 -3.87
CA ASN A 619 10.55 -34.32 -2.57
C ASN A 619 11.28 -35.60 -2.79
N CYS A 620 12.53 -35.58 -3.26
CA CYS A 620 13.33 -36.79 -3.43
C CYS A 620 14.00 -37.23 -2.13
N GLY A 621 14.12 -36.34 -1.15
CA GLY A 621 14.66 -36.68 0.16
C GLY A 621 13.57 -36.63 1.21
N GLU A 622 13.61 -37.57 2.15
CA GLU A 622 12.61 -37.62 3.19
C GLU A 622 12.96 -36.69 4.34
N PHE A 623 13.19 -35.42 4.05
CA PHE A 623 13.54 -34.46 5.08
C PHE A 623 12.33 -33.81 5.74
N ARG A 624 11.18 -33.79 5.06
CA ARG A 624 9.96 -33.21 5.60
C ARG A 624 8.79 -34.12 5.28
N ALA A 625 7.81 -34.18 6.17
CA ALA A 625 6.65 -35.05 5.96
C ALA A 625 5.50 -34.31 5.29
N VAL A 626 5.83 -33.55 4.23
CA VAL A 626 4.83 -32.97 3.35
C VAL A 626 5.43 -32.78 1.97
N ARG A 627 4.81 -33.38 0.95
CA ARG A 627 5.31 -33.19 -0.41
C ARG A 627 4.87 -31.84 -0.98
N ASP A 628 3.67 -31.39 -0.64
CA ASP A 628 3.07 -30.21 -1.27
C ASP A 628 3.45 -28.96 -0.50
N ILE A 629 4.41 -28.21 -1.04
CA ILE A 629 4.71 -26.87 -0.55
C ILE A 629 4.04 -25.80 -1.41
N SER A 630 3.68 -26.12 -2.65
CA SER A 630 3.14 -25.12 -3.57
C SER A 630 1.90 -24.47 -2.98
N VAL A 631 1.81 -23.15 -3.13
CA VAL A 631 0.79 -22.35 -2.46
C VAL A 631 -0.57 -22.63 -3.08
N ALA A 632 -1.48 -23.17 -2.27
CA ALA A 632 -2.83 -23.48 -2.72
C ALA A 632 -3.84 -23.01 -1.68
N PRO A 633 -5.02 -22.59 -2.12
CA PRO A 633 -6.05 -22.12 -1.17
C PRO A 633 -6.79 -23.24 -0.47
N LEU A 634 -7.79 -22.88 0.32
CA LEU A 634 -8.66 -23.86 0.97
C LEU A 634 -9.63 -24.46 -0.04
N ASN A 635 -10.24 -25.58 0.36
CA ASN A 635 -11.13 -26.31 -0.53
C ASN A 635 -12.47 -25.58 -0.68
N ALA A 636 -13.14 -25.84 -1.80
CA ALA A 636 -14.44 -25.26 -2.09
C ALA A 636 -15.35 -26.36 -2.63
N ASP A 637 -16.56 -26.45 -2.07
CA ASP A 637 -17.50 -27.53 -2.38
C ASP A 637 -18.90 -26.97 -2.60
N ASP A 638 -19.01 -25.94 -3.44
CA ASP A 638 -20.32 -25.35 -3.72
C ASP A 638 -21.31 -26.35 -4.30
N GLN A 639 -20.82 -27.43 -4.94
CA GLN A 639 -21.72 -28.45 -5.45
C GLN A 639 -22.36 -29.27 -4.34
N THR A 640 -21.89 -29.14 -3.09
CA THR A 640 -22.52 -29.82 -1.97
C THR A 640 -23.80 -29.12 -1.53
N LEU A 641 -23.83 -27.79 -1.58
CA LEU A 641 -25.07 -27.06 -1.36
C LEU A 641 -26.09 -27.41 -2.44
N LEU A 642 -25.64 -27.50 -3.70
CA LEU A 642 -26.44 -28.12 -4.74
C LEU A 642 -26.63 -29.60 -4.41
N GLU A 643 -27.72 -30.18 -4.92
CA GLU A 643 -28.16 -31.54 -4.62
C GLU A 643 -28.72 -31.58 -3.20
N GLN A 644 -28.55 -30.49 -2.47
CA GLN A 644 -29.31 -30.18 -1.27
C GLN A 644 -30.23 -29.01 -1.59
N MET A 645 -30.90 -28.49 -0.56
CA MET A 645 -31.71 -27.29 -0.66
C MET A 645 -32.96 -27.52 -1.52
N MET A 646 -33.09 -28.70 -2.14
CA MET A 646 -34.15 -28.96 -3.10
C MET A 646 -34.99 -30.19 -2.79
N ASP A 647 -34.47 -31.14 -2.02
CA ASP A 647 -35.16 -32.41 -1.80
C ASP A 647 -34.96 -32.80 -0.33
N GLN A 648 -35.30 -34.05 -0.01
CA GLN A 648 -35.20 -34.57 1.35
C GLN A 648 -33.74 -34.95 1.60
N ASP A 649 -32.98 -34.02 2.16
CA ASP A 649 -31.58 -34.27 2.48
C ASP A 649 -31.43 -35.38 3.51
N ASP A 650 -31.91 -35.13 4.72
CA ASP A 650 -31.83 -36.07 5.84
C ASP A 650 -30.37 -36.47 6.03
N GLY A 651 -30.12 -37.69 6.48
CA GLY A 651 -28.77 -38.22 6.55
C GLY A 651 -27.88 -37.61 7.61
N VAL A 652 -28.43 -36.79 8.51
CA VAL A 652 -27.61 -36.20 9.56
C VAL A 652 -27.28 -37.22 10.65
N ARG A 653 -28.07 -38.29 10.75
CA ARG A 653 -27.77 -39.34 11.72
C ARG A 653 -26.59 -40.16 11.27
N ASN A 654 -25.84 -40.70 12.24
CA ASN A 654 -24.65 -41.48 11.92
C ASN A 654 -24.99 -42.71 11.10
N ARG A 655 -26.05 -43.43 11.48
CA ARG A 655 -26.45 -44.62 10.76
C ARG A 655 -27.97 -44.71 10.62
N MET B 1 -2.90 18.05 -16.47
CA MET B 1 -4.23 18.11 -15.87
C MET B 1 -4.29 19.23 -14.83
N LYS B 2 -3.13 19.86 -14.60
CA LYS B 2 -3.03 21.01 -13.70
C LYS B 2 -3.52 20.66 -12.30
N PHE B 3 -2.79 19.75 -11.66
CA PHE B 3 -3.11 19.34 -10.31
C PHE B 3 -3.06 20.52 -9.37
N ALA B 4 -1.87 21.08 -9.18
CA ALA B 4 -1.69 22.27 -8.38
C ALA B 4 -0.34 22.88 -8.72
N GLU B 5 0.09 23.87 -7.94
CA GLU B 5 1.42 24.44 -8.11
C GLU B 5 2.43 23.88 -7.12
N HIS B 6 1.98 23.45 -5.94
CA HIS B 6 2.88 22.89 -4.94
C HIS B 6 2.69 21.39 -4.74
N LEU B 7 1.44 20.91 -4.76
CA LEU B 7 1.19 19.48 -4.56
C LEU B 7 1.71 18.66 -5.73
N SER B 8 1.93 19.30 -6.89
CA SER B 8 2.36 18.56 -8.07
C SER B 8 3.71 17.88 -7.85
N ALA B 9 4.59 18.50 -7.07
CA ALA B 9 5.91 17.94 -6.86
C ALA B 9 5.87 16.72 -5.94
N HIS B 10 4.90 16.69 -5.02
CA HIS B 10 4.80 15.61 -4.05
C HIS B 10 4.05 14.39 -4.58
N ILE B 11 3.51 14.45 -5.79
CA ILE B 11 2.63 13.41 -6.31
C ILE B 11 3.47 12.40 -7.08
N THR B 12 3.46 11.16 -6.59
CA THR B 12 4.13 10.01 -7.18
C THR B 12 3.41 9.62 -8.47
N PRO B 13 4.13 9.10 -9.47
CA PRO B 13 3.46 8.66 -10.70
C PRO B 13 2.39 7.61 -10.47
N GLU B 14 2.54 6.73 -9.47
CA GLU B 14 1.47 5.78 -9.17
C GLU B 14 0.22 6.49 -8.65
N TRP B 15 0.37 7.67 -8.05
CA TRP B 15 -0.79 8.50 -7.76
C TRP B 15 -1.44 9.01 -9.04
N ARG B 16 -0.63 9.40 -10.02
CA ARG B 16 -1.18 9.96 -11.25
C ARG B 16 -1.85 8.90 -12.10
N LYS B 17 -1.45 7.63 -11.96
CA LYS B 17 -2.09 6.58 -12.72
C LYS B 17 -3.52 6.33 -12.26
N GLN B 18 -3.91 6.83 -11.08
CA GLN B 18 -5.22 6.55 -10.50
C GLN B 18 -6.18 7.73 -10.59
N TYR B 19 -5.83 8.79 -11.30
CA TYR B 19 -6.76 9.88 -11.50
C TYR B 19 -7.62 9.63 -12.74
N ILE B 20 -8.67 10.43 -12.87
CA ILE B 20 -9.55 10.30 -14.03
C ILE B 20 -8.79 10.73 -15.28
N GLN B 21 -8.99 9.99 -16.37
CA GLN B 21 -8.33 10.29 -17.65
C GLN B 21 -9.09 11.43 -18.34
N TYR B 22 -8.82 12.65 -17.87
CA TYR B 22 -9.48 13.83 -18.41
C TYR B 22 -9.19 13.98 -19.89
N GLU B 23 -7.91 13.87 -20.28
CA GLU B 23 -7.53 14.04 -21.67
C GLU B 23 -8.12 12.94 -22.55
N ALA B 24 -8.11 11.70 -22.06
CA ALA B 24 -8.69 10.62 -22.83
C ALA B 24 -10.19 10.83 -23.05
N PHE B 25 -10.90 11.28 -22.02
CA PHE B 25 -12.33 11.52 -22.16
C PHE B 25 -12.60 12.65 -23.14
N LYS B 26 -11.81 13.73 -23.07
CA LYS B 26 -12.00 14.83 -23.99
C LYS B 26 -11.70 14.42 -25.43
N ASP B 27 -10.67 13.60 -25.63
CA ASP B 27 -10.37 13.11 -26.96
C ASP B 27 -11.48 12.20 -27.48
N MET B 28 -12.05 11.39 -26.60
CA MET B 28 -13.18 10.53 -27.00
C MET B 28 -14.38 11.38 -27.43
N LEU B 29 -14.69 12.42 -26.65
CA LEU B 29 -15.81 13.29 -27.01
C LEU B 29 -15.55 14.00 -28.33
N TYR B 30 -14.32 14.47 -28.54
CA TYR B 30 -14.01 15.15 -29.79
C TYR B 30 -14.04 14.19 -30.97
N SER B 31 -13.64 12.95 -30.77
CA SER B 31 -13.75 11.95 -31.82
C SER B 31 -15.22 11.68 -32.16
N ALA B 32 -16.07 11.61 -31.14
CA ALA B 32 -17.50 11.44 -31.39
C ALA B 32 -18.07 12.63 -32.15
N GLN B 33 -17.65 13.84 -31.78
CA GLN B 33 -18.13 15.04 -32.48
C GLN B 33 -17.66 15.05 -33.93
N ASP B 34 -16.41 14.66 -34.18
CA ASP B 34 -15.84 14.80 -35.52
C ASP B 34 -16.41 13.80 -36.51
N GLN B 35 -16.79 12.61 -36.05
CA GLN B 35 -17.25 11.54 -36.91
C GLN B 35 -18.77 11.44 -36.97
N ALA B 36 -19.48 12.42 -36.46
CA ALA B 36 -20.94 12.35 -36.40
C ALA B 36 -21.53 12.54 -37.79
N PRO B 37 -22.33 11.60 -38.28
CA PRO B 37 -23.05 11.82 -39.54
C PRO B 37 -24.07 12.93 -39.38
N SER B 38 -24.33 13.65 -40.46
CA SER B 38 -25.21 14.79 -40.43
C SER B 38 -26.65 14.37 -40.77
N VAL B 39 -27.59 15.18 -40.29
CA VAL B 39 -29.00 14.97 -40.62
C VAL B 39 -29.25 15.23 -42.11
N GLU B 40 -28.51 16.16 -42.69
CA GLU B 40 -28.69 16.48 -44.11
C GLU B 40 -28.38 15.29 -45.00
N VAL B 41 -27.30 14.57 -44.70
CA VAL B 41 -26.87 13.46 -45.53
C VAL B 41 -27.53 12.14 -45.10
N THR B 42 -27.53 11.87 -43.80
CA THR B 42 -28.06 10.62 -43.26
C THR B 42 -29.33 10.88 -42.46
N ASP B 43 -30.17 9.86 -42.38
CA ASP B 43 -31.44 9.97 -41.66
C ASP B 43 -31.20 9.99 -40.16
N GLU B 44 -32.30 10.11 -39.40
CA GLU B 44 -32.19 10.25 -37.96
C GLU B 44 -31.77 8.93 -37.31
N ASP B 45 -32.17 7.79 -37.88
CA ASP B 45 -31.82 6.51 -37.28
C ASP B 45 -30.32 6.28 -37.26
N THR B 46 -29.64 6.62 -38.37
CA THR B 46 -28.20 6.42 -38.43
C THR B 46 -27.47 7.28 -37.41
N VAL B 47 -27.90 8.53 -37.24
CA VAL B 47 -27.28 9.41 -36.26
C VAL B 47 -27.56 8.90 -34.85
N LYS B 48 -28.80 8.45 -34.60
CA LYS B 48 -29.15 7.98 -33.26
C LYS B 48 -28.36 6.73 -32.89
N ARG B 49 -28.16 5.82 -33.83
CA ARG B 49 -27.39 4.62 -33.50
C ARG B 49 -25.93 4.95 -33.27
N TYR B 50 -25.38 5.90 -34.02
CA TYR B 50 -24.01 6.32 -33.77
C TYR B 50 -23.87 6.93 -32.37
N PHE B 51 -24.82 7.77 -31.97
CA PHE B 51 -24.74 8.36 -30.64
C PHE B 51 -24.97 7.33 -29.55
N ALA B 52 -25.81 6.32 -29.79
CA ALA B 52 -25.95 5.23 -28.83
C ALA B 52 -24.65 4.46 -28.69
N LYS B 53 -24.01 4.17 -29.81
CA LYS B 53 -22.70 3.50 -29.79
C LYS B 53 -21.69 4.31 -28.98
N PHE B 54 -21.67 5.63 -29.17
CA PHE B 54 -20.74 6.45 -28.42
C PHE B 54 -21.08 6.49 -26.93
N GLU B 55 -22.36 6.68 -26.60
CA GLU B 55 -22.75 6.84 -25.21
C GLU B 55 -22.49 5.58 -24.41
N GLU B 56 -22.70 4.40 -25.01
CA GLU B 56 -22.47 3.17 -24.27
C GLU B 56 -21.00 3.04 -23.89
N LYS B 57 -20.09 3.28 -24.84
CA LYS B 57 -18.66 3.23 -24.53
C LYS B 57 -18.28 4.30 -23.51
N PHE B 58 -18.83 5.51 -23.67
CA PHE B 58 -18.50 6.59 -22.75
C PHE B 58 -18.91 6.25 -21.33
N PHE B 59 -20.10 5.70 -21.15
CA PHE B 59 -20.56 5.41 -19.80
C PHE B 59 -19.87 4.18 -19.22
N GLN B 60 -19.50 3.20 -20.04
CA GLN B 60 -18.68 2.11 -19.53
C GLN B 60 -17.34 2.64 -19.03
N THR B 61 -16.72 3.55 -19.80
CA THR B 61 -15.45 4.11 -19.36
C THR B 61 -15.62 4.90 -18.08
N CYS B 62 -16.69 5.69 -17.98
CA CYS B 62 -16.94 6.45 -16.75
C CYS B 62 -17.13 5.53 -15.56
N GLU B 63 -17.86 4.43 -15.73
CA GLU B 63 -18.04 3.50 -14.63
C GLU B 63 -16.71 2.88 -14.20
N LYS B 64 -15.86 2.52 -15.18
CA LYS B 64 -14.56 1.97 -14.81
C LYS B 64 -13.70 2.97 -14.04
N GLU B 65 -13.66 4.23 -14.51
CA GLU B 65 -12.87 5.22 -13.78
C GLU B 65 -13.42 5.47 -12.38
N LEU B 66 -14.75 5.52 -12.26
CA LEU B 66 -15.34 5.73 -10.94
C LEU B 66 -15.02 4.59 -9.99
N ALA B 67 -15.08 3.35 -10.48
CA ALA B 67 -14.70 2.21 -9.64
C ALA B 67 -13.23 2.28 -9.24
N LYS B 68 -12.36 2.67 -10.18
CA LYS B 68 -10.95 2.81 -9.86
C LYS B 68 -10.73 3.83 -8.74
N ILE B 69 -11.38 4.99 -8.85
CA ILE B 69 -11.23 6.02 -7.83
C ILE B 69 -11.75 5.54 -6.49
N ASN B 70 -12.90 4.87 -6.48
CA ASN B 70 -13.44 4.35 -5.23
C ASN B 70 -12.47 3.38 -4.57
N THR B 71 -11.93 2.43 -5.35
CA THR B 71 -11.05 1.42 -4.78
C THR B 71 -9.76 2.04 -4.26
N PHE B 72 -9.14 2.92 -5.05
CA PHE B 72 -7.90 3.55 -4.60
C PHE B 72 -8.12 4.43 -3.37
N TYR B 73 -9.24 5.15 -3.32
CA TYR B 73 -9.51 5.97 -2.16
C TYR B 73 -9.73 5.12 -0.92
N SER B 74 -10.43 3.98 -1.07
CA SER B 74 -10.61 3.09 0.08
C SER B 74 -9.27 2.57 0.58
N GLU B 75 -8.39 2.16 -0.33
CA GLU B 75 -7.07 1.69 0.07
C GLU B 75 -6.30 2.77 0.81
N LYS B 76 -6.30 3.99 0.28
CA LYS B 76 -5.51 5.05 0.90
C LYS B 76 -6.11 5.50 2.22
N LEU B 77 -7.44 5.48 2.35
CA LEU B 77 -8.07 5.81 3.62
C LEU B 77 -7.70 4.79 4.68
N ALA B 78 -7.76 3.51 4.34
CA ALA B 78 -7.37 2.48 5.30
C ALA B 78 -5.90 2.64 5.69
N GLU B 79 -5.03 2.92 4.72
CA GLU B 79 -3.62 3.13 5.03
C GLU B 79 -3.44 4.32 5.97
N ALA B 80 -4.17 5.42 5.73
CA ALA B 80 -4.03 6.60 6.57
C ALA B 80 -4.49 6.30 8.00
N GLN B 81 -5.61 5.63 8.17
CA GLN B 81 -6.07 5.31 9.52
C GLN B 81 -5.10 4.38 10.24
N ARG B 82 -4.58 3.38 9.52
CA ARG B 82 -3.62 2.46 10.16
C ARG B 82 -2.35 3.19 10.57
N ARG B 83 -1.83 4.07 9.71
CA ARG B 83 -0.63 4.81 10.06
C ARG B 83 -0.87 5.78 11.20
N PHE B 84 -2.06 6.38 11.26
CA PHE B 84 -2.38 7.24 12.39
C PHE B 84 -2.40 6.45 13.69
N ALA B 85 -2.99 5.26 13.67
CA ALA B 85 -3.00 4.43 14.87
C ALA B 85 -1.58 4.05 15.29
N THR B 86 -0.74 3.69 14.31
CA THR B 86 0.63 3.32 14.63
C THR B 86 1.41 4.50 15.21
N LEU B 87 1.22 5.69 14.65
CA LEU B 87 1.92 6.86 15.17
C LEU B 87 1.46 7.22 16.57
N GLN B 88 0.15 7.13 16.84
CA GLN B 88 -0.31 7.36 18.20
C GLN B 88 0.27 6.33 19.17
N ASN B 89 0.36 5.06 18.75
CA ASN B 89 0.95 4.04 19.61
C ASN B 89 2.41 4.35 19.90
N GLU B 90 3.17 4.76 18.88
CA GLU B 90 4.57 5.11 19.09
C GLU B 90 4.71 6.30 20.03
N LEU B 91 3.87 7.32 19.85
CA LEU B 91 3.95 8.51 20.69
C LEU B 91 3.60 8.18 22.15
N GLN B 92 2.56 7.36 22.36
CA GLN B 92 2.22 6.98 23.73
C GLN B 92 3.30 6.11 24.35
N SER B 93 3.92 5.23 23.57
CA SER B 93 5.03 4.44 24.09
C SER B 93 6.19 5.33 24.51
N SER B 94 6.52 6.33 23.68
CA SER B 94 7.58 7.25 24.04
C SER B 94 7.24 8.06 25.29
N LEU B 95 6.00 8.52 25.41
CA LEU B 95 5.60 9.27 26.59
C LEU B 95 5.67 8.39 27.84
N ASP B 96 5.21 7.14 27.74
CA ASP B 96 5.26 6.24 28.89
C ASP B 96 6.70 5.93 29.28
N ALA B 97 7.59 5.78 28.29
CA ALA B 97 8.99 5.55 28.61
C ALA B 97 9.61 6.76 29.28
N GLN B 98 9.30 7.97 28.81
CA GLN B 98 9.91 9.17 29.38
C GLN B 98 9.39 9.47 30.77
N LYS B 99 8.08 9.35 30.98
CA LYS B 99 7.50 9.63 32.29
C LYS B 99 8.00 8.63 33.33
N GLU B 100 8.07 7.36 32.97
CA GLU B 100 8.55 6.33 33.88
C GLU B 100 9.89 5.76 33.42
N ARG B 126 17.59 11.83 16.67
CA ARG B 126 16.63 12.00 17.76
C ARG B 126 15.28 11.42 17.36
N ASN B 127 14.67 10.65 18.28
CA ASN B 127 13.42 9.98 17.96
C ASN B 127 12.23 10.95 17.93
N ILE B 128 12.24 11.99 18.77
CA ILE B 128 11.13 12.93 18.78
C ILE B 128 11.11 13.76 17.51
N LYS B 129 12.28 14.23 17.06
CA LYS B 129 12.34 14.97 15.80
C LYS B 129 11.91 14.09 14.63
N ASP B 130 12.37 12.84 14.60
CA ASP B 130 11.91 11.91 13.57
C ASP B 130 10.41 11.66 13.66
N LEU B 131 9.84 11.68 14.86
CA LEU B 131 8.41 11.47 14.99
C LEU B 131 7.61 12.67 14.48
N LYS B 132 8.10 13.88 14.74
CA LYS B 132 7.49 15.05 14.13
C LYS B 132 7.62 15.00 12.61
N LEU B 133 8.74 14.52 12.10
CA LEU B 133 8.91 14.36 10.66
C LEU B 133 7.91 13.37 10.10
N ALA B 134 7.70 12.25 10.81
CA ALA B 134 6.72 11.26 10.39
C ALA B 134 5.32 11.85 10.39
N PHE B 135 4.98 12.66 11.39
CA PHE B 135 3.69 13.34 11.37
C PHE B 135 3.58 14.32 10.21
N SER B 136 4.68 14.98 9.84
CA SER B 136 4.65 15.84 8.66
C SER B 136 4.35 15.04 7.41
N GLU B 137 4.99 13.89 7.24
CA GLU B 137 4.71 13.06 6.07
C GLU B 137 3.27 12.54 6.08
N PHE B 138 2.77 12.13 7.24
CA PHE B 138 1.39 11.67 7.33
C PHE B 138 0.41 12.79 6.96
N TYR B 139 0.68 14.00 7.43
CA TYR B 139 -0.13 15.14 7.07
C TYR B 139 -0.10 15.38 5.57
N LEU B 140 1.08 15.25 4.96
CA LEU B 140 1.19 15.38 3.52
C LEU B 140 0.34 14.34 2.80
N SER B 141 0.34 13.11 3.31
CA SER B 141 -0.50 12.06 2.72
C SER B 141 -1.98 12.43 2.80
N LEU B 142 -2.41 12.95 3.96
CA LEU B 142 -3.81 13.34 4.09
C LEU B 142 -4.17 14.47 3.14
N ILE B 143 -3.28 15.45 2.96
CA ILE B 143 -3.57 16.53 2.01
C ILE B 143 -3.66 15.98 0.60
N LEU B 144 -2.77 15.04 0.25
CA LEU B 144 -2.81 14.46 -1.08
C LEU B 144 -4.11 13.70 -1.33
N LEU B 145 -4.62 13.01 -0.31
CA LEU B 145 -5.89 12.30 -0.49
C LEU B 145 -7.07 13.28 -0.59
N GLN B 146 -7.03 14.40 0.14
CA GLN B 146 -8.05 15.42 -0.04
C GLN B 146 -8.01 15.96 -1.47
N ASN B 147 -6.81 16.22 -1.98
CA ASN B 147 -6.64 16.60 -3.38
C ASN B 147 -7.22 15.53 -4.31
N TYR B 148 -7.01 14.26 -3.96
CA TYR B 148 -7.56 13.16 -4.76
C TYR B 148 -9.06 13.23 -4.85
N GLN B 149 -9.73 13.49 -3.72
CA GLN B 149 -11.19 13.65 -3.78
C GLN B 149 -11.58 14.82 -4.68
N ASN B 150 -10.99 15.99 -4.42
CA ASN B 150 -11.46 17.22 -5.04
C ASN B 150 -11.24 17.22 -6.56
N LEU B 151 -10.03 16.88 -7.00
CA LEU B 151 -9.74 16.94 -8.43
C LEU B 151 -10.49 15.88 -9.22
N ASN B 152 -10.71 14.70 -8.65
CA ASN B 152 -11.50 13.70 -9.38
C ASN B 152 -12.95 14.12 -9.50
N PHE B 153 -13.53 14.70 -8.44
CA PHE B 153 -14.89 15.21 -8.58
C PHE B 153 -14.96 16.32 -9.62
N THR B 154 -13.98 17.23 -9.61
CA THR B 154 -13.97 18.31 -10.59
C THR B 154 -13.85 17.75 -12.01
N GLY B 155 -12.99 16.75 -12.20
CA GLY B 155 -12.84 16.15 -13.52
C GLY B 155 -14.13 15.52 -14.00
N PHE B 156 -14.81 14.76 -13.14
CA PHE B 156 -16.09 14.20 -13.53
C PHE B 156 -17.10 15.28 -13.89
N ARG B 157 -17.17 16.33 -13.09
CA ARG B 157 -18.16 17.38 -13.37
C ARG B 157 -17.89 18.03 -14.72
N LYS B 158 -16.63 18.36 -15.01
CA LYS B 158 -16.34 19.01 -16.29
C LYS B 158 -16.56 18.06 -17.47
N ILE B 159 -16.18 16.79 -17.32
CA ILE B 159 -16.35 15.84 -18.43
C ILE B 159 -17.82 15.65 -18.75
N LEU B 160 -18.65 15.48 -17.71
CA LEU B 160 -20.07 15.29 -17.98
C LEU B 160 -20.74 16.56 -18.45
N LYS B 161 -20.28 17.74 -18.00
CA LYS B 161 -20.83 18.98 -18.55
C LYS B 161 -20.49 19.12 -20.03
N LYS B 162 -19.26 18.76 -20.41
CA LYS B 162 -18.89 18.78 -21.82
C LYS B 162 -19.70 17.77 -22.62
N HIS B 163 -19.96 16.60 -22.05
CA HIS B 163 -20.82 15.61 -22.69
C HIS B 163 -22.21 16.18 -22.94
N ASP B 164 -22.79 16.83 -21.93
CA ASP B 164 -24.10 17.43 -22.09
C ASP B 164 -24.08 18.51 -23.17
N LYS B 165 -23.04 19.34 -23.20
CA LYS B 165 -22.96 20.38 -24.20
C LYS B 165 -22.85 19.81 -25.61
N ILE B 166 -22.03 18.77 -25.78
CA ILE B 166 -21.73 18.27 -27.11
C ILE B 166 -22.90 17.46 -27.67
N LEU B 167 -23.42 16.51 -26.91
CA LEU B 167 -24.50 15.69 -27.42
C LEU B 167 -25.89 16.21 -27.05
N GLU B 168 -25.98 17.33 -26.34
CA GLU B 168 -27.24 18.00 -26.09
C GLU B 168 -28.22 17.14 -25.30
N THR B 169 -27.71 16.21 -24.51
CA THR B 169 -28.53 15.34 -23.68
C THR B 169 -28.14 15.51 -22.22
N SER B 170 -29.14 15.55 -21.35
CA SER B 170 -28.91 15.70 -19.92
C SER B 170 -28.56 14.39 -19.23
N ARG B 171 -28.19 13.36 -19.99
CA ARG B 171 -27.83 12.09 -19.36
C ARG B 171 -26.57 12.21 -18.52
N GLY B 172 -25.67 13.12 -18.89
CA GLY B 172 -24.45 13.28 -18.10
C GLY B 172 -24.73 13.75 -16.69
N ALA B 173 -25.57 14.77 -16.54
CA ALA B 173 -25.89 15.29 -15.22
C ALA B 173 -26.67 14.28 -14.39
N ASP B 174 -27.63 13.59 -15.02
CA ASP B 174 -28.40 12.58 -14.30
C ASP B 174 -27.51 11.44 -13.85
N TRP B 175 -26.59 11.00 -14.71
CA TRP B 175 -25.64 9.95 -14.32
C TRP B 175 -24.74 10.43 -13.19
N ARG B 176 -24.31 11.69 -13.24
CA ARG B 176 -23.48 12.22 -12.17
C ARG B 176 -24.22 12.22 -10.85
N VAL B 177 -25.48 12.66 -10.85
CA VAL B 177 -26.26 12.68 -9.62
C VAL B 177 -26.50 11.26 -9.12
N ALA B 178 -26.74 10.33 -10.04
CA ALA B 178 -27.07 8.96 -9.63
C ALA B 178 -25.86 8.19 -9.12
N HIS B 179 -24.67 8.43 -9.67
CA HIS B 179 -23.52 7.61 -9.33
C HIS B 179 -22.38 8.39 -8.69
N VAL B 180 -21.97 9.52 -9.27
CA VAL B 180 -20.78 10.21 -8.80
C VAL B 180 -21.00 10.82 -7.43
N GLU B 181 -22.12 11.53 -7.25
CA GLU B 181 -22.37 12.24 -6.01
C GLU B 181 -22.65 11.33 -4.83
N VAL B 182 -23.00 10.07 -5.07
CA VAL B 182 -23.20 9.11 -3.99
C VAL B 182 -22.02 8.17 -3.81
N ALA B 183 -20.95 8.36 -4.58
CA ALA B 183 -19.81 7.49 -4.49
C ALA B 183 -19.08 7.72 -3.16
N PRO B 184 -18.40 6.70 -2.64
CA PRO B 184 -17.69 6.86 -1.36
C PRO B 184 -16.62 7.94 -1.38
N PHE B 185 -15.91 8.13 -2.48
CA PHE B 185 -14.81 9.09 -2.45
C PHE B 185 -15.32 10.51 -2.29
N TYR B 186 -16.50 10.80 -2.81
CA TYR B 186 -17.09 12.13 -2.64
C TYR B 186 -17.72 12.32 -1.27
N THR B 187 -18.35 11.29 -0.72
CA THR B 187 -19.12 11.44 0.50
C THR B 187 -18.32 11.16 1.77
N CYS B 188 -17.34 10.27 1.71
CA CYS B 188 -16.55 9.95 2.90
C CYS B 188 -15.70 11.16 3.29
N LYS B 189 -16.01 11.74 4.44
CA LYS B 189 -15.33 12.93 4.94
C LYS B 189 -14.43 12.61 6.13
N LYS B 190 -13.88 11.40 6.17
CA LYS B 190 -12.97 11.02 7.25
C LYS B 190 -11.60 11.66 7.11
N ILE B 191 -11.22 12.10 5.90
CA ILE B 191 -9.90 12.68 5.71
C ILE B 191 -9.79 14.03 6.41
N ASN B 192 -10.85 14.85 6.34
CA ASN B 192 -10.85 16.11 7.07
C ASN B 192 -10.72 15.88 8.56
N GLN B 193 -11.45 14.87 9.08
CA GLN B 193 -11.35 14.55 10.49
C GLN B 193 -9.96 14.08 10.86
N LEU B 194 -9.32 13.27 10.01
CA LEU B 194 -7.96 12.84 10.29
C LEU B 194 -6.99 14.03 10.28
N ILE B 195 -7.20 14.98 9.36
CA ILE B 195 -6.35 16.17 9.34
C ILE B 195 -6.48 16.93 10.64
N SER B 196 -7.71 17.15 11.09
CA SER B 196 -7.93 17.88 12.34
C SER B 196 -7.34 17.15 13.52
N GLU B 197 -7.52 15.82 13.59
CA GLU B 197 -6.96 15.06 14.70
C GLU B 197 -5.43 15.06 14.67
N THR B 198 -4.83 15.00 13.48
CA THR B 198 -3.37 15.07 13.41
C THR B 198 -2.86 16.41 13.91
N GLU B 199 -3.52 17.50 13.51
CA GLU B 199 -3.12 18.82 14.01
C GLU B 199 -3.27 18.89 15.52
N ALA B 200 -4.39 18.39 16.05
CA ALA B 200 -4.60 18.42 17.49
C ALA B 200 -3.55 17.59 18.22
N VAL B 201 -3.25 16.40 17.72
CA VAL B 201 -2.29 15.52 18.37
C VAL B 201 -0.92 16.18 18.40
N VAL B 202 -0.45 16.68 17.26
CA VAL B 202 0.88 17.29 17.24
C VAL B 202 0.92 18.52 18.15
N THR B 203 -0.12 19.36 18.09
CA THR B 203 -0.14 20.58 18.88
C THR B 203 -0.11 20.28 20.37
N ASN B 204 -0.95 19.36 20.83
CA ASN B 204 -1.09 19.13 22.26
C ASN B 204 -0.08 18.13 22.82
N GLU B 205 0.62 17.38 21.98
CA GLU B 205 1.50 16.35 22.51
C GLU B 205 2.93 16.46 22.03
N LEU B 206 3.17 16.75 20.75
CA LEU B 206 4.54 16.84 20.28
C LEU B 206 5.20 18.13 20.74
N GLU B 207 4.42 19.20 20.83
CA GLU B 207 4.86 20.47 21.38
C GLU B 207 3.94 20.87 22.53
N ASP B 208 4.32 21.93 23.24
CA ASP B 208 3.42 22.51 24.22
C ASP B 208 2.21 23.11 23.51
N GLY B 209 1.25 23.61 24.29
CA GLY B 209 0.08 24.18 23.66
C GLY B 209 0.45 25.33 22.74
N ASP B 210 0.46 25.05 21.44
CA ASP B 210 0.81 26.02 20.42
C ASP B 210 0.39 25.50 19.06
N ARG B 211 -0.51 26.20 18.38
CA ARG B 211 -0.95 25.76 17.06
C ARG B 211 -0.11 26.34 15.93
N GLN B 212 0.38 27.58 16.09
CA GLN B 212 1.19 28.19 15.04
C GLN B 212 2.48 27.40 14.81
N LYS B 213 3.15 27.00 15.89
CA LYS B 213 4.39 26.23 15.74
C LYS B 213 4.14 24.87 15.12
N ALA B 214 3.11 24.17 15.59
CA ALA B 214 2.82 22.84 15.06
C ALA B 214 2.44 22.91 13.59
N MET B 215 1.61 23.89 13.21
CA MET B 215 1.25 24.04 11.81
C MET B 215 2.45 24.47 10.98
N LYS B 216 3.34 25.29 11.54
CA LYS B 216 4.55 25.67 10.82
C LYS B 216 5.42 24.45 10.54
N ARG B 217 5.53 23.54 11.50
CA ARG B 217 6.34 22.35 11.29
C ARG B 217 5.69 21.38 10.31
N LEU B 218 4.38 21.14 10.47
CA LEU B 218 3.69 20.18 9.61
C LEU B 218 3.46 20.69 8.19
N ARG B 219 3.55 21.99 7.97
CA ARG B 219 3.19 22.56 6.68
C ARG B 219 4.31 22.43 5.66
N VAL B 220 5.48 21.98 6.07
CA VAL B 220 6.62 21.81 5.16
C VAL B 220 7.07 20.35 5.22
N PRO B 221 6.33 19.43 4.59
CA PRO B 221 6.73 18.03 4.62
C PRO B 221 7.94 17.79 3.74
N PRO B 222 8.66 16.69 3.95
CA PRO B 222 9.77 16.37 3.05
C PRO B 222 9.27 16.16 1.63
N LEU B 223 9.95 16.80 0.68
CA LEU B 223 9.52 16.72 -0.71
C LEU B 223 9.68 15.30 -1.26
N GLY B 224 10.60 14.53 -0.73
CA GLY B 224 10.84 13.18 -1.21
C GLY B 224 9.60 12.30 -1.14
N ALA B 225 9.00 12.02 -2.29
CA ALA B 225 7.82 11.18 -2.32
C ALA B 225 8.20 9.74 -2.01
N ALA B 226 7.17 8.92 -1.78
CA ALA B 226 7.34 7.56 -1.29
C ALA B 226 7.77 6.63 -2.44
N GLN B 227 9.01 6.83 -2.89
CA GLN B 227 9.64 5.87 -3.79
C GLN B 227 11.13 5.80 -3.45
N PRO B 228 11.70 4.61 -3.37
CA PRO B 228 13.14 4.48 -3.17
C PRO B 228 13.87 4.70 -4.50
N ALA B 229 15.19 4.50 -4.45
CA ALA B 229 15.99 4.57 -5.66
C ALA B 229 15.64 3.40 -6.58
N PRO B 230 15.88 3.54 -7.88
CA PRO B 230 15.51 2.47 -8.83
C PRO B 230 16.28 1.17 -8.62
N ALA B 231 17.12 1.12 -7.59
CA ALA B 231 17.80 -0.09 -7.13
C ALA B 231 18.90 -0.52 -8.10
N TRP B 232 19.02 0.18 -9.23
CA TRP B 232 20.17 0.04 -10.11
C TRP B 232 21.03 1.29 -10.15
N THR B 233 20.42 2.46 -9.93
CA THR B 233 21.21 3.68 -9.79
C THR B 233 22.08 3.62 -8.54
N THR B 234 21.56 3.07 -7.45
CA THR B 234 22.37 2.90 -6.24
C THR B 234 23.53 1.96 -6.49
N PHE B 235 23.29 0.87 -7.21
CA PHE B 235 24.37 -0.08 -7.51
C PHE B 235 25.45 0.58 -8.37
N ARG B 236 25.05 1.37 -9.36
CA ARG B 236 26.03 2.05 -10.19
C ARG B 236 26.77 3.13 -9.42
N VAL B 237 26.10 3.79 -8.48
CA VAL B 237 26.79 4.72 -7.60
C VAL B 237 27.86 4.01 -6.79
N GLY B 238 27.52 2.84 -6.25
CA GLY B 238 28.52 2.06 -5.54
C GLY B 238 29.67 1.64 -6.43
N LEU B 239 29.37 1.18 -7.64
CA LEU B 239 30.39 0.77 -8.59
C LEU B 239 31.37 1.91 -8.87
N PHE B 240 30.82 3.07 -9.26
CA PHE B 240 31.69 4.19 -9.60
C PHE B 240 32.43 4.73 -8.39
N CYS B 241 31.81 4.71 -7.21
CA CYS B 241 32.52 5.15 -6.01
C CYS B 241 33.69 4.23 -5.70
N GLY B 242 33.51 2.92 -5.83
CA GLY B 242 34.61 2.00 -5.59
C GLY B 242 35.74 2.17 -6.59
N ILE B 243 35.39 2.26 -7.87
CA ILE B 243 36.41 2.47 -8.90
C ILE B 243 37.14 3.79 -8.64
N PHE B 244 36.40 4.83 -8.25
CA PHE B 244 37.00 6.13 -7.99
C PHE B 244 37.95 6.09 -6.81
N ILE B 245 37.57 5.41 -5.73
CA ILE B 245 38.45 5.32 -4.57
C ILE B 245 39.74 4.60 -4.93
N VAL B 246 39.62 3.47 -5.61
CA VAL B 246 40.84 2.72 -5.94
C VAL B 246 41.69 3.51 -6.92
N LEU B 247 41.06 4.21 -7.87
CA LEU B 247 41.82 5.01 -8.83
C LEU B 247 42.51 6.17 -8.15
N ASN B 248 41.87 6.78 -7.14
CA ASN B 248 42.54 7.85 -6.40
C ASN B 248 43.73 7.32 -5.62
N ILE B 249 43.60 6.13 -5.04
CA ILE B 249 44.76 5.54 -4.37
C ILE B 249 45.89 5.30 -5.37
N THR B 250 45.53 4.82 -6.57
CA THR B 250 46.54 4.65 -7.61
C THR B 250 47.19 5.97 -8.00
N LEU B 251 46.38 7.04 -8.12
CA LEU B 251 46.92 8.35 -8.43
C LEU B 251 47.91 8.82 -7.38
N VAL B 252 47.54 8.65 -6.11
CA VAL B 252 48.41 9.10 -5.03
C VAL B 252 49.73 8.32 -5.05
N LEU B 253 49.65 7.00 -5.19
CA LEU B 253 50.87 6.20 -5.22
C LEU B 253 51.73 6.54 -6.44
N ALA B 254 51.11 6.69 -7.61
CA ALA B 254 51.87 7.00 -8.81
C ALA B 254 52.54 8.37 -8.71
N ALA B 255 51.84 9.36 -8.17
CA ALA B 255 52.44 10.68 -8.02
C ALA B 255 53.58 10.64 -7.00
N VAL B 256 53.41 9.91 -5.90
CA VAL B 256 54.47 9.83 -4.90
C VAL B 256 55.70 9.15 -5.46
N PHE B 257 55.52 8.04 -6.18
CA PHE B 257 56.67 7.29 -6.66
C PHE B 257 57.13 7.73 -8.06
N LYS B 258 56.22 7.78 -9.02
CA LYS B 258 56.60 8.16 -10.39
C LYS B 258 56.52 9.68 -10.50
N LEU B 259 57.66 10.34 -10.34
CA LEU B 259 57.75 11.79 -10.38
C LEU B 259 58.56 12.20 -11.60
N GLU B 260 58.09 13.22 -12.31
CA GLU B 260 58.78 13.71 -13.49
C GLU B 260 60.05 14.46 -13.08
N THR B 261 60.93 14.64 -14.08
CA THR B 261 62.18 15.35 -13.89
C THR B 261 62.47 16.19 -15.12
N ASP B 262 62.93 17.43 -14.89
CA ASP B 262 63.26 18.37 -15.97
C ASP B 262 62.08 18.62 -16.90
N ARG B 263 60.89 18.74 -16.32
CA ARG B 263 59.71 19.08 -17.10
C ARG B 263 58.76 19.87 -16.21
N SER B 264 57.87 20.61 -16.85
CA SER B 264 56.87 21.42 -16.15
C SER B 264 55.54 20.68 -16.20
N ILE B 265 55.09 20.18 -15.03
CA ILE B 265 53.80 19.51 -14.94
C ILE B 265 52.65 20.50 -14.87
N TRP B 266 52.95 21.80 -14.83
CA TRP B 266 51.91 22.81 -14.66
C TRP B 266 50.85 22.80 -15.75
N PRO B 267 51.16 22.62 -17.04
CA PRO B 267 50.08 22.59 -18.05
C PRO B 267 49.06 21.50 -17.80
N LEU B 268 49.44 20.38 -17.19
CA LEU B 268 48.49 19.32 -16.91
C LEU B 268 47.62 19.66 -15.71
N ILE B 269 48.20 20.31 -14.69
CA ILE B 269 47.48 20.49 -13.44
C ILE B 269 46.30 21.45 -13.63
N ARG B 270 46.43 22.45 -14.49
CA ARG B 270 45.31 23.37 -14.72
C ARG B 270 44.15 22.67 -15.43
N ILE B 271 44.47 21.87 -16.45
CA ILE B 271 43.46 21.14 -17.20
C ILE B 271 42.70 20.18 -16.28
N TYR B 272 43.44 19.39 -15.51
CA TYR B 272 42.78 18.46 -14.63
C TYR B 272 42.16 19.16 -13.43
N ARG B 273 42.59 20.39 -13.13
CA ARG B 273 41.91 21.20 -12.14
C ARG B 273 40.51 21.56 -12.61
N GLY B 274 40.38 21.97 -13.86
CA GLY B 274 39.05 22.24 -14.39
C GLY B 274 38.16 21.01 -14.33
N GLY B 275 38.70 19.86 -14.75
CA GLY B 275 37.93 18.64 -14.64
C GLY B 275 37.52 18.32 -13.21
N PHE B 276 38.45 18.48 -12.27
CA PHE B 276 38.19 18.18 -10.88
C PHE B 276 37.09 19.06 -10.31
N LEU B 277 37.14 20.37 -10.61
CA LEU B 277 36.09 21.25 -10.12
C LEU B 277 34.73 20.86 -10.68
N LEU B 278 34.68 20.48 -11.96
CA LEU B 278 33.38 20.06 -12.51
C LEU B 278 32.85 18.84 -11.77
N ILE B 279 33.69 17.83 -11.55
CA ILE B 279 33.25 16.62 -10.87
C ILE B 279 32.81 16.91 -9.45
N GLU B 280 33.61 17.70 -8.72
CA GLU B 280 33.27 18.03 -7.34
C GLU B 280 31.99 18.85 -7.26
N PHE B 281 31.78 19.74 -8.22
CA PHE B 281 30.54 20.51 -8.26
C PHE B 281 29.34 19.59 -8.46
N LEU B 282 29.44 18.62 -9.35
CA LEU B 282 28.31 17.70 -9.54
C LEU B 282 28.05 16.89 -8.27
N PHE B 283 29.09 16.41 -7.62
CA PHE B 283 28.91 15.66 -6.37
C PHE B 283 28.24 16.51 -5.30
N LEU B 284 28.73 17.73 -5.10
CA LEU B 284 28.16 18.60 -4.08
C LEU B 284 26.74 19.02 -4.45
N LEU B 285 26.44 19.15 -5.75
CA LEU B 285 25.08 19.46 -6.16
C LEU B 285 24.14 18.29 -5.88
N GLY B 286 24.64 17.06 -6.01
CA GLY B 286 23.86 15.91 -5.57
C GLY B 286 23.56 16.00 -4.09
N ILE B 287 24.55 16.37 -3.28
CA ILE B 287 24.30 16.54 -1.85
C ILE B 287 23.28 17.65 -1.60
N ASN B 288 23.35 18.73 -2.37
CA ASN B 288 22.37 19.81 -2.24
C ASN B 288 20.96 19.32 -2.55
N THR B 289 20.82 18.52 -3.62
CA THR B 289 19.51 17.98 -3.96
C THR B 289 18.98 17.11 -2.84
N TYR B 290 19.85 16.27 -2.25
CA TYR B 290 19.43 15.47 -1.11
C TYR B 290 18.97 16.34 0.05
N GLY B 291 19.74 17.39 0.35
CA GLY B 291 19.38 18.25 1.47
C GLY B 291 18.05 18.97 1.26
N TRP B 292 17.85 19.52 0.05
CA TRP B 292 16.58 20.17 -0.24
C TRP B 292 15.43 19.18 -0.17
N ARG B 293 15.62 17.98 -0.72
CA ARG B 293 14.53 17.02 -0.78
C ARG B 293 14.12 16.55 0.60
N GLN B 294 15.08 16.27 1.48
CA GLN B 294 14.72 15.80 2.81
C GLN B 294 14.22 16.94 3.69
N ALA B 295 14.87 18.10 3.64
CA ALA B 295 14.52 19.18 4.56
C ALA B 295 13.14 19.74 4.29
N GLY B 296 12.65 19.63 3.06
CA GLY B 296 11.34 20.12 2.68
C GLY B 296 11.33 21.21 1.64
N VAL B 297 12.50 21.67 1.17
CA VAL B 297 12.55 22.75 0.19
C VAL B 297 12.08 22.23 -1.16
N ASN B 298 11.00 22.82 -1.67
CA ASN B 298 10.39 22.40 -2.93
C ASN B 298 11.20 22.98 -4.09
N HIS B 299 12.37 22.40 -4.31
CA HIS B 299 13.23 22.90 -5.39
C HIS B 299 12.66 22.60 -6.76
N VAL B 300 11.74 21.63 -6.88
CA VAL B 300 11.15 21.32 -8.17
C VAL B 300 10.37 22.51 -8.70
N LEU B 301 9.56 23.14 -7.84
CA LEU B 301 8.78 24.29 -8.29
C LEU B 301 9.67 25.51 -8.54
N ILE B 302 10.64 25.75 -7.66
CA ILE B 302 11.49 26.93 -7.81
C ILE B 302 12.33 26.83 -9.08
N PHE B 303 12.96 25.68 -9.32
CA PHE B 303 13.68 25.48 -10.57
C PHE B 303 12.76 25.34 -11.77
N GLU B 304 11.46 25.17 -11.55
CA GLU B 304 10.49 24.96 -12.63
C GLU B 304 10.81 23.70 -13.41
N LEU B 305 11.25 22.67 -12.70
CA LEU B 305 11.48 21.36 -13.28
C LEU B 305 10.16 20.65 -13.55
N ASN B 306 10.23 19.60 -14.35
CA ASN B 306 9.05 18.80 -14.64
C ASN B 306 8.68 17.99 -13.40
N PRO B 307 7.47 18.15 -12.85
CA PRO B 307 7.12 17.40 -11.64
C PRO B 307 7.18 15.89 -11.82
N ARG B 308 7.01 15.41 -13.04
CA ARG B 308 7.18 13.99 -13.34
C ARG B 308 8.56 13.74 -13.91
N SER B 309 9.19 12.65 -13.48
CA SER B 309 10.50 12.23 -13.97
C SER B 309 11.56 13.31 -13.73
N ASN B 310 11.80 13.60 -12.45
CA ASN B 310 12.92 14.43 -12.03
C ASN B 310 14.05 13.52 -11.52
N LEU B 311 15.16 14.14 -11.15
CA LEU B 311 16.35 13.40 -10.74
C LEU B 311 16.61 13.59 -9.25
N SER B 312 16.75 12.47 -8.55
CA SER B 312 17.13 12.48 -7.14
C SER B 312 18.63 12.68 -7.03
N HIS B 313 19.18 12.52 -5.83
CA HIS B 313 20.61 12.73 -5.66
C HIS B 313 21.44 11.56 -6.17
N GLN B 314 20.87 10.35 -6.22
CA GLN B 314 21.64 9.21 -6.70
C GLN B 314 22.10 9.41 -8.14
N HIS B 315 21.24 9.97 -8.99
CA HIS B 315 21.62 10.18 -10.38
C HIS B 315 22.78 11.16 -10.49
N LEU B 316 22.75 12.25 -9.73
CA LEU B 316 23.86 13.20 -9.77
C LEU B 316 25.13 12.58 -9.25
N PHE B 317 25.02 11.77 -8.18
CA PHE B 317 26.21 11.08 -7.69
C PHE B 317 26.78 10.15 -8.75
N GLU B 318 25.90 9.46 -9.48
CA GLU B 318 26.36 8.53 -10.52
C GLU B 318 27.07 9.27 -11.66
N ILE B 319 26.51 10.39 -12.10
CA ILE B 319 27.16 11.15 -13.17
C ILE B 319 28.51 11.68 -12.69
N ALA B 320 28.55 12.20 -11.47
CA ALA B 320 29.81 12.71 -10.93
C ALA B 320 30.84 11.60 -10.84
N GLY B 321 30.43 10.42 -10.39
CA GLY B 321 31.35 9.29 -10.33
C GLY B 321 31.86 8.87 -11.70
N PHE B 322 30.98 8.88 -12.70
CA PHE B 322 31.39 8.48 -14.05
C PHE B 322 32.43 9.45 -14.59
N LEU B 323 32.17 10.74 -14.47
CA LEU B 323 33.15 11.72 -14.94
C LEU B 323 34.44 11.65 -14.12
N GLY B 324 34.34 11.30 -12.83
CA GLY B 324 35.54 11.10 -12.04
C GLY B 324 36.36 9.91 -12.52
N ILE B 325 35.68 8.83 -12.91
CA ILE B 325 36.38 7.68 -13.46
C ILE B 325 37.12 8.06 -14.73
N LEU B 326 36.45 8.79 -15.62
CA LEU B 326 37.10 9.23 -16.85
C LEU B 326 38.30 10.12 -16.56
N TRP B 327 38.14 11.05 -15.61
CA TRP B 327 39.22 11.98 -15.29
C TRP B 327 40.42 11.24 -14.69
N CYS B 328 40.16 10.30 -13.79
CA CYS B 328 41.25 9.53 -13.20
C CYS B 328 41.94 8.66 -14.24
N LEU B 329 41.18 8.07 -15.16
CA LEU B 329 41.79 7.25 -16.20
C LEU B 329 42.68 8.08 -17.10
N SER B 330 42.21 9.26 -17.50
CA SER B 330 43.04 10.14 -18.32
C SER B 330 44.30 10.57 -17.57
N LEU B 331 44.17 10.90 -16.29
CA LEU B 331 45.33 11.32 -15.52
C LEU B 331 46.35 10.18 -15.38
N LEU B 332 45.87 8.95 -15.13
CA LEU B 332 46.79 7.82 -15.06
C LEU B 332 47.47 7.57 -16.40
N ALA B 333 46.71 7.67 -17.49
CA ALA B 333 47.32 7.53 -18.81
C ALA B 333 48.39 8.59 -19.03
N CYS B 334 48.19 9.79 -18.50
CA CYS B 334 49.23 10.80 -18.59
C CYS B 334 50.45 10.43 -17.76
N PHE B 335 50.24 9.92 -16.55
CA PHE B 335 51.37 9.51 -15.71
C PHE B 335 52.11 8.32 -16.31
N PHE B 336 51.38 7.27 -16.66
CA PHE B 336 51.98 6.09 -17.26
C PHE B 336 52.17 6.31 -18.75
N ALA B 337 52.51 5.24 -19.46
CA ALA B 337 52.66 5.25 -20.91
C ALA B 337 51.88 4.07 -21.47
N PRO B 338 50.54 4.15 -21.47
CA PRO B 338 49.75 2.99 -21.97
C PRO B 338 50.02 2.68 -23.43
N ILE B 339 49.89 3.67 -24.31
CA ILE B 339 50.05 3.47 -25.74
C ILE B 339 51.26 4.28 -26.20
N SER B 340 52.20 3.61 -26.87
CA SER B 340 53.43 4.28 -27.28
C SER B 340 53.17 5.35 -28.33
N VAL B 341 52.35 5.04 -29.34
CA VAL B 341 52.15 5.98 -30.43
C VAL B 341 51.33 7.18 -29.96
N ILE B 342 50.34 6.96 -29.11
CA ILE B 342 49.48 8.05 -28.62
C ILE B 342 50.28 8.92 -27.67
N PRO B 343 50.43 10.20 -27.97
CA PRO B 343 51.19 11.09 -27.07
C PRO B 343 50.39 11.42 -25.81
N THR B 344 51.07 12.11 -24.89
CA THR B 344 50.46 12.41 -23.59
C THR B 344 49.29 13.37 -23.73
N TYR B 345 49.40 14.38 -24.59
CA TYR B 345 48.37 15.42 -24.62
C TYR B 345 47.05 14.94 -25.23
N VAL B 346 47.01 13.75 -25.81
CA VAL B 346 45.77 13.24 -26.37
C VAL B 346 44.76 12.95 -25.27
N TYR B 347 45.22 12.46 -24.12
CA TYR B 347 44.30 12.06 -23.06
C TYR B 347 43.41 13.19 -22.55
N PRO B 348 43.91 14.40 -22.26
CA PRO B 348 42.97 15.50 -21.96
C PRO B 348 42.02 15.79 -23.10
N LEU B 349 42.50 15.71 -24.34
CA LEU B 349 41.62 15.91 -25.49
C LEU B 349 40.52 14.86 -25.53
N ALA B 350 40.88 13.59 -25.35
CA ALA B 350 39.88 12.53 -25.36
C ALA B 350 38.89 12.71 -24.22
N LEU B 351 39.40 13.06 -23.03
CA LEU B 351 38.54 13.25 -21.87
C LEU B 351 37.49 14.33 -22.13
N TYR B 352 37.94 15.51 -22.58
CA TYR B 352 36.97 16.59 -22.76
C TYR B 352 36.12 16.42 -24.00
N GLY B 353 36.64 15.75 -25.04
CA GLY B 353 35.79 15.40 -26.15
C GLY B 353 34.66 14.49 -25.74
N PHE B 354 34.96 13.48 -24.92
CA PHE B 354 33.90 12.60 -24.44
C PHE B 354 32.94 13.33 -23.51
N MET B 355 33.46 14.22 -22.65
CA MET B 355 32.58 14.98 -21.77
C MET B 355 31.62 15.85 -22.58
N VAL B 356 32.14 16.58 -23.56
CA VAL B 356 31.28 17.49 -24.32
C VAL B 356 30.32 16.69 -25.21
N PHE B 357 30.75 15.54 -25.73
CA PHE B 357 29.85 14.70 -26.50
C PHE B 357 28.73 14.14 -25.61
N PHE B 358 29.07 13.70 -24.41
CA PHE B 358 28.08 13.29 -23.43
C PHE B 358 27.19 14.44 -23.01
N LEU B 359 27.63 15.68 -23.23
CA LEU B 359 26.78 16.84 -23.00
C LEU B 359 25.91 17.20 -24.20
N ILE B 360 26.36 16.90 -25.42
CA ILE B 360 25.60 17.28 -26.60
C ILE B 360 25.19 16.05 -27.41
N ASN B 361 24.95 14.94 -26.72
CA ASN B 361 24.51 13.71 -27.39
C ASN B 361 23.14 13.93 -28.03
N PRO B 362 23.02 13.76 -29.34
CA PRO B 362 21.71 13.99 -29.99
C PRO B 362 20.68 12.91 -29.67
N THR B 363 21.12 11.70 -29.35
CA THR B 363 20.21 10.58 -29.17
C THR B 363 19.45 10.72 -27.86
N LYS B 364 18.60 9.73 -27.59
CA LYS B 364 17.74 9.73 -26.41
C LYS B 364 18.33 8.95 -25.23
N THR B 365 19.59 8.55 -25.31
CA THR B 365 20.20 7.75 -24.26
C THR B 365 21.03 8.62 -23.32
N PHE B 366 21.32 8.06 -22.15
CA PHE B 366 22.21 8.66 -21.16
C PHE B 366 21.69 10.04 -20.72
N TYR B 367 20.55 9.99 -20.02
CA TYR B 367 19.98 11.16 -19.34
C TYR B 367 19.57 12.23 -20.35
N TYR B 368 18.75 11.85 -21.32
CA TYR B 368 18.40 12.78 -22.40
C TYR B 368 17.61 13.96 -21.87
N LYS B 369 16.70 13.73 -20.92
CA LYS B 369 15.87 14.81 -20.40
C LYS B 369 16.72 15.88 -19.71
N SER B 370 17.56 15.46 -18.77
CA SER B 370 18.38 16.41 -18.04
C SER B 370 19.39 17.08 -18.96
N ARG B 371 19.95 16.31 -19.90
CA ARG B 371 20.94 16.88 -20.82
C ARG B 371 20.32 17.96 -21.69
N PHE B 372 19.10 17.72 -22.20
CA PHE B 372 18.46 18.72 -23.03
C PHE B 372 18.01 19.93 -22.21
N TRP B 373 17.54 19.70 -20.98
CA TRP B 373 17.21 20.82 -20.10
C TRP B 373 18.44 21.68 -19.83
N LEU B 374 19.58 21.04 -19.57
CA LEU B 374 20.81 21.80 -19.32
C LEU B 374 21.26 22.55 -20.56
N LEU B 375 21.13 21.94 -21.74
CA LEU B 375 21.52 22.64 -22.97
C LEU B 375 20.64 23.86 -23.20
N LYS B 376 19.32 23.72 -23.01
CA LYS B 376 18.44 24.86 -23.15
C LYS B 376 18.78 25.95 -22.14
N LEU B 377 19.07 25.55 -20.90
CA LEU B 377 19.41 26.52 -19.87
C LEU B 377 20.71 27.24 -20.19
N LEU B 378 21.72 26.52 -20.68
CA LEU B 378 22.97 27.16 -21.07
C LEU B 378 22.76 28.14 -22.22
N PHE B 379 21.92 27.76 -23.20
CA PHE B 379 21.63 28.67 -24.28
C PHE B 379 20.97 29.94 -23.77
N ARG B 380 20.03 29.81 -22.83
CA ARG B 380 19.36 31.01 -22.31
C ARG B 380 20.27 31.84 -21.42
N VAL B 381 21.19 31.20 -20.69
CA VAL B 381 22.12 31.94 -19.83
C VAL B 381 23.12 32.73 -20.65
N PHE B 382 23.74 32.10 -21.65
CA PHE B 382 24.81 32.78 -22.38
C PHE B 382 24.27 33.90 -23.25
N THR B 383 23.10 33.73 -23.86
CA THR B 383 22.40 34.83 -24.52
C THR B 383 21.41 35.43 -23.53
N ALA B 384 21.97 36.17 -22.56
CA ALA B 384 21.20 36.49 -21.36
C ALA B 384 20.10 37.53 -21.60
N PRO B 385 20.41 38.75 -22.06
CA PRO B 385 19.36 39.79 -22.10
C PRO B 385 18.21 39.47 -23.04
N PHE B 386 18.41 38.58 -24.01
CA PHE B 386 17.34 38.27 -24.96
C PHE B 386 16.27 37.38 -24.35
N HIS B 387 16.65 36.49 -23.44
CA HIS B 387 15.71 35.57 -22.82
C HIS B 387 15.26 36.08 -21.46
N LYS B 388 13.98 35.87 -21.16
CA LYS B 388 13.44 36.22 -19.86
C LYS B 388 14.14 35.41 -18.77
N VAL B 389 14.39 36.06 -17.64
CA VAL B 389 15.22 35.49 -16.58
C VAL B 389 14.31 34.71 -15.64
N GLY B 390 14.37 33.37 -15.73
CA GLY B 390 13.75 32.51 -14.75
C GLY B 390 14.68 32.30 -13.58
N PHE B 391 14.27 31.41 -12.68
CA PHE B 391 15.13 31.11 -11.54
C PHE B 391 16.33 30.28 -11.97
N ALA B 392 16.15 29.40 -12.96
CA ALA B 392 17.25 28.55 -13.40
C ALA B 392 18.36 29.37 -14.03
N ASP B 393 18.01 30.40 -14.80
CA ASP B 393 19.02 31.27 -15.39
C ASP B 393 19.84 31.95 -14.30
N PHE B 394 19.16 32.47 -13.28
CA PHE B 394 19.86 33.02 -12.11
C PHE B 394 20.80 32.00 -11.48
N TRP B 395 20.27 30.82 -11.17
CA TRP B 395 21.06 29.83 -10.43
C TRP B 395 22.29 29.42 -11.21
N LEU B 396 22.13 29.15 -12.51
CA LEU B 396 23.27 28.67 -13.28
C LEU B 396 24.25 29.79 -13.61
N ALA B 397 23.79 31.02 -13.80
CA ALA B 397 24.73 32.12 -13.97
C ALA B 397 25.55 32.32 -12.71
N ASP B 398 24.94 32.17 -11.53
CA ASP B 398 25.69 32.31 -10.30
C ASP B 398 26.65 31.13 -10.09
N GLN B 399 26.23 29.94 -10.50
CA GLN B 399 27.15 28.80 -10.48
C GLN B 399 28.33 29.04 -11.41
N LEU B 400 28.10 29.70 -12.54
CA LEU B 400 29.22 30.08 -13.40
C LEU B 400 30.12 31.09 -12.71
N ASN B 401 29.53 32.05 -11.99
CA ASN B 401 30.33 32.96 -11.18
C ASN B 401 31.23 32.20 -10.23
N SER B 402 30.74 31.08 -9.70
CA SER B 402 31.56 30.26 -8.81
C SER B 402 32.57 29.37 -9.55
N LEU B 403 32.25 28.93 -10.77
CA LEU B 403 33.05 27.94 -11.48
C LEU B 403 33.85 28.55 -12.63
N SER B 404 34.02 29.87 -12.62
CA SER B 404 34.83 30.53 -13.64
C SER B 404 36.21 29.91 -13.83
N VAL B 405 36.71 29.16 -12.83
CA VAL B 405 38.02 28.54 -12.99
C VAL B 405 37.97 27.46 -14.07
N ILE B 406 36.85 26.77 -14.23
CA ILE B 406 36.71 25.81 -15.33
C ILE B 406 36.81 26.51 -16.67
N LEU B 407 36.14 27.66 -16.81
CA LEU B 407 36.22 28.42 -18.05
C LEU B 407 37.66 28.89 -18.30
N MET B 408 38.34 29.35 -17.25
CA MET B 408 39.71 29.81 -17.41
C MET B 408 40.64 28.67 -17.81
N ASP B 409 40.44 27.48 -17.23
CA ASP B 409 41.27 26.34 -17.58
C ASP B 409 40.97 25.85 -18.99
N LEU B 410 39.72 25.94 -19.44
CA LEU B 410 39.41 25.63 -20.82
C LEU B 410 40.10 26.62 -21.77
N GLU B 411 40.08 27.90 -21.42
CA GLU B 411 40.82 28.90 -22.20
C GLU B 411 42.30 28.58 -22.22
N TYR B 412 42.87 28.20 -21.07
CA TYR B 412 44.28 27.87 -21.03
C TYR B 412 44.58 26.62 -21.85
N MET B 413 43.68 25.65 -21.86
CA MET B 413 43.85 24.48 -22.69
C MET B 413 43.89 24.86 -24.16
N ILE B 414 42.98 25.75 -24.57
CA ILE B 414 42.98 26.22 -25.96
C ILE B 414 44.28 26.95 -26.29
N CYS B 415 44.74 27.83 -25.38
CA CYS B 415 45.99 28.55 -25.59
C CYS B 415 47.18 27.60 -25.68
N PHE B 416 47.23 26.60 -24.81
CA PHE B 416 48.36 25.69 -24.73
C PHE B 416 48.37 24.69 -25.87
N TYR B 417 47.20 24.38 -26.44
CA TYR B 417 47.14 23.48 -27.58
C TYR B 417 47.11 24.21 -28.92
N SER B 418 47.03 25.53 -28.91
CA SER B 418 47.02 26.32 -30.15
C SER B 418 48.38 26.95 -30.43
N LEU B 419 48.91 27.74 -29.49
CA LEU B 419 50.19 28.40 -29.72
C LEU B 419 51.33 27.38 -29.81
N GLU B 420 51.37 26.42 -28.89
CA GLU B 420 52.46 25.46 -28.83
C GLU B 420 51.88 24.09 -28.52
N LEU B 421 52.76 23.15 -28.18
CA LEU B 421 52.47 21.76 -27.79
C LEU B 421 51.03 21.30 -27.97
N TYR B 443 46.71 35.27 -22.32
CA TYR B 443 47.15 36.63 -22.02
C TYR B 443 47.63 37.36 -23.26
N THR B 444 46.95 37.12 -24.38
CA THR B 444 47.30 37.81 -25.62
C THR B 444 47.14 39.32 -25.43
N TYR B 445 45.92 39.76 -25.15
CA TYR B 445 45.68 41.14 -24.73
C TYR B 445 44.47 41.12 -23.80
N GLY B 446 44.73 40.89 -22.51
CA GLY B 446 43.67 40.91 -21.52
C GLY B 446 42.58 39.87 -21.74
N VAL B 447 42.87 38.84 -22.53
CA VAL B 447 41.86 37.81 -22.80
C VAL B 447 41.48 37.08 -21.52
N ARG B 448 42.46 36.83 -20.65
CA ARG B 448 42.18 36.14 -19.40
C ARG B 448 41.24 36.97 -18.51
N ALA B 449 41.43 38.30 -18.50
CA ALA B 449 40.54 39.16 -17.75
C ALA B 449 39.11 39.07 -18.27
N ILE B 450 38.94 39.07 -19.59
CA ILE B 450 37.61 38.93 -20.17
C ILE B 450 37.00 37.59 -19.81
N VAL B 451 37.81 36.53 -19.82
CA VAL B 451 37.28 35.21 -19.48
C VAL B 451 36.83 35.18 -18.03
N GLN B 452 37.59 35.82 -17.13
CA GLN B 452 37.15 35.91 -15.74
C GLN B 452 35.85 36.70 -15.62
N CYS B 453 35.74 37.79 -16.37
CA CYS B 453 34.57 38.66 -16.24
C CYS B 453 33.34 38.14 -16.99
N ILE B 454 33.47 37.09 -17.79
CA ILE B 454 32.30 36.57 -18.51
C ILE B 454 31.15 36.18 -17.59
N PRO B 455 31.34 35.36 -16.54
CA PRO B 455 30.18 35.01 -15.70
C PRO B 455 29.56 36.21 -15.00
N ALA B 456 30.42 37.11 -14.49
CA ALA B 456 29.92 38.32 -13.86
C ALA B 456 29.15 39.16 -14.86
N TRP B 457 29.60 39.21 -16.10
CA TRP B 457 28.85 39.94 -17.12
C TRP B 457 27.51 39.29 -17.40
N LEU B 458 27.46 37.95 -17.47
CA LEU B 458 26.19 37.28 -17.71
C LEU B 458 25.18 37.65 -16.64
N ARG B 459 25.58 37.56 -15.38
CA ARG B 459 24.59 37.88 -14.35
C ARG B 459 24.34 39.39 -14.23
N PHE B 460 25.32 40.22 -14.55
CA PHE B 460 25.08 41.67 -14.61
C PHE B 460 24.00 42.01 -15.62
N ILE B 461 24.09 41.45 -16.82
CA ILE B 461 23.11 41.77 -17.84
C ILE B 461 21.77 41.09 -17.56
N GLN B 462 21.76 39.92 -16.90
CA GLN B 462 20.48 39.37 -16.44
C GLN B 462 19.81 40.29 -15.44
N CYS B 463 20.58 40.84 -14.51
CA CYS B 463 20.00 41.77 -13.54
C CYS B 463 19.45 43.01 -14.22
N LEU B 464 20.17 43.54 -15.22
CA LEU B 464 19.64 44.69 -15.95
C LEU B 464 18.39 44.33 -16.73
N ARG B 465 18.33 43.13 -17.31
CA ARG B 465 17.13 42.71 -18.01
C ARG B 465 15.95 42.61 -17.06
N ARG B 466 16.16 42.08 -15.86
CA ARG B 466 15.07 42.03 -14.89
C ARG B 466 14.71 43.43 -14.41
N TYR B 467 15.65 44.35 -14.39
CA TYR B 467 15.31 45.75 -14.13
C TYR B 467 14.38 46.30 -15.20
N ARG B 468 14.69 46.03 -16.47
CA ARG B 468 13.81 46.48 -17.54
C ARG B 468 12.43 45.85 -17.41
N ASP B 469 12.37 44.56 -17.08
CA ASP B 469 11.09 43.87 -17.05
C ASP B 469 10.26 44.28 -15.84
N THR B 470 10.75 44.00 -14.64
CA THR B 470 9.98 44.25 -13.44
C THR B 470 9.95 45.73 -13.05
N LYS B 471 11.02 46.46 -13.34
CA LYS B 471 11.14 47.87 -13.00
C LYS B 471 11.05 48.09 -11.49
N ARG B 472 11.99 47.46 -10.77
CA ARG B 472 12.21 47.74 -9.36
C ARG B 472 13.70 47.85 -9.13
N ALA B 473 14.13 48.98 -8.58
CA ALA B 473 15.55 49.28 -8.48
C ALA B 473 16.21 48.67 -7.25
N PHE B 474 15.45 48.14 -6.31
CA PHE B 474 16.07 47.66 -5.08
C PHE B 474 16.86 46.37 -5.27
N PRO B 475 16.27 45.26 -5.72
CA PRO B 475 17.03 44.02 -5.81
C PRO B 475 17.80 43.86 -7.10
N HIS B 476 17.68 44.80 -8.05
CA HIS B 476 18.27 44.58 -9.36
C HIS B 476 19.51 45.45 -9.61
N LEU B 477 19.38 46.77 -9.44
CA LEU B 477 20.52 47.64 -9.72
C LEU B 477 21.63 47.45 -8.69
N VAL B 478 21.27 47.14 -7.44
CA VAL B 478 22.29 46.84 -6.43
C VAL B 478 23.08 45.60 -6.82
N ASN B 479 22.37 44.57 -7.28
CA ASN B 479 23.02 43.34 -7.71
C ASN B 479 23.92 43.59 -8.91
N ALA B 480 23.46 44.43 -9.85
CA ALA B 480 24.29 44.81 -10.98
C ALA B 480 25.54 45.54 -10.53
N GLY B 481 25.41 46.43 -9.54
CA GLY B 481 26.58 47.08 -8.99
C GLY B 481 27.57 46.10 -8.40
N LYS B 482 27.07 45.04 -7.78
CA LYS B 482 27.95 43.99 -7.24
C LYS B 482 28.75 43.32 -8.36
N TYR B 483 28.05 42.86 -9.40
CA TYR B 483 28.75 42.19 -10.49
C TYR B 483 29.57 43.15 -11.34
N SER B 484 29.43 44.47 -11.13
CA SER B 484 30.35 45.41 -11.74
C SER B 484 31.56 45.70 -10.86
N THR B 485 31.41 45.65 -9.53
CA THR B 485 32.57 45.74 -8.66
C THR B 485 33.52 44.59 -8.91
N THR B 486 33.00 43.42 -9.28
CA THR B 486 33.90 42.35 -9.71
C THR B 486 34.72 42.76 -10.93
N PHE B 487 34.08 43.42 -11.91
CA PHE B 487 34.81 43.94 -13.07
C PHE B 487 35.91 44.88 -12.64
N PHE B 488 35.59 45.80 -11.73
CA PHE B 488 36.60 46.77 -11.28
C PHE B 488 37.77 46.06 -10.61
N MET B 489 37.49 45.06 -9.77
CA MET B 489 38.54 44.28 -9.15
C MET B 489 39.48 43.70 -10.20
N VAL B 490 38.91 43.00 -11.19
CA VAL B 490 39.76 42.31 -12.18
C VAL B 490 40.56 43.32 -12.98
N THR B 491 39.91 44.40 -13.42
CA THR B 491 40.59 45.38 -14.26
C THR B 491 41.74 46.04 -13.52
N PHE B 492 41.52 46.44 -12.26
CA PHE B 492 42.60 47.09 -11.53
C PHE B 492 43.70 46.13 -11.14
N ALA B 493 43.37 44.85 -10.88
CA ALA B 493 44.44 43.87 -10.66
C ALA B 493 45.29 43.70 -11.91
N ALA B 494 44.66 43.62 -13.08
CA ALA B 494 45.42 43.46 -14.31
C ALA B 494 46.27 44.69 -14.60
N LEU B 495 45.73 45.89 -14.37
CA LEU B 495 46.52 47.10 -14.57
C LEU B 495 47.67 47.19 -13.58
N TYR B 496 47.45 46.75 -12.34
CA TYR B 496 48.55 46.69 -11.38
C TYR B 496 49.65 45.75 -11.86
N SER B 497 49.27 44.57 -12.37
CA SER B 497 50.25 43.63 -12.87
C SER B 497 51.03 44.21 -14.04
N THR B 498 50.33 44.86 -14.98
CA THR B 498 51.00 45.42 -16.14
C THR B 498 51.94 46.56 -15.76
N HIS B 499 51.49 47.44 -14.84
CA HIS B 499 52.30 48.61 -14.48
C HIS B 499 53.38 48.31 -13.46
N LYS B 500 53.36 47.14 -12.81
CA LYS B 500 54.49 46.79 -11.96
C LYS B 500 55.74 46.55 -12.79
N GLU B 501 55.59 46.09 -14.03
CA GLU B 501 56.73 45.95 -14.93
C GLU B 501 57.29 47.32 -15.31
N ARG B 502 56.42 48.30 -15.55
CA ARG B 502 56.88 49.64 -15.86
C ARG B 502 57.66 50.24 -14.70
N GLY B 503 57.19 50.03 -13.48
CA GLY B 503 57.80 50.62 -12.31
C GLY B 503 57.42 52.06 -12.05
N HIS B 504 56.43 52.59 -12.76
CA HIS B 504 56.04 53.98 -12.59
C HIS B 504 55.35 54.19 -11.25
N SER B 505 55.33 55.44 -10.81
CA SER B 505 54.71 55.78 -9.53
C SER B 505 53.22 55.48 -9.50
N ASP B 506 52.58 55.38 -10.67
CA ASP B 506 51.17 55.02 -10.72
C ASP B 506 50.91 53.60 -10.26
N THR B 507 51.95 52.78 -10.13
CA THR B 507 51.77 51.41 -9.68
C THR B 507 51.19 51.37 -8.27
N MET B 508 51.66 52.24 -7.38
CA MET B 508 51.09 52.29 -6.04
C MET B 508 49.67 52.83 -6.03
N VAL B 509 49.35 53.77 -6.93
CA VAL B 509 47.98 54.24 -7.04
C VAL B 509 47.05 53.11 -7.46
N PHE B 510 47.49 52.30 -8.44
CA PHE B 510 46.69 51.15 -8.85
C PHE B 510 46.62 50.10 -7.75
N PHE B 511 47.66 49.96 -6.93
CA PHE B 511 47.57 49.07 -5.79
C PHE B 511 46.54 49.55 -4.78
N TYR B 512 46.49 50.86 -4.52
CA TYR B 512 45.47 51.39 -3.62
C TYR B 512 44.07 51.18 -4.18
N LEU B 513 43.90 51.40 -5.50
CA LEU B 513 42.60 51.13 -6.12
C LEU B 513 42.24 49.66 -6.00
N TRP B 514 43.20 48.77 -6.23
CA TRP B 514 42.92 47.34 -6.11
C TRP B 514 42.52 46.97 -4.69
N ILE B 515 43.21 47.50 -3.68
CA ILE B 515 42.89 47.12 -2.31
C ILE B 515 41.53 47.68 -1.90
N VAL B 516 41.22 48.91 -2.31
CA VAL B 516 39.92 49.47 -1.93
C VAL B 516 38.80 48.73 -2.62
N PHE B 517 38.98 48.37 -3.89
CA PHE B 517 37.92 47.62 -4.58
C PHE B 517 37.86 46.17 -4.11
N TYR B 518 38.98 45.61 -3.67
CA TYR B 518 38.96 44.30 -3.02
C TYR B 518 38.07 44.33 -1.78
N ILE B 519 38.32 45.29 -0.88
CA ILE B 519 37.54 45.34 0.35
C ILE B 519 36.08 45.68 0.04
N ILE B 520 35.84 46.56 -0.95
CA ILE B 520 34.47 46.92 -1.29
C ILE B 520 33.72 45.73 -1.84
N SER B 521 34.31 45.01 -2.79
CA SER B 521 33.63 43.86 -3.37
C SER B 521 33.42 42.76 -2.34
N SER B 522 34.42 42.48 -1.51
CA SER B 522 34.26 41.44 -0.49
C SER B 522 33.14 41.78 0.48
N CYS B 523 33.16 42.99 1.04
CA CYS B 523 32.12 43.40 1.97
C CYS B 523 30.75 43.44 1.29
N TYR B 524 30.70 43.92 0.04
CA TYR B 524 29.45 44.07 -0.67
C TYR B 524 28.81 42.72 -0.92
N THR B 525 29.58 41.78 -1.45
CA THR B 525 29.07 40.44 -1.71
C THR B 525 28.70 39.73 -0.41
N LEU B 526 29.51 39.90 0.64
CA LEU B 526 29.21 39.25 1.91
C LEU B 526 27.87 39.72 2.49
N ILE B 527 27.70 41.05 2.55
CA ILE B 527 26.44 41.59 3.08
C ILE B 527 25.28 41.18 2.20
N TRP B 528 25.43 41.28 0.88
CA TRP B 528 24.33 40.92 -0.01
C TRP B 528 23.94 39.47 0.17
N ASP B 529 24.93 38.57 0.24
CA ASP B 529 24.67 37.17 0.49
C ASP B 529 23.84 37.00 1.76
N LEU B 530 24.44 37.37 2.89
CA LEU B 530 23.86 37.09 4.19
C LEU B 530 22.53 37.80 4.41
N LYS B 531 22.21 38.83 3.63
CA LYS B 531 20.96 39.53 3.84
C LYS B 531 19.89 39.18 2.81
N MET B 532 20.19 39.31 1.52
CA MET B 532 19.17 39.05 0.52
C MET B 532 19.25 37.64 -0.08
N ASP B 533 20.45 37.07 -0.22
CA ASP B 533 20.53 35.76 -0.84
C ASP B 533 20.26 34.64 0.17
N TRP B 534 20.51 34.89 1.45
CA TRP B 534 20.27 33.91 2.49
C TRP B 534 19.11 34.25 3.38
N GLY B 535 18.78 35.54 3.53
CA GLY B 535 17.70 35.96 4.38
C GLY B 535 18.03 36.03 5.86
N LEU B 536 19.28 35.82 6.24
CA LEU B 536 19.65 35.82 7.64
C LEU B 536 19.63 37.24 8.19
N PHE B 537 19.94 37.37 9.48
CA PHE B 537 20.05 38.67 10.15
C PHE B 537 18.77 39.48 10.03
N ASP B 538 17.63 38.82 10.18
CA ASP B 538 16.34 39.47 10.09
C ASP B 538 15.93 40.07 11.43
N LYS B 539 15.21 41.19 11.37
CA LYS B 539 14.72 41.82 12.58
C LYS B 539 13.56 41.05 13.21
N ASN B 540 12.89 40.20 12.43
CA ASN B 540 11.69 39.54 12.91
C ASN B 540 11.99 38.40 13.87
N ALA B 541 13.13 37.74 13.72
CA ALA B 541 13.45 36.62 14.59
C ALA B 541 13.78 37.11 15.99
N GLY B 542 13.15 36.50 16.99
CA GLY B 542 13.42 36.85 18.37
C GLY B 542 14.18 35.77 19.12
N GLU B 543 13.86 34.51 18.83
CA GLU B 543 14.48 33.40 19.53
C GLU B 543 15.66 32.79 18.76
N ASN B 544 15.63 32.87 17.43
CA ASN B 544 16.71 32.33 16.61
C ASN B 544 17.93 33.25 16.58
N THR B 545 17.93 34.33 17.37
CA THR B 545 19.04 35.27 17.46
C THR B 545 19.35 35.87 16.10
N PHE B 546 20.53 35.56 15.55
CA PHE B 546 20.98 36.17 14.32
C PHE B 546 20.48 35.39 13.11
N LEU B 547 19.19 35.11 13.06
CA LEU B 547 18.59 34.35 11.97
C LEU B 547 17.25 35.00 11.64
N ARG B 548 16.40 34.29 10.92
CA ARG B 548 15.06 34.74 10.58
C ARG B 548 14.02 33.88 11.31
N GLU B 549 12.76 34.22 11.11
CA GLU B 549 11.68 33.55 11.84
C GLU B 549 11.62 32.08 11.52
N GLU B 550 11.55 31.73 10.24
CA GLU B 550 11.30 30.37 9.80
C GLU B 550 12.63 29.68 9.48
N ILE B 551 12.85 28.54 10.10
CA ILE B 551 14.04 27.73 9.91
C ILE B 551 13.60 26.35 9.44
N VAL B 552 14.14 25.92 8.30
CA VAL B 552 13.79 24.61 7.76
C VAL B 552 14.73 23.52 8.27
N TYR B 553 16.03 23.79 8.29
CA TYR B 553 17.00 22.77 8.63
C TYR B 553 16.95 22.47 10.13
N PRO B 554 17.20 21.21 10.51
CA PRO B 554 16.92 20.78 11.89
C PRO B 554 17.72 21.51 12.96
N GLN B 555 18.95 21.91 12.68
CA GLN B 555 19.81 22.49 13.70
C GLN B 555 20.27 23.88 13.29
N LYS B 556 20.55 24.71 14.29
CA LYS B 556 20.92 26.10 14.05
C LYS B 556 22.42 26.30 13.88
N ALA B 557 23.24 25.42 14.47
CA ALA B 557 24.69 25.58 14.35
C ALA B 557 25.14 25.53 12.89
N TYR B 558 24.39 24.82 12.05
CA TYR B 558 24.65 24.84 10.61
C TYR B 558 24.70 26.28 10.09
N TYR B 559 23.71 27.08 10.49
CA TYR B 559 23.62 28.45 10.00
C TYR B 559 24.84 29.26 10.43
N TYR B 560 25.24 29.14 11.68
CA TYR B 560 26.37 29.93 12.18
C TYR B 560 27.67 29.53 11.50
N CYS B 561 27.97 28.22 11.47
CA CYS B 561 29.20 27.81 10.82
C CYS B 561 29.21 28.18 9.35
N ALA B 562 28.03 28.17 8.72
CA ALA B 562 27.93 28.63 7.34
C ALA B 562 28.26 30.12 7.24
N ILE B 563 27.81 30.92 8.20
CA ILE B 563 28.14 32.35 8.17
C ILE B 563 29.65 32.55 8.21
N ILE B 564 30.33 31.90 9.17
CA ILE B 564 31.78 32.09 9.28
C ILE B 564 32.50 31.59 8.02
N GLU B 565 32.15 30.39 7.54
CA GLU B 565 32.83 29.88 6.36
C GLU B 565 32.56 30.75 5.14
N ASP B 566 31.35 31.29 5.03
CA ASP B 566 31.02 32.16 3.91
C ASP B 566 31.83 33.44 3.95
N VAL B 567 32.02 34.01 5.15
CA VAL B 567 32.86 35.21 5.26
C VAL B 567 34.27 34.91 4.78
N ILE B 568 34.93 33.92 5.40
CA ILE B 568 36.34 33.69 5.10
C ILE B 568 36.50 33.25 3.65
N LEU B 569 35.55 32.48 3.12
CA LEU B 569 35.67 31.99 1.76
C LEU B 569 35.28 33.03 0.71
N ARG B 570 34.43 34.02 1.02
CA ARG B 570 34.27 35.11 0.06
C ARG B 570 35.55 35.94 -0.02
N PHE B 571 36.19 36.18 1.12
CA PHE B 571 37.47 36.87 1.07
C PHE B 571 38.51 36.07 0.30
N ALA B 572 38.55 34.74 0.51
CA ALA B 572 39.47 33.89 -0.23
C ALA B 572 39.14 33.87 -1.72
N TRP B 573 37.87 33.86 -2.07
CA TRP B 573 37.48 33.89 -3.49
C TRP B 573 37.93 35.17 -4.16
N THR B 574 37.74 36.31 -3.49
CA THR B 574 38.17 37.57 -4.08
C THR B 574 39.69 37.60 -4.24
N ILE B 575 40.43 37.12 -3.23
CA ILE B 575 41.88 37.12 -3.36
C ILE B 575 42.32 36.14 -4.45
N GLN B 576 41.59 35.04 -4.63
CA GLN B 576 41.91 34.09 -5.70
C GLN B 576 41.73 34.73 -7.07
N ILE B 577 40.60 35.44 -7.26
CA ILE B 577 40.37 36.12 -8.53
C ILE B 577 41.49 37.13 -8.79
N SER B 578 41.83 37.90 -7.77
CA SER B 578 42.86 38.93 -7.93
C SER B 578 44.21 38.30 -8.28
N ILE B 579 44.60 37.25 -7.55
CA ILE B 579 45.91 36.63 -7.76
C ILE B 579 45.99 35.95 -9.11
N THR B 580 44.94 35.21 -9.49
CA THR B 580 44.96 34.52 -10.77
C THR B 580 44.84 35.49 -11.94
N SER B 581 44.29 36.69 -11.72
CA SER B 581 44.23 37.68 -12.78
C SER B 581 45.51 38.50 -12.90
N THR B 582 46.47 38.34 -11.99
CA THR B 582 47.70 39.11 -12.00
C THR B 582 48.90 38.20 -12.19
N THR B 583 49.89 38.68 -12.92
CA THR B 583 51.18 38.00 -13.04
C THR B 583 52.16 38.51 -12.00
N LEU B 584 51.75 38.48 -10.73
CA LEU B 584 52.58 39.00 -9.66
C LEU B 584 53.79 38.10 -9.42
N LEU B 585 53.54 36.84 -9.08
CA LEU B 585 54.62 35.89 -8.84
C LEU B 585 54.12 34.47 -9.05
N PRO B 586 54.86 33.65 -9.78
CA PRO B 586 54.41 32.27 -10.07
C PRO B 586 54.59 31.30 -8.90
N HIS B 587 55.22 31.73 -7.80
CA HIS B 587 55.39 30.82 -6.66
C HIS B 587 54.04 30.49 -6.03
N SER B 588 53.35 31.51 -5.52
CA SER B 588 52.02 31.28 -4.96
C SER B 588 50.98 31.07 -6.05
N GLY B 589 51.15 31.74 -7.20
CA GLY B 589 50.20 31.55 -8.28
C GLY B 589 50.18 30.13 -8.77
N ASP B 590 49.00 29.71 -9.25
CA ASP B 590 48.76 28.35 -9.75
C ASP B 590 48.78 27.34 -8.61
N ILE B 591 49.06 27.81 -7.40
CA ILE B 591 48.90 27.01 -6.19
C ILE B 591 47.81 27.58 -5.30
N ILE B 592 47.74 28.91 -5.20
CA ILE B 592 46.65 29.56 -4.48
C ILE B 592 45.32 29.24 -5.15
N ALA B 593 45.25 29.38 -6.47
CA ALA B 593 44.02 29.08 -7.18
C ALA B 593 43.66 27.60 -7.05
N THR B 594 44.66 26.73 -7.18
CA THR B 594 44.39 25.29 -7.12
C THR B 594 43.83 24.87 -5.78
N VAL B 595 44.36 25.41 -4.69
CA VAL B 595 43.91 25.00 -3.37
C VAL B 595 42.64 25.74 -2.97
N PHE B 596 42.36 26.91 -3.55
CA PHE B 596 41.17 27.66 -3.16
C PHE B 596 39.95 27.37 -4.01
N ALA B 597 40.11 26.79 -5.21
CA ALA B 597 38.94 26.52 -6.04
C ALA B 597 37.97 25.52 -5.41
N PRO B 598 38.39 24.36 -4.91
CA PRO B 598 37.42 23.47 -4.24
C PRO B 598 36.77 24.12 -3.04
N LEU B 599 37.49 25.00 -2.34
CA LEU B 599 36.87 25.76 -1.26
C LEU B 599 35.77 26.66 -1.81
N GLU B 600 36.00 27.26 -2.98
CA GLU B 600 34.97 28.09 -3.60
C GLU B 600 33.73 27.27 -3.95
N VAL B 601 33.91 26.06 -4.47
CA VAL B 601 32.76 25.23 -4.78
C VAL B 601 32.04 24.80 -3.50
N PHE B 602 32.78 24.56 -2.43
CA PHE B 602 32.17 24.30 -1.13
C PHE B 602 31.27 25.45 -0.70
N ARG B 603 31.81 26.67 -0.78
CA ARG B 603 31.02 27.84 -0.44
C ARG B 603 29.77 27.92 -1.30
N ARG B 604 29.91 27.62 -2.59
CA ARG B 604 28.76 27.72 -3.47
C ARG B 604 27.69 26.70 -3.15
N PHE B 605 28.05 25.49 -2.74
CA PHE B 605 26.96 24.54 -2.47
C PHE B 605 26.28 24.85 -1.14
N VAL B 606 27.04 25.37 -0.16
CA VAL B 606 26.41 25.90 1.05
C VAL B 606 25.44 27.02 0.71
N TRP B 607 25.89 27.94 -0.15
CA TRP B 607 25.04 29.00 -0.67
C TRP B 607 23.80 28.43 -1.32
N ASN B 608 23.94 27.32 -2.05
CA ASN B 608 22.78 26.70 -2.69
C ASN B 608 21.75 26.29 -1.66
N PHE B 609 22.19 25.56 -0.63
CA PHE B 609 21.28 25.22 0.47
C PHE B 609 20.49 26.42 0.92
N PHE B 610 21.20 27.45 1.38
CA PHE B 610 20.49 28.52 2.09
C PHE B 610 19.71 29.43 1.15
N ARG B 611 20.15 29.60 -0.09
CA ARG B 611 19.37 30.40 -1.03
C ARG B 611 18.09 29.69 -1.42
N LEU B 612 18.14 28.37 -1.64
CA LEU B 612 16.89 27.67 -1.94
C LEU B 612 15.96 27.68 -0.74
N GLU B 613 16.51 27.58 0.47
CA GLU B 613 15.67 27.70 1.65
C GLU B 613 14.99 29.06 1.71
N ASN B 614 15.73 30.13 1.41
CA ASN B 614 15.15 31.46 1.42
C ASN B 614 14.09 31.60 0.33
N GLU B 615 14.35 31.04 -0.85
CA GLU B 615 13.37 31.09 -1.94
C GLU B 615 12.08 30.40 -1.54
N HIS B 616 12.18 29.24 -0.89
CA HIS B 616 10.99 28.55 -0.42
C HIS B 616 10.24 29.37 0.62
N LEU B 617 10.96 29.90 1.60
CA LEU B 617 10.29 30.53 2.74
C LEU B 617 9.84 31.95 2.43
N ASN B 618 10.79 32.84 2.17
CA ASN B 618 10.51 34.27 2.10
C ASN B 618 10.37 34.81 0.69
N ASN B 619 10.40 33.96 -0.32
CA ASN B 619 10.35 34.37 -1.74
C ASN B 619 11.11 35.65 -1.99
N CYS B 620 12.45 35.68 -1.87
CA CYS B 620 13.23 36.90 -2.03
C CYS B 620 13.35 37.34 -3.48
N GLY B 621 13.06 36.45 -4.43
CA GLY B 621 13.05 36.78 -5.84
C GLY B 621 11.64 36.71 -6.39
N GLU B 622 11.30 37.65 -7.27
CA GLU B 622 9.96 37.71 -7.84
C GLU B 622 9.84 36.77 -9.05
N PHE B 623 10.18 35.50 -8.86
CA PHE B 623 10.12 34.53 -9.95
C PHE B 623 8.75 33.89 -10.09
N ARG B 624 7.95 33.85 -9.02
CA ARG B 624 6.63 33.24 -9.03
C ARG B 624 5.68 34.16 -8.28
N ALA B 625 4.42 34.20 -8.73
CA ALA B 625 3.42 35.06 -8.08
C ALA B 625 2.65 34.31 -7.01
N VAL B 626 3.36 33.56 -6.17
CA VAL B 626 2.78 32.98 -4.97
C VAL B 626 3.88 32.79 -3.92
N ARG B 627 3.71 33.38 -2.75
CA ARG B 627 4.69 33.20 -1.69
C ARG B 627 4.53 31.86 -0.99
N ASP B 628 3.29 31.40 -0.84
CA ASP B 628 3.00 30.22 -0.02
C ASP B 628 3.06 28.96 -0.88
N ILE B 629 4.17 28.22 -0.75
CA ILE B 629 4.26 26.88 -1.33
C ILE B 629 3.98 25.81 -0.29
N SER B 630 4.15 26.13 1.00
CA SER B 630 4.02 25.13 2.04
C SER B 630 2.64 24.46 2.00
N VAL B 631 2.64 23.15 2.16
CA VAL B 631 1.44 22.33 1.95
C VAL B 631 0.43 22.61 3.05
N ALA B 632 -0.73 23.13 2.66
CA ALA B 632 -1.80 23.43 3.61
C ALA B 632 -3.13 22.94 3.04
N PRO B 633 -4.05 22.53 3.91
CA PRO B 633 -5.35 22.04 3.43
C PRO B 633 -6.32 23.14 3.07
N LEU B 634 -7.55 22.77 2.75
CA LEU B 634 -8.60 23.73 2.48
C LEU B 634 -9.13 24.33 3.79
N ASN B 635 -9.84 25.45 3.66
CA ASN B 635 -10.33 26.17 4.83
C ASN B 635 -11.50 25.44 5.48
N ALA B 636 -11.67 25.68 6.78
CA ALA B 636 -12.75 25.10 7.55
C ALA B 636 -13.39 26.19 8.40
N ASP B 637 -14.72 26.28 8.37
CA ASP B 637 -15.48 27.34 9.01
C ASP B 637 -16.68 26.77 9.78
N ASP B 638 -16.44 25.74 10.59
CA ASP B 638 -17.53 25.13 11.35
C ASP B 638 -18.22 26.13 12.27
N GLN B 639 -17.54 27.20 12.67
CA GLN B 639 -18.18 28.23 13.48
C GLN B 639 -19.22 29.04 12.71
N THR B 640 -19.27 28.91 11.40
CA THR B 640 -20.29 29.58 10.60
C THR B 640 -21.62 28.87 10.70
N LEU B 641 -21.62 27.54 10.75
CA LEU B 641 -22.84 26.80 11.03
C LEU B 641 -23.36 27.13 12.42
N LEU B 642 -22.45 27.23 13.40
CA LEU B 642 -22.80 27.85 14.67
C LEU B 642 -23.11 29.32 14.44
N GLU B 643 -23.92 29.90 15.34
CA GLU B 643 -24.46 31.25 15.23
C GLU B 643 -25.53 31.29 14.15
N GLN B 644 -25.65 30.19 13.41
CA GLN B 644 -26.82 29.88 12.60
C GLN B 644 -27.52 28.70 13.25
N MET B 645 -28.54 28.16 12.57
CA MET B 645 -29.24 26.96 12.98
C MET B 645 -30.05 27.18 14.26
N MET B 646 -29.95 28.36 14.87
CA MET B 646 -30.55 28.61 16.18
C MET B 646 -31.46 29.83 16.21
N ASP B 647 -31.28 30.80 15.33
CA ASP B 647 -32.01 32.06 15.39
C ASP B 647 -32.40 32.45 13.97
N GLN B 648 -32.86 33.68 13.78
CA GLN B 648 -33.31 34.19 12.48
C GLN B 648 -32.07 34.60 11.70
N ASP B 649 -31.56 33.67 10.87
CA ASP B 649 -30.41 33.93 10.04
C ASP B 649 -30.69 35.04 9.03
N ASP B 650 -31.60 34.78 8.11
CA ASP B 650 -31.97 35.71 7.04
C ASP B 650 -30.69 36.12 6.30
N GLY B 651 -30.66 37.35 5.79
CA GLY B 651 -29.46 37.90 5.20
C GLY B 651 -29.04 37.30 3.87
N VAL B 652 -29.88 36.47 3.26
CA VAL B 652 -29.53 35.88 1.97
C VAL B 652 -29.66 36.90 0.84
N ARG B 653 -30.44 37.95 1.05
CA ARG B 653 -30.56 39.01 0.05
C ARG B 653 -29.29 39.85 0.01
N ASN B 654 -28.99 40.39 -1.18
CA ASN B 654 -27.77 41.18 -1.36
C ASN B 654 -27.79 42.41 -0.47
N ARG B 655 -28.92 43.11 -0.40
CA ARG B 655 -29.02 44.31 0.42
C ARG B 655 -30.35 44.38 1.15
N VAL C 1 -36.17 -46.45 33.01
CA VAL C 1 -37.42 -47.10 32.64
C VAL C 1 -37.41 -47.46 31.16
N ASP C 2 -36.37 -47.00 30.46
CA ASP C 2 -36.22 -47.30 29.03
C ASP C 2 -35.56 -48.65 28.84
N GLU C 3 -35.94 -49.34 27.77
CA GLU C 3 -35.40 -50.65 27.44
C GLU C 3 -34.51 -50.50 26.21
N ARG C 4 -33.25 -50.89 26.34
CA ARG C 4 -32.29 -50.76 25.24
C ARG C 4 -32.32 -52.01 24.37
N ASN C 5 -32.85 -51.88 23.16
CA ASN C 5 -32.78 -52.93 22.15
C ASN C 5 -31.56 -52.80 21.25
N GLU C 6 -30.49 -52.19 21.76
CA GLU C 6 -29.24 -51.89 21.07
C GLU C 6 -29.42 -50.82 19.99
N CYS C 7 -30.62 -50.29 19.80
CA CYS C 7 -30.86 -49.23 18.84
C CYS C 7 -30.59 -47.84 19.42
N GLY C 8 -30.58 -47.70 20.74
CA GLY C 8 -30.35 -46.41 21.36
C GLY C 8 -31.43 -45.39 21.11
N GLN C 9 -32.64 -45.82 20.79
CA GLN C 9 -33.74 -44.93 20.47
C GLN C 9 -34.73 -44.90 21.63
N THR C 10 -35.09 -43.70 22.06
CA THR C 10 -36.02 -43.54 23.16
C THR C 10 -37.43 -43.98 22.74
N PRO C 11 -38.24 -44.42 23.70
CA PRO C 11 -39.63 -44.76 23.37
C PRO C 11 -40.42 -43.59 22.80
N LEU C 12 -40.03 -42.35 23.14
CA LEU C 12 -40.76 -41.18 22.66
C LEU C 12 -40.73 -41.11 21.13
N MET C 13 -39.57 -41.36 20.53
CA MET C 13 -39.46 -41.25 19.08
C MET C 13 -40.28 -42.33 18.37
N ILE C 14 -40.26 -43.56 18.88
CA ILE C 14 -41.01 -44.64 18.25
C ILE C 14 -42.51 -44.42 18.43
N ALA C 15 -42.91 -43.92 19.60
CA ALA C 15 -44.33 -43.73 19.87
C ALA C 15 -44.87 -42.40 19.36
N ALA C 16 -44.00 -41.54 18.82
CA ALA C 16 -44.46 -40.24 18.31
C ALA C 16 -45.40 -40.42 17.12
N GLU C 17 -45.09 -41.36 16.23
CA GLU C 17 -45.92 -41.57 15.05
C GLU C 17 -47.31 -42.06 15.43
N GLN C 18 -47.39 -43.10 16.26
CA GLN C 18 -48.68 -43.58 16.76
C GLN C 18 -49.07 -42.92 18.07
N GLY C 19 -49.04 -41.58 18.07
CA GLY C 19 -49.39 -40.81 19.25
C GLY C 19 -50.84 -40.91 19.63
N ASN C 20 -51.12 -41.36 20.86
CA ASN C 20 -52.47 -41.41 21.39
C ASN C 20 -52.49 -40.72 22.75
N LEU C 21 -53.58 -40.01 23.01
CA LEU C 21 -53.64 -39.18 24.22
C LEU C 21 -53.54 -40.02 25.49
N GLU C 22 -54.21 -41.17 25.52
CA GLU C 22 -54.20 -41.98 26.73
C GLU C 22 -52.84 -42.61 26.98
N ILE C 23 -52.20 -43.15 25.93
CA ILE C 23 -50.89 -43.77 26.10
C ILE C 23 -49.84 -42.69 26.40
N VAL C 24 -49.96 -41.51 25.80
CA VAL C 24 -49.03 -40.43 26.10
C VAL C 24 -49.18 -39.98 27.55
N LYS C 25 -50.43 -39.87 28.04
CA LYS C 25 -50.63 -39.52 29.44
C LYS C 25 -50.09 -40.60 30.37
N GLU C 26 -50.28 -41.87 30.01
CA GLU C 26 -49.74 -42.95 30.82
C GLU C 26 -48.22 -42.91 30.86
N LEU C 27 -47.59 -42.61 29.72
CA LEU C 27 -46.13 -42.56 29.67
C LEU C 27 -45.60 -41.36 30.46
N ILE C 28 -46.23 -40.19 30.31
CA ILE C 28 -45.78 -39.02 31.05
C ILE C 28 -46.07 -39.16 32.54
N LYS C 29 -47.07 -39.95 32.92
CA LYS C 29 -47.26 -40.29 34.33
C LYS C 29 -46.07 -41.08 34.85
N ASN C 30 -45.55 -42.02 34.05
CA ASN C 30 -44.33 -42.75 34.37
C ASN C 30 -43.15 -41.82 34.09
N GLY C 31 -42.85 -40.98 35.08
CA GLY C 31 -41.85 -39.93 34.93
C GLY C 31 -40.51 -40.37 34.40
N ALA C 32 -40.17 -39.90 33.20
CA ALA C 32 -38.88 -40.16 32.58
C ALA C 32 -38.35 -38.85 32.02
N ASN C 33 -37.02 -38.69 32.06
CA ASN C 33 -36.39 -37.44 31.64
C ASN C 33 -36.61 -37.18 30.16
N CYS C 34 -37.37 -36.12 29.84
CA CYS C 34 -37.63 -35.76 28.45
C CYS C 34 -36.41 -35.15 27.77
N ASN C 35 -35.52 -34.52 28.52
CA ASN C 35 -34.39 -33.81 27.95
C ASN C 35 -33.28 -34.76 27.48
N LEU C 36 -33.42 -36.07 27.71
CA LEU C 36 -32.38 -37.01 27.31
C LEU C 36 -32.18 -36.99 25.80
N GLU C 37 -30.93 -37.09 25.38
CA GLU C 37 -30.55 -37.05 23.98
C GLU C 37 -30.68 -38.44 23.37
N ASP C 38 -30.12 -38.61 22.17
CA ASP C 38 -30.15 -39.89 21.47
C ASP C 38 -28.72 -40.30 21.15
N LEU C 39 -28.58 -41.50 20.56
CA LEU C 39 -27.25 -42.00 20.20
C LEU C 39 -26.56 -41.11 19.18
N ASP C 40 -27.31 -40.39 18.35
CA ASP C 40 -26.75 -39.51 17.33
C ASP C 40 -26.98 -38.04 17.68
N ASN C 41 -27.01 -37.72 18.98
CA ASN C 41 -27.23 -36.36 19.47
C ASN C 41 -28.57 -35.79 19.04
N TRP C 42 -29.52 -36.66 18.69
CA TRP C 42 -30.86 -36.23 18.31
C TRP C 42 -31.69 -35.98 19.57
N THR C 43 -32.97 -35.69 19.38
CA THR C 43 -33.88 -35.44 20.49
C THR C 43 -35.29 -35.78 20.03
N ALA C 44 -36.10 -36.30 20.97
CA ALA C 44 -37.49 -36.56 20.66
C ALA C 44 -38.23 -35.29 20.24
N LEU C 45 -37.71 -34.13 20.66
CA LEU C 45 -38.27 -32.86 20.19
C LEU C 45 -38.16 -32.73 18.68
N ILE C 46 -37.08 -33.21 18.08
CA ILE C 46 -36.93 -33.14 16.63
C ILE C 46 -38.01 -33.98 15.95
N SER C 47 -38.24 -35.19 16.46
CA SER C 47 -39.29 -36.04 15.90
C SER C 47 -40.67 -35.42 16.08
N ALA C 48 -40.92 -34.79 17.23
CA ALA C 48 -42.19 -34.11 17.45
C ALA C 48 -42.37 -32.95 16.48
N SER C 49 -41.31 -32.19 16.22
CA SER C 49 -41.39 -31.08 15.29
C SER C 49 -41.51 -31.52 13.85
N LYS C 50 -41.00 -32.70 13.52
CA LYS C 50 -41.00 -33.20 12.14
C LYS C 50 -42.42 -33.47 11.66
N GLU C 51 -43.14 -34.37 12.34
CA GLU C 51 -44.51 -34.68 11.98
C GLU C 51 -45.43 -34.87 13.17
N GLY C 52 -44.97 -34.67 14.40
CA GLY C 52 -45.79 -34.97 15.55
C GLY C 52 -47.00 -34.06 15.64
N HIS C 53 -48.01 -34.53 16.38
CA HIS C 53 -49.23 -33.77 16.55
C HIS C 53 -48.97 -32.50 17.34
N VAL C 54 -49.87 -31.53 17.19
CA VAL C 54 -49.72 -30.25 17.89
C VAL C 54 -49.74 -30.45 19.40
N HIS C 55 -50.58 -31.38 19.87
CA HIS C 55 -50.73 -31.58 21.31
C HIS C 55 -49.42 -32.06 21.94
N ILE C 56 -48.73 -33.00 21.29
CA ILE C 56 -47.50 -33.52 21.87
C ILE C 56 -46.40 -32.46 21.84
N VAL C 57 -46.34 -31.65 20.78
CA VAL C 57 -45.36 -30.57 20.74
C VAL C 57 -45.63 -29.56 21.85
N GLU C 58 -46.89 -29.21 22.06
CA GLU C 58 -47.23 -28.28 23.13
C GLU C 58 -46.88 -28.86 24.49
N GLU C 59 -47.15 -30.15 24.70
CA GLU C 59 -46.82 -30.78 25.98
C GLU C 59 -45.33 -30.85 26.20
N LEU C 60 -44.55 -31.13 25.16
CA LEU C 60 -43.09 -31.17 25.31
C LEU C 60 -42.52 -29.78 25.53
N LEU C 61 -43.16 -28.76 24.96
CA LEU C 61 -42.76 -27.38 25.24
C LEU C 61 -42.94 -27.04 26.72
N LYS C 62 -44.01 -27.57 27.33
CA LYS C 62 -44.26 -27.33 28.74
C LYS C 62 -43.17 -27.97 29.60
N CYS C 63 -42.91 -27.34 30.75
CA CYS C 63 -41.91 -27.77 31.73
C CYS C 63 -40.50 -27.53 31.20
N GLY C 64 -39.55 -27.34 32.11
CA GLY C 64 -38.19 -27.01 31.72
C GLY C 64 -37.52 -28.07 30.87
N VAL C 65 -37.33 -27.76 29.59
CA VAL C 65 -36.63 -28.63 28.66
C VAL C 65 -35.66 -27.78 27.84
N ASN C 66 -34.64 -28.43 27.30
CA ASN C 66 -33.63 -27.73 26.50
C ASN C 66 -34.23 -27.44 25.13
N LEU C 67 -34.89 -26.28 25.03
CA LEU C 67 -35.50 -25.90 23.76
C LEU C 67 -34.46 -25.66 22.68
N GLU C 68 -33.35 -25.01 23.04
CA GLU C 68 -32.30 -24.66 22.09
C GLU C 68 -31.20 -25.73 22.19
N HIS C 69 -31.44 -26.85 21.52
CA HIS C 69 -30.51 -27.97 21.50
C HIS C 69 -29.90 -28.09 20.11
N ARG C 70 -28.63 -28.51 20.07
CA ARG C 70 -27.90 -28.67 18.83
C ARG C 70 -27.75 -30.16 18.53
N ASP C 71 -28.05 -30.54 17.29
CA ASP C 71 -27.97 -31.94 16.88
C ASP C 71 -26.56 -32.25 16.38
N MET C 72 -26.40 -33.40 15.73
CA MET C 72 -25.08 -33.80 15.25
C MET C 72 -24.51 -32.77 14.27
N GLY C 73 -25.32 -32.32 13.33
CA GLY C 73 -24.92 -31.31 12.38
C GLY C 73 -25.13 -29.89 12.85
N GLY C 74 -25.52 -29.70 14.11
CA GLY C 74 -25.77 -28.38 14.63
C GLY C 74 -27.12 -27.80 14.26
N TRP C 75 -28.00 -28.58 13.64
CA TRP C 75 -29.31 -28.10 13.23
C TRP C 75 -30.26 -28.18 14.42
N THR C 76 -30.76 -27.03 14.86
CA THR C 76 -31.69 -26.98 15.96
C THR C 76 -33.05 -27.52 15.51
N ALA C 77 -34.01 -27.49 16.44
CA ALA C 77 -35.38 -27.86 16.09
C ALA C 77 -35.94 -26.91 15.05
N LEU C 78 -35.64 -25.61 15.17
CA LEU C 78 -36.15 -24.63 14.22
C LEU C 78 -35.61 -24.88 12.82
N MET C 79 -34.33 -25.22 12.70
CA MET C 79 -33.75 -25.45 11.38
C MET C 79 -34.40 -26.64 10.68
N TRP C 80 -34.59 -27.74 11.41
CA TRP C 80 -35.21 -28.91 10.80
C TRP C 80 -36.68 -28.65 10.51
N ALA C 81 -37.34 -27.85 11.34
CA ALA C 81 -38.74 -27.52 11.08
C ALA C 81 -38.90 -26.61 9.87
N CYS C 82 -37.94 -25.71 9.64
CA CYS C 82 -37.99 -24.87 8.45
C CYS C 82 -37.62 -25.65 7.18
N TYR C 83 -36.59 -26.48 7.26
CA TYR C 83 -36.16 -27.25 6.11
C TYR C 83 -37.25 -28.23 5.68
N LYS C 84 -37.65 -29.12 6.58
CA LYS C 84 -38.82 -29.97 6.35
C LYS C 84 -40.05 -29.11 6.59
N GLY C 85 -40.58 -28.52 5.51
CA GLY C 85 -41.58 -27.48 5.61
C GLY C 85 -42.81 -27.79 6.42
N ARG C 86 -43.07 -26.97 7.43
CA ARG C 86 -44.28 -27.09 8.24
C ARG C 86 -44.51 -25.73 8.91
N THR C 87 -45.54 -25.01 8.45
CA THR C 87 -45.82 -23.69 9.01
C THR C 87 -46.14 -23.79 10.50
N ASP C 88 -46.99 -24.75 10.87
CA ASP C 88 -47.22 -25.02 12.27
C ASP C 88 -45.97 -25.66 12.88
N VAL C 89 -45.93 -25.68 14.21
CA VAL C 89 -44.76 -26.09 14.99
C VAL C 89 -43.69 -25.01 14.86
N VAL C 90 -43.38 -24.60 13.62
CA VAL C 90 -42.56 -23.41 13.43
C VAL C 90 -43.23 -22.20 14.07
N GLU C 91 -44.55 -22.06 13.86
CA GLU C 91 -45.28 -20.97 14.49
C GLU C 91 -45.15 -21.00 16.00
N LEU C 92 -45.34 -22.19 16.60
CA LEU C 92 -45.28 -22.31 18.05
C LEU C 92 -43.89 -22.02 18.58
N LEU C 93 -42.85 -22.53 17.89
CA LEU C 93 -41.48 -22.27 18.33
C LEU C 93 -41.14 -20.79 18.25
N LEU C 94 -41.54 -20.13 17.15
CA LEU C 94 -41.25 -18.71 17.01
C LEU C 94 -42.01 -17.88 18.03
N SER C 95 -43.27 -18.23 18.31
CA SER C 95 -44.03 -17.51 19.32
C SER C 95 -43.51 -17.78 20.73
N HIS C 96 -42.91 -18.93 20.97
CA HIS C 96 -42.35 -19.26 22.28
C HIS C 96 -40.97 -18.65 22.51
N GLY C 97 -40.31 -18.17 21.46
CA GLY C 97 -39.01 -17.55 21.58
C GLY C 97 -37.84 -18.36 21.07
N ALA C 98 -38.08 -19.35 20.21
CA ALA C 98 -36.97 -20.10 19.63
C ALA C 98 -36.09 -19.16 18.81
N ASN C 99 -34.78 -19.37 18.90
CA ASN C 99 -33.83 -18.44 18.31
C ASN C 99 -33.82 -18.56 16.79
N PRO C 100 -34.12 -17.50 16.04
CA PRO C 100 -34.05 -17.58 14.58
C PRO C 100 -32.64 -17.33 14.05
N SER C 101 -31.81 -16.70 14.88
CA SER C 101 -30.48 -16.26 14.47
C SER C 101 -29.41 -17.33 14.65
N VAL C 102 -29.80 -18.56 15.03
CA VAL C 102 -28.81 -19.62 15.18
C VAL C 102 -28.18 -19.94 13.83
N THR C 103 -26.90 -20.32 13.87
CA THR C 103 -26.10 -20.56 12.68
C THR C 103 -25.77 -22.04 12.59
N GLY C 104 -26.02 -22.63 11.43
CA GLY C 104 -25.71 -24.04 11.24
C GLY C 104 -24.22 -24.28 11.12
N LEU C 105 -23.82 -25.53 11.40
CA LEU C 105 -22.42 -25.89 11.29
C LEU C 105 -21.93 -25.89 9.84
N TYR C 106 -22.85 -25.94 8.88
CA TYR C 106 -22.51 -25.84 7.46
C TYR C 106 -22.51 -24.40 6.97
N SER C 107 -22.55 -23.44 7.89
CA SER C 107 -22.59 -22.01 7.56
C SER C 107 -23.79 -21.68 6.68
N VAL C 108 -24.92 -22.33 6.96
CA VAL C 108 -26.18 -22.05 6.28
C VAL C 108 -27.23 -21.77 7.33
N TYR C 109 -27.97 -20.69 7.15
CA TYR C 109 -28.94 -20.22 8.12
C TYR C 109 -30.33 -20.73 7.78
N PRO C 110 -31.25 -20.73 8.75
CA PRO C 110 -32.61 -21.23 8.46
C PRO C 110 -33.29 -20.50 7.32
N ILE C 111 -33.07 -19.20 7.19
CA ILE C 111 -33.74 -18.43 6.14
C ILE C 111 -33.28 -18.92 4.76
N ILE C 112 -32.01 -19.30 4.64
CA ILE C 112 -31.51 -19.80 3.36
C ILE C 112 -32.20 -21.11 2.99
N TRP C 113 -32.34 -22.02 3.95
CA TRP C 113 -33.03 -23.28 3.68
C TRP C 113 -34.49 -23.03 3.33
N ALA C 114 -35.15 -22.13 4.06
CA ALA C 114 -36.56 -21.84 3.78
C ALA C 114 -36.73 -21.23 2.38
N ALA C 115 -35.83 -20.34 1.98
CA ALA C 115 -35.95 -19.70 0.66
C ALA C 115 -35.62 -20.69 -0.46
N GLY C 116 -34.55 -21.47 -0.30
CA GLY C 116 -34.19 -22.43 -1.34
C GLY C 116 -35.21 -23.53 -1.51
N ARG C 117 -35.72 -24.07 -0.40
CA ARG C 117 -36.76 -25.08 -0.49
C ARG C 117 -38.06 -24.50 -1.05
N GLY C 118 -38.28 -23.20 -0.87
CA GLY C 118 -39.43 -22.53 -1.41
C GLY C 118 -40.60 -22.32 -0.48
N HIS C 119 -40.43 -22.60 0.82
CA HIS C 119 -41.52 -22.44 1.78
C HIS C 119 -41.68 -20.95 2.07
N ALA C 120 -42.56 -20.30 1.30
CA ALA C 120 -42.71 -18.86 1.41
C ALA C 120 -43.27 -18.45 2.76
N ASP C 121 -44.21 -19.23 3.31
CA ASP C 121 -44.81 -18.88 4.59
C ASP C 121 -43.78 -18.92 5.72
N ILE C 122 -42.88 -19.90 5.71
CA ILE C 122 -41.82 -19.95 6.70
C ILE C 122 -40.89 -18.75 6.54
N VAL C 123 -40.65 -18.34 5.29
CA VAL C 123 -39.83 -17.15 5.06
C VAL C 123 -40.50 -15.92 5.65
N HIS C 124 -41.81 -15.78 5.44
CA HIS C 124 -42.54 -14.65 6.00
C HIS C 124 -42.49 -14.66 7.52
N LEU C 125 -42.70 -15.83 8.13
CA LEU C 125 -42.64 -15.93 9.59
C LEU C 125 -41.26 -15.56 10.11
N LEU C 126 -40.21 -16.06 9.47
CA LEU C 126 -38.86 -15.76 9.90
C LEU C 126 -38.55 -14.28 9.76
N LEU C 127 -38.96 -13.66 8.65
CA LEU C 127 -38.73 -12.24 8.46
C LEU C 127 -39.48 -11.42 9.50
N GLN C 128 -40.71 -11.83 9.84
CA GLN C 128 -41.49 -11.09 10.83
C GLN C 128 -40.89 -11.19 12.22
N ASN C 129 -40.12 -12.25 12.51
CA ASN C 129 -39.47 -12.40 13.80
C ASN C 129 -38.08 -11.79 13.83
N GLY C 130 -37.67 -11.09 12.77
CA GLY C 130 -36.40 -10.40 12.78
C GLY C 130 -35.21 -11.20 12.30
N ALA C 131 -35.42 -12.30 11.58
CA ALA C 131 -34.30 -13.02 11.00
C ALA C 131 -33.53 -12.13 10.05
N LYS C 132 -32.20 -12.15 10.16
CA LYS C 132 -31.37 -11.22 9.40
C LYS C 132 -31.52 -11.47 7.91
N VAL C 133 -31.78 -10.40 7.16
CA VAL C 133 -32.12 -10.51 5.74
C VAL C 133 -30.88 -10.54 4.86
N ASN C 134 -29.91 -9.68 5.15
CA ASN C 134 -28.71 -9.54 4.32
C ASN C 134 -27.60 -10.51 4.74
N CYS C 135 -27.96 -11.64 5.36
CA CYS C 135 -26.97 -12.64 5.71
C CYS C 135 -26.44 -13.31 4.44
N SER C 136 -25.40 -14.12 4.62
CA SER C 136 -24.74 -14.77 3.50
C SER C 136 -24.42 -16.21 3.85
N ASP C 137 -24.33 -17.04 2.82
CA ASP C 137 -23.88 -18.42 2.95
C ASP C 137 -22.36 -18.42 3.07
N LYS C 138 -21.76 -19.60 3.16
CA LYS C 138 -20.31 -19.68 3.29
C LYS C 138 -19.58 -19.28 2.03
N TYR C 139 -20.29 -19.11 0.91
CA TYR C 139 -19.71 -18.55 -0.30
C TYR C 139 -20.16 -17.12 -0.57
N GLY C 140 -20.90 -16.51 0.35
CA GLY C 140 -21.43 -15.18 0.13
C GLY C 140 -22.77 -15.12 -0.56
N THR C 141 -23.51 -16.23 -0.60
CA THR C 141 -24.80 -16.29 -1.28
C THR C 141 -25.88 -15.81 -0.32
N THR C 142 -26.42 -14.63 -0.60
CA THR C 142 -27.54 -14.12 0.17
C THR C 142 -28.78 -14.97 -0.09
N PRO C 143 -29.77 -14.92 0.81
CA PRO C 143 -31.01 -15.67 0.56
C PRO C 143 -31.73 -15.23 -0.70
N LEU C 144 -31.50 -14.01 -1.18
CA LEU C 144 -32.14 -13.57 -2.41
C LEU C 144 -31.68 -14.40 -3.60
N VAL C 145 -30.38 -14.68 -3.69
CA VAL C 145 -29.86 -15.49 -4.79
C VAL C 145 -30.44 -16.90 -4.72
N TRP C 146 -30.48 -17.48 -3.52
CA TRP C 146 -31.02 -18.83 -3.36
C TRP C 146 -32.50 -18.88 -3.74
N ALA C 147 -33.26 -17.86 -3.35
CA ALA C 147 -34.69 -17.84 -3.68
C ALA C 147 -34.91 -17.64 -5.17
N ALA C 148 -34.13 -16.76 -5.80
CA ALA C 148 -34.32 -16.47 -7.21
C ALA C 148 -33.68 -17.51 -8.12
N ARG C 149 -32.88 -18.43 -7.56
CA ARG C 149 -32.26 -19.46 -8.39
C ARG C 149 -33.31 -20.32 -9.08
N LYS C 150 -34.31 -20.77 -8.33
CA LYS C 150 -35.39 -21.57 -8.89
C LYS C 150 -36.62 -20.74 -9.22
N GLY C 151 -36.54 -19.42 -9.13
CA GLY C 151 -37.66 -18.56 -9.48
C GLY C 151 -38.86 -18.69 -8.58
N HIS C 152 -38.64 -18.79 -7.27
CA HIS C 152 -39.74 -18.83 -6.32
C HIS C 152 -40.27 -17.41 -6.16
N LEU C 153 -41.36 -17.11 -6.88
CA LEU C 153 -41.87 -15.74 -6.92
C LEU C 153 -42.28 -15.26 -5.54
N GLU C 154 -42.98 -16.12 -4.78
CA GLU C 154 -43.46 -15.69 -3.47
C GLU C 154 -42.31 -15.45 -2.50
N CYS C 155 -41.31 -16.34 -2.51
CA CYS C 155 -40.17 -16.16 -1.62
C CYS C 155 -39.40 -14.89 -1.97
N VAL C 156 -39.17 -14.64 -3.26
CA VAL C 156 -38.44 -13.45 -3.67
C VAL C 156 -39.24 -12.19 -3.32
N LYS C 157 -40.55 -12.21 -3.55
CA LYS C 157 -41.38 -11.07 -3.20
C LYS C 157 -41.33 -10.78 -1.71
N HIS C 158 -41.48 -11.84 -0.89
CA HIS C 158 -41.44 -11.64 0.56
C HIS C 158 -40.09 -11.14 1.03
N LEU C 159 -39.00 -11.65 0.46
CA LEU C 159 -37.68 -11.22 0.89
C LEU C 159 -37.35 -9.81 0.43
N LEU C 160 -37.82 -9.43 -0.77
CA LEU C 160 -37.60 -8.08 -1.27
C LEU C 160 -38.52 -7.06 -0.60
N ALA C 161 -39.61 -7.52 0.02
CA ALA C 161 -40.44 -6.61 0.80
C ALA C 161 -39.64 -5.98 1.95
N MET C 162 -38.67 -6.72 2.49
CA MET C 162 -37.82 -6.16 3.54
C MET C 162 -36.81 -5.16 2.99
N GLY C 163 -36.30 -5.41 1.79
CA GLY C 163 -35.28 -4.54 1.22
C GLY C 163 -33.94 -5.20 1.03
N ALA C 164 -33.96 -6.49 0.71
CA ALA C 164 -32.71 -7.24 0.54
C ALA C 164 -31.91 -6.67 -0.62
N ASP C 165 -30.59 -6.63 -0.44
CA ASP C 165 -29.71 -6.10 -1.47
C ASP C 165 -29.69 -7.00 -2.69
N VAL C 166 -29.59 -6.39 -3.87
CA VAL C 166 -29.55 -7.12 -5.13
C VAL C 166 -28.15 -7.12 -5.72
N ASP C 167 -27.42 -6.01 -5.58
CA ASP C 167 -26.08 -5.92 -6.13
C ASP C 167 -25.11 -6.90 -5.46
N GLN C 168 -25.43 -7.40 -4.28
CA GLN C 168 -24.56 -8.36 -3.60
C GLN C 168 -24.42 -9.62 -4.43
N GLU C 169 -23.19 -10.10 -4.58
CA GLU C 169 -22.89 -11.23 -5.45
C GLU C 169 -22.82 -12.51 -4.61
N GLY C 170 -23.54 -13.53 -5.06
CA GLY C 170 -23.56 -14.81 -4.38
C GLY C 170 -22.40 -15.69 -4.79
N ALA C 171 -22.61 -17.01 -4.63
CA ALA C 171 -21.58 -17.97 -4.98
C ALA C 171 -21.33 -17.97 -6.47
N ASN C 172 -20.09 -18.31 -6.84
CA ASN C 172 -19.71 -18.53 -8.24
C ASN C 172 -19.93 -17.29 -9.09
N SER C 173 -19.79 -16.11 -8.48
CA SER C 173 -19.94 -14.83 -9.15
C SER C 173 -21.32 -14.70 -9.81
N MET C 174 -22.35 -14.83 -8.99
CA MET C 174 -23.73 -14.77 -9.44
C MET C 174 -24.50 -13.74 -8.61
N THR C 175 -25.36 -12.99 -9.28
CA THR C 175 -26.29 -12.08 -8.62
C THR C 175 -27.70 -12.63 -8.76
N ALA C 176 -28.65 -11.94 -8.12
CA ALA C 176 -30.04 -12.39 -8.19
C ALA C 176 -30.58 -12.32 -9.62
N LEU C 177 -30.28 -11.23 -10.32
CA LEU C 177 -30.81 -11.05 -11.67
C LEU C 177 -30.28 -12.13 -12.62
N ILE C 178 -28.98 -12.42 -12.54
CA ILE C 178 -28.40 -13.38 -13.48
C ILE C 178 -28.97 -14.78 -13.26
N VAL C 179 -29.07 -15.21 -11.99
CA VAL C 179 -29.62 -16.55 -11.74
C VAL C 179 -31.10 -16.62 -12.09
N ALA C 180 -31.84 -15.53 -11.86
CA ALA C 180 -33.24 -15.53 -12.28
C ALA C 180 -33.36 -15.63 -13.80
N VAL C 181 -32.49 -14.93 -14.52
CA VAL C 181 -32.52 -14.98 -15.99
C VAL C 181 -32.15 -16.38 -16.48
N LYS C 182 -31.19 -17.03 -15.83
CA LYS C 182 -30.78 -18.37 -16.27
C LYS C 182 -31.95 -19.34 -16.24
N GLY C 183 -32.78 -19.28 -15.20
CA GLY C 183 -33.94 -20.14 -15.12
C GLY C 183 -35.13 -19.72 -15.94
N GLY C 184 -35.07 -18.54 -16.56
CA GLY C 184 -36.16 -18.07 -17.40
C GLY C 184 -37.45 -17.77 -16.68
N TYR C 185 -37.36 -17.14 -15.50
CA TYR C 185 -38.54 -16.80 -14.71
C TYR C 185 -38.82 -15.32 -14.94
N THR C 186 -39.77 -15.04 -15.83
CA THR C 186 -40.00 -13.68 -16.29
C THR C 186 -40.46 -12.77 -15.16
N GLN C 187 -41.49 -13.19 -14.42
CA GLN C 187 -42.01 -12.33 -13.36
C GLN C 187 -41.01 -12.16 -12.22
N SER C 188 -40.19 -13.19 -11.96
CA SER C 188 -39.10 -13.01 -11.00
C SER C 188 -38.11 -11.95 -11.50
N VAL C 189 -37.82 -11.95 -12.80
CA VAL C 189 -36.93 -10.95 -13.36
C VAL C 189 -37.52 -9.55 -13.20
N LYS C 190 -38.83 -9.42 -13.45
CA LYS C 190 -39.48 -8.13 -13.24
C LYS C 190 -39.41 -7.69 -11.79
N GLU C 191 -39.66 -8.63 -10.86
CA GLU C 191 -39.60 -8.31 -9.43
C GLU C 191 -38.23 -7.84 -9.02
N ILE C 192 -37.18 -8.53 -9.50
CA ILE C 192 -35.82 -8.10 -9.17
C ILE C 192 -35.51 -6.75 -9.80
N LEU C 193 -35.88 -6.56 -11.06
CA LEU C 193 -35.59 -5.33 -11.77
C LEU C 193 -36.33 -4.13 -11.18
N LYS C 194 -37.43 -4.37 -10.46
CA LYS C 194 -38.15 -3.27 -9.85
C LYS C 194 -37.36 -2.55 -8.78
N ARG C 195 -36.25 -3.11 -8.31
CA ARG C 195 -35.45 -2.52 -7.24
C ARG C 195 -34.10 -2.00 -7.74
N ASN C 196 -34.02 -1.65 -9.02
CA ASN C 196 -32.84 -1.04 -9.62
C ASN C 196 -31.57 -1.87 -9.45
N PRO C 197 -31.49 -3.04 -10.08
CA PRO C 197 -30.25 -3.81 -10.03
C PRO C 197 -29.18 -3.20 -10.92
N ASN C 198 -27.94 -3.63 -10.69
CA ASN C 198 -26.84 -3.28 -11.57
C ASN C 198 -26.82 -4.33 -12.68
N VAL C 199 -27.57 -4.04 -13.75
CA VAL C 199 -27.83 -5.03 -14.78
C VAL C 199 -26.55 -5.50 -15.48
N ASN C 200 -25.52 -4.67 -15.50
CA ASN C 200 -24.33 -4.92 -16.31
C ASN C 200 -23.34 -5.86 -15.64
N LEU C 201 -23.63 -6.37 -14.45
CA LEU C 201 -22.71 -7.26 -13.77
C LEU C 201 -22.52 -8.55 -14.56
N THR C 202 -21.34 -9.16 -14.40
CA THR C 202 -20.96 -10.34 -15.16
C THR C 202 -21.09 -11.58 -14.28
N ASP C 203 -21.32 -12.72 -14.95
CA ASP C 203 -21.45 -13.99 -14.28
C ASP C 203 -20.07 -14.65 -14.21
N LYS C 204 -20.02 -15.93 -13.84
CA LYS C 204 -18.75 -16.66 -13.81
C LYS C 204 -18.12 -16.72 -15.20
N ASP C 205 -18.92 -17.10 -16.21
CA ASP C 205 -18.41 -17.18 -17.57
C ASP C 205 -18.18 -15.80 -18.19
N GLY C 206 -18.61 -14.74 -17.53
CA GLY C 206 -18.57 -13.41 -18.11
C GLY C 206 -19.83 -13.02 -18.85
N ASN C 207 -20.78 -13.93 -19.00
CA ASN C 207 -22.02 -13.62 -19.70
C ASN C 207 -22.92 -12.76 -18.81
N THR C 208 -23.44 -11.68 -19.38
CA THR C 208 -24.34 -10.79 -18.66
C THR C 208 -25.77 -11.34 -18.72
N ALA C 209 -26.70 -10.62 -18.10
CA ALA C 209 -28.09 -11.06 -18.11
C ALA C 209 -28.67 -11.08 -19.51
N LEU C 210 -28.38 -10.04 -20.30
CA LEU C 210 -28.93 -9.96 -21.65
C LEU C 210 -28.40 -11.08 -22.54
N MET C 211 -27.10 -11.39 -22.43
CA MET C 211 -26.54 -12.43 -23.28
C MET C 211 -27.16 -13.79 -23.00
N ILE C 212 -27.32 -14.13 -21.71
CA ILE C 212 -27.92 -15.41 -21.35
C ILE C 212 -29.39 -15.44 -21.78
N ALA C 213 -30.11 -14.34 -21.55
CA ALA C 213 -31.52 -14.30 -21.94
C ALA C 213 -31.68 -14.44 -23.44
N SER C 214 -30.77 -13.85 -24.22
CA SER C 214 -30.86 -13.94 -25.67
C SER C 214 -30.50 -15.33 -26.17
N LYS C 215 -29.44 -15.93 -25.62
CA LYS C 215 -29.05 -17.26 -26.05
C LYS C 215 -30.13 -18.29 -25.71
N GLU C 216 -30.70 -18.22 -24.51
CA GLU C 216 -31.78 -19.13 -24.15
C GLU C 216 -33.01 -18.88 -25.00
N GLY C 217 -33.33 -17.62 -25.26
CA GLY C 217 -34.44 -17.25 -26.10
C GLY C 217 -35.64 -16.65 -25.41
N HIS C 218 -35.49 -16.17 -24.18
CA HIS C 218 -36.61 -15.59 -23.44
C HIS C 218 -36.86 -14.18 -23.95
N THR C 219 -37.84 -14.03 -24.84
CA THR C 219 -38.10 -12.72 -25.43
C THR C 219 -38.58 -11.72 -24.39
N GLU C 220 -39.44 -12.14 -23.47
CA GLU C 220 -39.93 -11.23 -22.45
C GLU C 220 -38.82 -10.73 -21.55
N ILE C 221 -37.91 -11.64 -21.13
CA ILE C 221 -36.79 -11.23 -20.29
C ILE C 221 -35.87 -10.28 -21.05
N VAL C 222 -35.63 -10.55 -22.34
CA VAL C 222 -34.78 -9.68 -23.15
C VAL C 222 -35.39 -8.29 -23.24
N GLN C 223 -36.69 -8.22 -23.52
CA GLN C 223 -37.33 -6.91 -23.62
C GLN C 223 -37.33 -6.16 -22.29
N ASP C 224 -37.55 -6.88 -21.19
CA ASP C 224 -37.52 -6.22 -19.88
C ASP C 224 -36.13 -5.68 -19.56
N LEU C 225 -35.10 -6.47 -19.84
CA LEU C 225 -33.73 -6.00 -19.61
C LEU C 225 -33.41 -4.80 -20.49
N LEU C 226 -33.84 -4.84 -21.75
CA LEU C 226 -33.62 -3.70 -22.65
C LEU C 226 -34.30 -2.45 -22.12
N ASP C 227 -35.54 -2.59 -21.65
CA ASP C 227 -36.24 -1.46 -21.06
C ASP C 227 -35.52 -0.97 -19.81
N ALA C 228 -34.86 -1.88 -19.09
CA ALA C 228 -34.14 -1.50 -17.88
C ALA C 228 -32.91 -0.65 -18.17
N GLY C 229 -32.35 -0.76 -19.37
CA GLY C 229 -31.18 0.01 -19.71
C GLY C 229 -29.91 -0.81 -19.78
N THR C 230 -30.03 -2.03 -20.28
CA THR C 230 -28.87 -2.91 -20.40
C THR C 230 -27.96 -2.44 -21.51
N TYR C 231 -26.65 -2.50 -21.26
CA TYR C 231 -25.66 -2.15 -22.28
C TYR C 231 -25.68 -3.25 -23.34
N VAL C 232 -26.16 -2.90 -24.54
CA VAL C 232 -26.57 -3.92 -25.49
C VAL C 232 -25.37 -4.70 -26.03
N ASN C 233 -24.34 -3.99 -26.47
CA ASN C 233 -23.31 -4.60 -27.31
C ASN C 233 -22.04 -4.94 -26.53
N ILE C 234 -22.17 -5.36 -25.27
CA ILE C 234 -21.04 -5.90 -24.53
C ILE C 234 -20.64 -7.21 -25.17
N PRO C 235 -19.39 -7.38 -25.61
CA PRO C 235 -18.99 -8.61 -26.29
C PRO C 235 -18.45 -9.67 -25.33
N ASP C 236 -18.80 -10.91 -25.62
CA ASP C 236 -18.25 -12.04 -24.87
C ASP C 236 -16.82 -12.32 -25.34
N ARG C 237 -16.12 -13.14 -24.56
CA ARG C 237 -14.76 -13.54 -24.94
C ARG C 237 -14.73 -14.32 -26.25
N SER C 238 -15.85 -14.92 -26.65
CA SER C 238 -15.93 -15.56 -27.95
C SER C 238 -15.92 -14.56 -29.10
N GLY C 239 -16.03 -13.26 -28.80
CA GLY C 239 -16.10 -12.24 -29.83
C GLY C 239 -17.49 -11.99 -30.37
N ASP C 240 -18.51 -12.65 -29.83
CA ASP C 240 -19.86 -12.54 -30.32
C ASP C 240 -20.60 -11.39 -29.64
N THR C 241 -21.50 -10.77 -30.38
CA THR C 241 -22.38 -9.72 -29.88
C THR C 241 -23.74 -10.34 -29.57
N VAL C 242 -24.46 -9.72 -28.63
CA VAL C 242 -25.77 -10.22 -28.25
C VAL C 242 -26.70 -10.30 -29.46
N LEU C 243 -26.57 -9.35 -30.39
CA LEU C 243 -27.31 -9.46 -31.64
C LEU C 243 -26.87 -10.68 -32.44
N ILE C 244 -25.56 -10.95 -32.46
CA ILE C 244 -25.06 -12.14 -33.15
C ILE C 244 -25.62 -13.40 -32.50
N GLY C 245 -25.63 -13.44 -31.17
CA GLY C 245 -26.20 -14.59 -30.48
C GLY C 245 -27.68 -14.77 -30.78
N ALA C 246 -28.43 -13.68 -30.80
CA ALA C 246 -29.86 -13.77 -31.10
C ALA C 246 -30.11 -14.25 -32.52
N VAL C 247 -29.35 -13.72 -33.48
CA VAL C 247 -29.58 -14.11 -34.88
C VAL C 247 -29.11 -15.54 -35.12
N ARG C 248 -28.07 -16.00 -34.42
CA ARG C 248 -27.63 -17.38 -34.60
C ARG C 248 -28.59 -18.36 -33.94
N GLY C 249 -29.11 -18.00 -32.78
CA GLY C 249 -30.01 -18.90 -32.07
C GLY C 249 -31.30 -19.16 -32.82
N GLY C 250 -31.72 -18.22 -33.68
CA GLY C 250 -32.95 -18.37 -34.41
C GLY C 250 -34.11 -17.68 -33.72
N HIS C 251 -33.89 -16.45 -33.29
CA HIS C 251 -34.87 -15.71 -32.48
C HIS C 251 -35.19 -14.41 -33.22
N VAL C 252 -36.20 -14.45 -34.08
CA VAL C 252 -36.57 -13.27 -34.87
C VAL C 252 -37.03 -12.14 -33.95
N GLU C 253 -37.86 -12.48 -32.95
CA GLU C 253 -38.39 -11.46 -32.06
C GLU C 253 -37.27 -10.77 -31.29
N ILE C 254 -36.29 -11.54 -30.82
CA ILE C 254 -35.18 -10.94 -30.07
C ILE C 254 -34.33 -10.07 -30.98
N VAL C 255 -34.14 -10.48 -32.24
CA VAL C 255 -33.39 -9.65 -33.19
C VAL C 255 -34.11 -8.32 -33.41
N ARG C 256 -35.43 -8.38 -33.62
CA ARG C 256 -36.18 -7.14 -33.82
C ARG C 256 -36.15 -6.26 -32.57
N ALA C 257 -36.25 -6.87 -31.39
CA ALA C 257 -36.19 -6.09 -30.15
C ALA C 257 -34.83 -5.45 -29.96
N LEU C 258 -33.76 -6.16 -30.28
CA LEU C 258 -32.41 -5.59 -30.18
C LEU C 258 -32.18 -4.52 -31.24
N LEU C 259 -32.90 -4.59 -32.35
CA LEU C 259 -32.79 -3.53 -33.36
C LEU C 259 -33.64 -2.31 -33.02
N GLN C 260 -34.75 -2.50 -32.28
CA GLN C 260 -35.59 -1.37 -31.92
C GLN C 260 -34.83 -0.37 -31.08
N LYS C 261 -34.20 -0.84 -30.00
CA LYS C 261 -33.27 -0.01 -29.25
C LYS C 261 -31.92 -0.04 -29.97
N TYR C 262 -31.38 1.12 -30.29
CA TYR C 262 -30.31 1.22 -31.27
C TYR C 262 -29.06 0.44 -30.85
N ALA C 263 -28.81 -0.66 -31.54
CA ALA C 263 -27.65 -1.51 -31.30
C ALA C 263 -26.82 -1.56 -32.56
N ASP C 264 -25.50 -1.64 -32.38
CA ASP C 264 -24.61 -1.68 -33.53
C ASP C 264 -24.77 -2.98 -34.31
N ILE C 265 -24.53 -2.90 -35.62
CA ILE C 265 -24.62 -4.04 -36.52
C ILE C 265 -23.26 -4.37 -37.13
N ASP C 266 -22.48 -3.35 -37.45
CA ASP C 266 -21.19 -3.52 -38.11
C ASP C 266 -20.10 -4.04 -37.19
N ILE C 267 -20.48 -4.52 -36.00
CA ILE C 267 -19.50 -5.08 -35.07
C ILE C 267 -18.73 -6.21 -35.74
N ARG C 268 -17.44 -6.29 -35.41
CA ARG C 268 -16.55 -7.30 -35.98
C ARG C 268 -16.47 -8.46 -35.00
N GLY C 269 -17.14 -9.56 -35.35
CA GLY C 269 -17.16 -10.74 -34.50
C GLY C 269 -15.93 -11.60 -34.67
N GLN C 270 -16.05 -12.87 -34.26
CA GLN C 270 -14.93 -13.79 -34.36
C GLN C 270 -14.71 -14.22 -35.80
N ASP C 271 -13.46 -14.14 -36.26
CA ASP C 271 -13.07 -14.59 -37.60
C ASP C 271 -13.83 -13.86 -38.69
N ASN C 272 -13.87 -12.53 -38.60
CA ASN C 272 -14.47 -11.67 -39.63
C ASN C 272 -15.94 -12.06 -39.88
N LYS C 273 -16.75 -11.90 -38.83
CA LYS C 273 -18.15 -12.25 -38.87
C LYS C 273 -18.99 -11.12 -38.30
N THR C 274 -20.08 -10.80 -38.98
CA THR C 274 -21.04 -9.81 -38.52
C THR C 274 -22.43 -10.42 -38.42
N ALA C 275 -23.37 -9.64 -37.89
CA ALA C 275 -24.74 -10.12 -37.73
C ALA C 275 -25.36 -10.44 -39.08
N LEU C 276 -25.15 -9.59 -40.08
CA LEU C 276 -25.63 -9.87 -41.42
C LEU C 276 -25.00 -11.13 -41.99
N TYR C 277 -23.71 -11.35 -41.69
CA TYR C 277 -23.03 -12.55 -42.17
C TYR C 277 -23.68 -13.81 -41.61
N TRP C 278 -23.95 -13.83 -40.30
CA TRP C 278 -24.60 -14.98 -39.70
C TRP C 278 -26.02 -15.16 -40.24
N ALA C 279 -26.74 -14.06 -40.42
CA ALA C 279 -28.10 -14.16 -40.93
C ALA C 279 -28.12 -14.72 -42.35
N VAL C 280 -27.22 -14.27 -43.21
CA VAL C 280 -27.19 -14.78 -44.58
C VAL C 280 -26.67 -16.21 -44.62
N GLU C 281 -25.75 -16.56 -43.70
CA GLU C 281 -25.29 -17.94 -43.62
C GLU C 281 -26.42 -18.87 -43.23
N LYS C 282 -27.26 -18.46 -42.28
CA LYS C 282 -28.43 -19.25 -41.91
C LYS C 282 -29.60 -19.03 -42.85
N GLY C 283 -29.56 -17.99 -43.69
CA GLY C 283 -30.55 -17.81 -44.73
C GLY C 283 -31.93 -17.45 -44.25
N ASN C 284 -32.07 -16.93 -43.04
CA ASN C 284 -33.38 -16.52 -42.54
C ASN C 284 -33.78 -15.21 -43.21
N ALA C 285 -34.87 -15.25 -43.98
CA ALA C 285 -35.26 -14.08 -44.78
C ALA C 285 -35.63 -12.90 -43.90
N THR C 286 -36.40 -13.13 -42.84
CA THR C 286 -36.81 -12.03 -41.97
C THR C 286 -35.62 -11.40 -41.27
N MET C 287 -34.67 -12.21 -40.79
CA MET C 287 -33.49 -11.69 -40.12
C MET C 287 -32.65 -10.84 -41.07
N VAL C 288 -32.42 -11.36 -42.28
CA VAL C 288 -31.64 -10.62 -43.27
C VAL C 288 -32.33 -9.31 -43.63
N ARG C 289 -33.65 -9.34 -43.84
CA ARG C 289 -34.39 -8.13 -44.17
C ARG C 289 -34.32 -7.12 -43.04
N ASP C 290 -34.46 -7.58 -41.80
CA ASP C 290 -34.44 -6.66 -40.66
C ASP C 290 -33.07 -6.02 -40.50
N ILE C 291 -32.00 -6.81 -40.64
CA ILE C 291 -30.66 -6.25 -40.52
C ILE C 291 -30.38 -5.28 -41.66
N LEU C 292 -30.75 -5.65 -42.89
CA LEU C 292 -30.46 -4.81 -44.05
C LEU C 292 -31.25 -3.50 -44.01
N GLN C 293 -32.49 -3.55 -43.52
CA GLN C 293 -33.31 -2.35 -43.45
C GLN C 293 -32.70 -1.29 -42.54
N CYS C 294 -31.77 -1.69 -41.67
CA CYS C 294 -31.16 -0.80 -40.71
C CYS C 294 -29.82 -0.24 -41.18
N ASN C 295 -29.50 -0.40 -42.46
CA ASN C 295 -28.34 0.19 -43.12
C ASN C 295 -27.01 -0.28 -42.54
N PRO C 296 -26.66 -1.56 -42.67
CA PRO C 296 -25.27 -1.96 -42.41
C PRO C 296 -24.45 -1.89 -43.70
N ASP C 297 -23.17 -2.24 -43.64
CA ASP C 297 -22.32 -2.28 -44.82
C ASP C 297 -22.15 -3.73 -45.27
N THR C 298 -22.46 -4.00 -46.53
CA THR C 298 -22.37 -5.36 -47.05
C THR C 298 -20.94 -5.85 -47.18
N GLU C 299 -19.96 -4.96 -47.11
CA GLU C 299 -18.56 -5.36 -47.28
C GLU C 299 -18.13 -6.30 -46.16
N ILE C 300 -18.51 -6.02 -44.93
CA ILE C 300 -18.15 -6.87 -43.81
C ILE C 300 -19.34 -7.71 -43.38
N THR C 307 -17.12 -12.24 -46.16
CA THR C 307 -18.13 -11.31 -46.65
C THR C 307 -19.38 -12.05 -47.11
N PRO C 308 -20.55 -11.43 -46.92
CA PRO C 308 -21.81 -12.12 -47.27
C PRO C 308 -21.95 -12.45 -48.74
N LEU C 309 -21.19 -11.80 -49.62
CA LEU C 309 -21.42 -11.98 -51.06
C LEU C 309 -21.17 -13.41 -51.52
N ILE C 310 -19.99 -13.97 -51.21
CA ILE C 310 -19.65 -15.30 -51.71
C ILE C 310 -20.51 -16.36 -51.03
N LYS C 311 -20.74 -16.22 -49.72
CA LYS C 311 -21.56 -17.19 -49.01
C LYS C 311 -23.02 -17.14 -49.48
N ALA C 312 -23.53 -15.95 -49.80
CA ALA C 312 -24.87 -15.84 -50.34
C ALA C 312 -24.95 -16.45 -51.73
N THR C 313 -23.91 -16.23 -52.55
CA THR C 313 -23.89 -16.85 -53.88
C THR C 313 -23.87 -18.36 -53.78
N LYS C 314 -23.07 -18.92 -52.87
CA LYS C 314 -23.05 -20.36 -52.67
C LYS C 314 -24.40 -20.85 -52.17
N MET C 315 -25.01 -20.13 -51.23
CA MET C 315 -26.34 -20.48 -50.78
C MET C 315 -27.36 -20.40 -51.91
N ARG C 316 -27.24 -19.38 -52.76
CA ARG C 316 -27.96 -19.25 -54.02
C ARG C 316 -29.46 -19.05 -53.81
N ASN C 317 -29.89 -18.77 -52.58
CA ASN C 317 -31.31 -18.50 -52.34
C ASN C 317 -31.71 -17.25 -53.10
N ILE C 318 -32.81 -17.35 -53.85
CA ILE C 318 -33.20 -16.27 -54.76
C ILE C 318 -33.56 -15.01 -53.99
N GLU C 319 -34.34 -15.13 -52.91
CA GLU C 319 -34.77 -13.95 -52.17
C GLU C 319 -33.60 -13.26 -51.48
N VAL C 320 -32.63 -14.02 -50.97
CA VAL C 320 -31.42 -13.42 -50.42
C VAL C 320 -30.69 -12.64 -51.50
N VAL C 321 -30.58 -13.21 -52.71
CA VAL C 321 -29.89 -12.53 -53.79
C VAL C 321 -30.59 -11.22 -54.13
N GLU C 322 -31.92 -11.24 -54.23
CA GLU C 322 -32.65 -10.01 -54.54
C GLU C 322 -32.47 -8.97 -53.45
N LEU C 323 -32.61 -9.36 -52.19
CA LEU C 323 -32.48 -8.41 -51.09
C LEU C 323 -31.08 -7.81 -51.07
N LEU C 324 -30.04 -8.63 -51.27
CA LEU C 324 -28.68 -8.12 -51.22
C LEU C 324 -28.36 -7.27 -52.44
N LEU C 325 -28.98 -7.55 -53.58
CA LEU C 325 -28.76 -6.73 -54.76
C LEU C 325 -29.48 -5.39 -54.66
N ASP C 326 -30.61 -5.33 -53.95
CA ASP C 326 -31.29 -4.06 -53.74
C ASP C 326 -30.44 -3.08 -52.94
N LYS C 327 -29.58 -3.57 -52.06
CA LYS C 327 -28.70 -2.68 -51.31
C LYS C 327 -27.62 -2.06 -52.18
N GLY C 328 -27.10 -2.80 -53.15
CA GLY C 328 -26.10 -2.26 -54.06
C GLY C 328 -24.69 -2.68 -53.74
N ALA C 329 -24.47 -3.97 -53.48
CA ALA C 329 -23.13 -4.47 -53.25
C ALA C 329 -22.43 -4.73 -54.58
N LYS C 330 -21.24 -4.18 -54.74
CA LYS C 330 -20.50 -4.34 -55.99
C LYS C 330 -20.04 -5.78 -56.16
N VAL C 331 -20.16 -6.28 -57.39
CA VAL C 331 -19.98 -7.71 -57.64
C VAL C 331 -18.53 -8.12 -57.46
N SER C 332 -17.61 -7.36 -58.04
CA SER C 332 -16.20 -7.76 -58.10
C SER C 332 -15.55 -7.51 -56.73
N ALA C 333 -15.85 -8.41 -55.79
CA ALA C 333 -15.27 -8.36 -54.45
C ALA C 333 -14.38 -9.55 -54.13
N VAL C 334 -14.65 -10.68 -54.79
CA VAL C 334 -13.85 -11.94 -54.68
C VAL C 334 -13.70 -12.47 -53.25
N ASP C 335 -13.32 -13.75 -53.15
CA ASP C 335 -13.06 -14.35 -51.84
C ASP C 335 -11.60 -14.18 -51.44
N LYS C 336 -11.31 -14.54 -50.18
CA LYS C 336 -9.93 -14.47 -49.70
C LYS C 336 -9.00 -15.44 -50.42
N LYS C 337 -9.55 -16.50 -51.01
CA LYS C 337 -8.74 -17.46 -51.75
C LYS C 337 -8.49 -17.03 -53.19
N GLY C 338 -9.15 -15.97 -53.66
CA GLY C 338 -8.99 -15.50 -55.01
C GLY C 338 -10.09 -15.90 -55.97
N ASP C 339 -10.98 -16.81 -55.56
CA ASP C 339 -12.05 -17.24 -56.44
C ASP C 339 -13.10 -16.15 -56.59
N THR C 340 -13.40 -15.81 -57.84
CA THR C 340 -14.43 -14.82 -58.12
C THR C 340 -15.81 -15.42 -57.92
N PRO C 341 -16.73 -14.73 -57.25
CA PRO C 341 -18.10 -15.26 -57.11
C PRO C 341 -18.82 -15.42 -58.43
N LEU C 342 -18.35 -14.77 -59.50
CA LEU C 342 -19.02 -14.88 -60.79
C LEU C 342 -18.99 -16.32 -61.31
N HIS C 343 -17.86 -17.00 -61.14
CA HIS C 343 -17.74 -18.38 -61.63
C HIS C 343 -18.78 -19.28 -60.97
N ILE C 344 -18.85 -19.24 -59.63
CA ILE C 344 -19.81 -20.09 -58.92
C ILE C 344 -21.24 -19.64 -59.19
N ALA C 345 -21.45 -18.34 -59.42
CA ALA C 345 -22.79 -17.86 -59.76
C ALA C 345 -23.24 -18.39 -61.11
N ILE C 346 -22.31 -18.53 -62.06
CA ILE C 346 -22.69 -18.89 -63.42
C ILE C 346 -22.79 -20.41 -63.56
N ARG C 347 -21.86 -21.16 -62.96
CA ARG C 347 -21.88 -22.61 -63.13
C ARG C 347 -23.14 -23.23 -62.54
N GLY C 348 -23.76 -22.58 -61.57
CA GLY C 348 -25.01 -23.08 -61.02
C GLY C 348 -26.20 -22.92 -61.94
N ARG C 349 -26.07 -22.13 -63.01
CA ARG C 349 -27.11 -21.95 -64.02
C ARG C 349 -28.40 -21.42 -63.39
N SER C 350 -28.30 -20.21 -62.84
CA SER C 350 -29.44 -19.51 -62.24
C SER C 350 -30.07 -18.64 -63.32
N ARG C 351 -31.16 -19.12 -63.92
CA ARG C 351 -31.83 -18.37 -64.98
C ARG C 351 -32.60 -17.17 -64.43
N LYS C 352 -33.13 -17.28 -63.22
CA LYS C 352 -33.90 -16.18 -62.64
C LYS C 352 -33.03 -14.95 -62.42
N LEU C 353 -31.76 -15.16 -62.05
CA LEU C 353 -30.85 -14.05 -61.83
C LEU C 353 -30.37 -13.43 -63.13
N ALA C 354 -30.54 -14.13 -64.26
CA ALA C 354 -30.00 -13.64 -65.53
C ALA C 354 -30.61 -12.30 -65.92
N GLU C 355 -31.95 -12.21 -65.92
CA GLU C 355 -32.59 -10.96 -66.29
C GLU C 355 -32.39 -9.89 -65.22
N LEU C 356 -32.21 -10.29 -63.96
CA LEU C 356 -31.95 -9.32 -62.91
C LEU C 356 -30.55 -8.75 -62.98
N LEU C 357 -29.62 -9.44 -63.65
CA LEU C 357 -28.25 -8.97 -63.77
C LEU C 357 -28.02 -8.09 -64.98
N LEU C 358 -29.10 -7.64 -65.63
CA LEU C 358 -29.02 -6.74 -66.79
C LEU C 358 -29.64 -5.38 -66.47
N ARG C 359 -29.36 -4.86 -65.27
CA ARG C 359 -29.90 -3.57 -64.85
C ARG C 359 -28.84 -2.54 -64.50
N ASN C 360 -27.57 -2.92 -64.41
CA ASN C 360 -26.51 -1.99 -64.08
C ASN C 360 -25.39 -2.11 -65.11
N PRO C 361 -24.65 -1.02 -65.35
CA PRO C 361 -23.56 -1.09 -66.35
C PRO C 361 -22.47 -2.07 -65.97
N LYS C 362 -21.87 -1.93 -64.78
CA LYS C 362 -20.83 -2.85 -64.36
C LYS C 362 -21.40 -4.27 -64.21
N ASP C 363 -22.58 -4.39 -63.59
CA ASP C 363 -23.22 -5.68 -63.45
C ASP C 363 -23.64 -6.25 -64.80
N GLY C 364 -24.07 -5.39 -65.73
CA GLY C 364 -24.40 -5.87 -67.06
C GLY C 364 -23.20 -6.41 -67.80
N ARG C 365 -22.06 -5.73 -67.69
CA ARG C 365 -20.83 -6.26 -68.28
C ARG C 365 -20.43 -7.58 -67.62
N LEU C 366 -20.54 -7.64 -66.30
CA LEU C 366 -20.49 -8.89 -65.55
C LEU C 366 -19.14 -9.58 -65.68
N LEU C 367 -19.04 -10.55 -66.60
CA LEU C 367 -17.90 -11.46 -66.62
C LEU C 367 -16.69 -10.87 -67.35
N TYR C 368 -16.92 -10.10 -68.41
CA TYR C 368 -15.81 -9.61 -69.22
C TYR C 368 -14.95 -8.58 -68.49
N ARG C 369 -15.44 -8.01 -67.37
CA ARG C 369 -14.65 -6.98 -66.70
C ARG C 369 -13.48 -7.55 -65.90
N PRO C 370 -13.67 -8.44 -64.92
CA PRO C 370 -12.57 -8.78 -64.03
C PRO C 370 -11.74 -9.97 -64.49
N ASN C 371 -10.44 -9.85 -64.25
CA ASN C 371 -9.49 -10.96 -64.44
C ASN C 371 -8.41 -10.81 -63.37
N LYS C 372 -8.61 -11.48 -62.23
CA LYS C 372 -7.71 -11.37 -61.10
C LYS C 372 -6.76 -12.56 -60.99
N ALA C 373 -7.30 -13.77 -61.01
CA ALA C 373 -6.50 -14.98 -60.86
C ALA C 373 -5.90 -15.46 -62.17
N GLY C 374 -6.21 -14.81 -63.29
CA GLY C 374 -5.66 -15.19 -64.57
C GLY C 374 -6.38 -16.30 -65.29
N GLU C 375 -7.40 -16.90 -64.68
CA GLU C 375 -8.17 -17.96 -65.33
C GLU C 375 -9.21 -17.31 -66.22
N THR C 376 -9.02 -17.42 -67.53
CA THR C 376 -9.91 -16.78 -68.49
C THR C 376 -11.24 -17.52 -68.54
N PRO C 377 -12.37 -16.87 -68.23
CA PRO C 377 -13.67 -17.55 -68.31
C PRO C 377 -14.19 -17.72 -69.72
N TYR C 378 -13.65 -16.97 -70.69
CA TYR C 378 -14.15 -17.05 -72.06
C TYR C 378 -13.88 -18.44 -72.66
N ASN C 379 -12.73 -19.02 -72.34
CA ASN C 379 -12.44 -20.37 -72.82
C ASN C 379 -13.43 -21.38 -72.26
N ILE C 380 -13.76 -21.26 -70.98
CA ILE C 380 -14.73 -22.16 -70.37
C ILE C 380 -16.11 -21.97 -71.01
N ASP C 381 -16.50 -20.72 -71.25
CA ASP C 381 -17.78 -20.45 -71.88
C ASP C 381 -17.85 -21.05 -73.28
N CYS C 382 -16.80 -20.87 -74.07
CA CYS C 382 -16.77 -21.43 -75.41
C CYS C 382 -16.74 -22.95 -75.38
N SER C 383 -16.16 -23.53 -74.31
CA SER C 383 -16.16 -24.97 -74.17
C SER C 383 -17.57 -25.51 -74.04
N HIS C 384 -18.43 -24.81 -73.31
CA HIS C 384 -19.82 -25.20 -73.20
C HIS C 384 -20.49 -25.10 -74.58
N GLN C 385 -21.19 -26.17 -74.96
CA GLN C 385 -21.82 -26.20 -76.28
C GLN C 385 -22.93 -25.16 -76.38
N LYS C 386 -23.70 -24.99 -75.31
CA LYS C 386 -24.82 -24.03 -75.29
C LYS C 386 -24.24 -22.68 -74.88
N SER C 387 -24.14 -21.77 -75.84
CA SER C 387 -23.53 -20.47 -75.60
C SER C 387 -24.33 -19.67 -74.57
N ILE C 388 -23.60 -19.06 -73.63
CA ILE C 388 -24.24 -18.23 -72.61
C ILE C 388 -24.74 -16.92 -73.21
N LEU C 389 -24.13 -16.49 -74.32
CA LEU C 389 -24.46 -15.17 -74.88
C LEU C 389 -25.91 -15.09 -75.31
N THR C 390 -26.52 -16.22 -75.68
CA THR C 390 -27.94 -16.24 -75.99
C THR C 390 -28.79 -15.84 -74.80
N GLN C 391 -28.36 -16.19 -73.58
CA GLN C 391 -29.09 -15.77 -72.39
C GLN C 391 -29.10 -14.25 -72.26
N ILE C 392 -27.95 -13.61 -72.48
CA ILE C 392 -27.88 -12.15 -72.44
C ILE C 392 -28.73 -11.55 -73.55
N PHE C 393 -28.66 -12.12 -74.75
CA PHE C 393 -29.43 -11.58 -75.88
C PHE C 393 -30.94 -11.66 -75.61
N GLY C 394 -31.42 -12.80 -75.12
CA GLY C 394 -32.85 -12.97 -74.90
C GLY C 394 -33.35 -12.35 -73.61
N ALA C 395 -32.44 -12.06 -72.66
CA ALA C 395 -32.86 -11.58 -71.36
C ALA C 395 -33.51 -10.20 -71.44
N ARG C 396 -32.94 -9.32 -72.25
CA ARG C 396 -33.45 -7.94 -72.33
C ARG C 396 -34.78 -7.91 -73.06
N VAL D 1 -47.85 47.62 -19.64
CA VAL D 1 -48.18 46.75 -18.52
C VAL D 1 -46.96 46.59 -17.60
N ASP D 2 -45.84 47.21 -18.00
CA ASP D 2 -44.61 47.14 -17.24
C ASP D 2 -44.37 48.46 -16.50
N GLU D 3 -44.02 48.35 -15.22
CA GLU D 3 -43.76 49.51 -14.40
C GLU D 3 -42.38 49.38 -13.78
N ARG D 4 -41.50 50.33 -14.09
CA ARG D 4 -40.14 50.33 -13.57
C ARG D 4 -40.10 51.10 -12.27
N ASN D 5 -40.05 50.37 -11.14
CA ASN D 5 -40.06 50.97 -9.82
C ASN D 5 -38.65 51.18 -9.25
N GLU D 6 -37.63 51.10 -10.11
CA GLU D 6 -36.24 51.37 -9.75
C GLU D 6 -35.67 50.30 -8.82
N CYS D 7 -36.48 49.32 -8.45
CA CYS D 7 -36.03 48.21 -7.63
C CYS D 7 -36.05 46.87 -8.33
N GLY D 8 -36.70 46.78 -9.50
CA GLY D 8 -36.83 45.50 -10.16
C GLY D 8 -37.72 44.52 -9.44
N GLN D 9 -38.56 44.99 -8.52
CA GLN D 9 -39.38 44.15 -7.68
C GLN D 9 -40.85 44.35 -8.03
N THR D 10 -41.55 43.25 -8.28
CA THR D 10 -42.98 43.32 -8.56
C THR D 10 -43.75 43.65 -7.28
N PRO D 11 -44.89 44.33 -7.41
CA PRO D 11 -45.67 44.69 -6.21
C PRO D 11 -46.12 43.48 -5.41
N LEU D 12 -46.31 42.32 -6.05
CA LEU D 12 -46.76 41.14 -5.33
C LEU D 12 -45.78 40.73 -4.24
N MET D 13 -44.48 40.70 -4.56
CA MET D 13 -43.50 40.30 -3.56
C MET D 13 -43.36 41.34 -2.46
N ILE D 14 -43.51 42.63 -2.79
CA ILE D 14 -43.44 43.66 -1.76
C ILE D 14 -44.64 43.57 -0.82
N ALA D 15 -45.82 43.23 -1.35
CA ALA D 15 -47.01 43.08 -0.53
C ALA D 15 -47.12 41.72 0.15
N ALA D 16 -46.27 40.76 -0.23
CA ALA D 16 -46.34 39.43 0.37
C ALA D 16 -46.08 39.48 1.87
N GLU D 17 -45.11 40.28 2.31
CA GLU D 17 -44.81 40.38 3.74
C GLU D 17 -46.02 40.88 4.51
N GLN D 18 -46.64 41.96 4.03
CA GLN D 18 -47.89 42.46 4.62
C GLN D 18 -49.11 41.87 3.91
N GLY D 19 -49.11 40.54 3.81
CA GLY D 19 -50.17 39.83 3.11
C GLY D 19 -51.55 40.03 3.69
N ASN D 20 -52.48 40.50 2.86
CA ASN D 20 -53.86 40.69 3.25
C ASN D 20 -54.76 40.09 2.17
N LEU D 21 -55.96 39.67 2.59
CA LEU D 21 -56.90 39.10 1.63
C LEU D 21 -57.34 40.15 0.61
N GLU D 22 -57.56 41.38 1.07
CA GLU D 22 -58.06 42.42 0.16
C GLU D 22 -57.04 42.75 -0.93
N ILE D 23 -55.76 42.87 -0.58
CA ILE D 23 -54.75 43.20 -1.58
C ILE D 23 -54.55 42.04 -2.55
N VAL D 24 -54.62 40.81 -2.04
CA VAL D 24 -54.49 39.64 -2.91
C VAL D 24 -55.66 39.59 -3.89
N LYS D 25 -56.88 39.84 -3.41
CA LYS D 25 -58.04 39.85 -4.29
C LYS D 25 -57.95 40.97 -5.32
N GLU D 26 -57.48 42.15 -4.89
CA GLU D 26 -57.33 43.26 -5.83
C GLU D 26 -56.29 42.95 -6.90
N LEU D 27 -55.19 42.30 -6.52
CA LEU D 27 -54.15 41.97 -7.48
C LEU D 27 -54.60 40.87 -8.44
N ILE D 28 -55.34 39.88 -7.94
CA ILE D 28 -55.81 38.81 -8.80
C ILE D 28 -56.94 39.28 -9.70
N LYS D 29 -57.69 40.31 -9.28
CA LYS D 29 -58.71 40.89 -10.16
C LYS D 29 -58.06 41.56 -11.37
N ASN D 30 -56.99 42.34 -11.13
CA ASN D 30 -56.24 42.96 -12.21
C ASN D 30 -55.20 41.96 -12.71
N GLY D 31 -55.61 41.13 -13.66
CA GLY D 31 -54.80 40.06 -14.19
C GLY D 31 -53.40 40.49 -14.60
N ALA D 32 -52.40 40.00 -13.89
CA ALA D 32 -51.00 40.35 -14.13
C ALA D 32 -50.17 39.07 -14.15
N ASN D 33 -49.03 39.12 -14.84
CA ASN D 33 -48.19 37.94 -14.97
C ASN D 33 -47.63 37.50 -13.61
N CYS D 34 -48.11 36.35 -13.13
CA CYS D 34 -47.66 35.85 -11.83
C CYS D 34 -46.30 35.17 -11.93
N ASN D 35 -45.93 34.70 -13.12
CA ASN D 35 -44.70 33.92 -13.28
C ASN D 35 -43.44 34.77 -13.14
N LEU D 36 -43.56 36.09 -13.07
CA LEU D 36 -42.39 36.95 -13.01
C LEU D 36 -41.52 36.62 -11.80
N GLU D 37 -40.21 36.53 -12.04
CA GLU D 37 -39.24 36.28 -10.99
C GLU D 37 -38.73 37.61 -10.43
N ASP D 38 -37.69 37.55 -9.61
CA ASP D 38 -37.12 38.73 -8.98
C ASP D 38 -35.72 38.98 -9.52
N LEU D 39 -35.29 40.24 -9.41
CA LEU D 39 -33.94 40.62 -9.79
C LEU D 39 -32.91 39.96 -8.87
N ASP D 40 -33.31 39.61 -7.65
CA ASP D 40 -32.43 38.98 -6.67
C ASP D 40 -32.69 37.49 -6.56
N ASN D 41 -33.18 36.87 -7.63
CA ASN D 41 -33.44 35.43 -7.71
C ASN D 41 -34.48 34.97 -6.70
N TRP D 42 -35.30 35.88 -6.18
CA TRP D 42 -36.37 35.51 -5.27
C TRP D 42 -37.63 35.16 -6.06
N THR D 43 -38.67 34.76 -5.32
CA THR D 43 -39.94 34.39 -5.92
C THR D 43 -41.03 34.66 -4.90
N ALA D 44 -42.22 35.01 -5.39
CA ALA D 44 -43.36 35.20 -4.50
C ALA D 44 -43.66 33.93 -3.70
N LEU D 45 -43.36 32.77 -4.27
CA LEU D 45 -43.51 31.53 -3.52
C LEU D 45 -42.58 31.47 -2.32
N ILE D 46 -41.39 32.06 -2.42
CA ILE D 46 -40.46 32.07 -1.31
C ILE D 46 -41.04 32.86 -0.13
N SER D 47 -41.58 34.05 -0.42
CA SER D 47 -42.19 34.85 0.63
C SER D 47 -43.46 34.20 1.17
N ALA D 48 -44.22 33.52 0.30
CA ALA D 48 -45.40 32.80 0.76
C ALA D 48 -45.03 31.68 1.73
N SER D 49 -43.94 30.96 1.42
CA SER D 49 -43.49 29.87 2.28
C SER D 49 -42.81 30.37 3.55
N LYS D 50 -42.23 31.56 3.53
CA LYS D 50 -41.55 32.07 4.72
C LYS D 50 -42.53 32.24 5.88
N GLU D 51 -43.52 33.13 5.71
CA GLU D 51 -44.59 33.26 6.70
C GLU D 51 -45.94 33.58 6.07
N GLY D 52 -46.05 33.58 4.75
CA GLY D 52 -47.29 34.01 4.12
C GLY D 52 -48.45 33.07 4.41
N HIS D 53 -49.65 33.56 4.12
CA HIS D 53 -50.85 32.79 4.36
C HIS D 53 -50.88 31.55 3.49
N VAL D 54 -51.57 30.51 3.97
CA VAL D 54 -51.74 29.30 3.16
C VAL D 54 -52.55 29.61 1.91
N HIS D 55 -53.41 30.64 1.97
CA HIS D 55 -54.21 31.01 0.81
C HIS D 55 -53.32 31.46 -0.35
N ILE D 56 -52.31 32.29 -0.07
CA ILE D 56 -51.45 32.76 -1.16
C ILE D 56 -50.57 31.63 -1.67
N VAL D 57 -50.15 30.71 -0.79
CA VAL D 57 -49.39 29.55 -1.25
C VAL D 57 -50.24 28.72 -2.21
N GLU D 58 -51.50 28.47 -1.85
CA GLU D 58 -52.37 27.68 -2.72
C GLU D 58 -52.66 28.40 -4.03
N GLU D 59 -52.81 29.74 -3.98
CA GLU D 59 -53.03 30.51 -5.19
C GLU D 59 -51.80 30.47 -6.10
N LEU D 60 -50.60 30.58 -5.53
CA LEU D 60 -49.38 30.47 -6.32
C LEU D 60 -49.18 29.05 -6.86
N LEU D 61 -49.73 28.06 -6.17
CA LEU D 61 -49.67 26.70 -6.67
C LEU D 61 -50.38 26.57 -8.01
N LYS D 62 -51.53 27.25 -8.15
CA LYS D 62 -52.23 27.28 -9.43
C LYS D 62 -51.38 28.01 -10.47
N CYS D 63 -51.49 27.56 -11.73
CA CYS D 63 -50.79 28.13 -12.87
C CYS D 63 -49.29 27.83 -12.81
N GLY D 64 -48.65 27.78 -13.97
CA GLY D 64 -47.25 27.40 -14.06
C GLY D 64 -46.30 28.33 -13.35
N VAL D 65 -45.73 27.86 -12.24
CA VAL D 65 -44.69 28.59 -11.52
C VAL D 65 -43.57 27.61 -11.22
N ASN D 66 -42.36 28.14 -11.02
CA ASN D 66 -41.23 27.28 -10.70
C ASN D 66 -41.30 26.83 -9.25
N LEU D 67 -41.96 25.70 -9.00
CA LEU D 67 -42.10 25.20 -7.64
C LEU D 67 -40.74 24.86 -7.03
N GLU D 68 -39.87 24.20 -7.81
CA GLU D 68 -38.52 23.86 -7.37
C GLU D 68 -37.55 24.90 -7.94
N HIS D 69 -37.56 26.08 -7.33
CA HIS D 69 -36.72 27.20 -7.75
C HIS D 69 -35.63 27.43 -6.72
N ARG D 70 -34.45 27.84 -7.21
CA ARG D 70 -33.30 28.11 -6.35
C ARG D 70 -33.13 29.61 -6.21
N ASP D 71 -32.97 30.08 -4.97
CA ASP D 71 -32.82 31.50 -4.70
C ASP D 71 -31.35 31.90 -4.82
N MET D 72 -31.02 33.10 -4.34
CA MET D 72 -29.66 33.59 -4.44
C MET D 72 -28.69 32.70 -3.66
N GLY D 73 -29.08 32.29 -2.46
CA GLY D 73 -28.28 31.40 -1.64
C GLY D 73 -28.49 29.93 -1.91
N GLY D 74 -29.28 29.59 -2.93
CA GLY D 74 -29.57 28.19 -3.22
C GLY D 74 -30.64 27.58 -2.35
N TRP D 75 -31.31 28.36 -1.52
CA TRP D 75 -32.36 27.85 -0.64
C TRP D 75 -33.69 27.89 -1.38
N THR D 76 -34.34 26.74 -1.47
CA THR D 76 -35.63 26.65 -2.14
C THR D 76 -36.73 27.17 -1.23
N ALA D 77 -37.98 27.12 -1.73
CA ALA D 77 -39.11 27.44 -0.88
C ALA D 77 -39.23 26.46 0.27
N LEU D 78 -38.99 25.17 0.00
CA LEU D 78 -39.07 24.15 1.03
C LEU D 78 -38.02 24.38 2.12
N MET D 79 -36.80 24.77 1.73
CA MET D 79 -35.76 24.99 2.71
C MET D 79 -36.12 26.14 3.64
N TRP D 80 -36.57 27.27 3.08
CA TRP D 80 -36.94 28.40 3.93
C TRP D 80 -38.16 28.08 4.77
N ALA D 81 -39.08 27.27 4.25
CA ALA D 81 -40.26 26.88 5.02
C ALA D 81 -39.91 25.96 6.18
N CYS D 82 -38.94 25.06 5.98
CA CYS D 82 -38.53 24.17 7.06
C CYS D 82 -37.66 24.90 8.10
N TYR D 83 -36.77 25.78 7.63
CA TYR D 83 -35.90 26.51 8.54
C TYR D 83 -36.72 27.39 9.48
N LYS D 84 -37.45 28.35 8.93
CA LYS D 84 -38.37 29.16 9.72
C LYS D 84 -39.62 28.34 9.95
N GLY D 85 -39.74 27.79 11.16
CA GLY D 85 -40.72 26.77 11.46
C GLY D 85 -42.17 27.11 11.18
N ARG D 86 -42.80 26.30 10.32
CA ARG D 86 -44.23 26.44 10.04
C ARG D 86 -44.71 25.08 9.53
N THR D 87 -45.44 24.35 10.37
CA THR D 87 -45.91 23.02 9.98
C THR D 87 -46.78 23.09 8.73
N ASP D 88 -47.78 23.97 8.74
CA ASP D 88 -48.55 24.21 7.53
C ASP D 88 -47.69 25.00 6.54
N VAL D 89 -48.17 25.05 5.29
CA VAL D 89 -47.42 25.55 4.15
C VAL D 89 -46.35 24.51 3.78
N VAL D 90 -45.55 24.10 4.77
CA VAL D 90 -44.69 22.93 4.57
C VAL D 90 -45.55 21.71 4.24
N GLU D 91 -46.68 21.55 4.93
CA GLU D 91 -47.60 20.46 4.62
C GLU D 91 -48.02 20.50 3.15
N LEU D 92 -48.46 21.66 2.68
CA LEU D 92 -48.94 21.78 1.30
C LEU D 92 -47.83 21.56 0.30
N LEU D 93 -46.65 22.13 0.55
CA LEU D 93 -45.53 21.96 -0.36
C LEU D 93 -45.11 20.50 -0.46
N LEU D 94 -45.08 19.79 0.67
CA LEU D 94 -44.72 18.38 0.65
C LEU D 94 -45.79 17.54 -0.03
N SER D 95 -47.07 17.88 0.19
CA SER D 95 -48.15 17.11 -0.43
C SER D 95 -48.23 17.36 -1.93
N HIS D 96 -47.80 18.53 -2.39
CA HIS D 96 -47.86 18.86 -3.80
C HIS D 96 -46.73 18.24 -4.62
N GLY D 97 -45.72 17.68 -3.97
CA GLY D 97 -44.63 17.02 -4.65
C GLY D 97 -43.30 17.75 -4.66
N ALA D 98 -43.12 18.77 -3.82
CA ALA D 98 -41.83 19.44 -3.74
C ALA D 98 -40.77 18.48 -3.25
N ASN D 99 -39.58 18.56 -3.84
CA ASN D 99 -38.52 17.61 -3.55
C ASN D 99 -37.90 17.90 -2.19
N PRO D 100 -37.93 16.95 -1.24
CA PRO D 100 -37.27 17.18 0.06
C PRO D 100 -35.77 16.97 0.03
N SER D 101 -35.25 16.29 -0.99
CA SER D 101 -33.83 15.94 -1.05
C SER D 101 -32.97 17.04 -1.65
N VAL D 102 -33.53 18.24 -1.86
CA VAL D 102 -32.75 19.33 -2.42
C VAL D 102 -31.59 19.68 -1.48
N THR D 103 -30.46 20.05 -2.07
CA THR D 103 -29.23 20.33 -1.34
C THR D 103 -28.86 21.79 -1.47
N GLY D 104 -28.59 22.43 -0.34
CA GLY D 104 -28.25 23.84 -0.36
C GLY D 104 -26.80 24.09 -0.74
N LEU D 105 -26.50 25.35 -1.02
CA LEU D 105 -25.13 25.73 -1.36
C LEU D 105 -24.18 25.55 -0.19
N TYR D 106 -24.69 25.47 1.03
CA TYR D 106 -23.88 25.20 2.21
C TYR D 106 -23.76 23.71 2.50
N SER D 107 -24.28 22.87 1.60
CA SER D 107 -24.34 21.42 1.82
C SER D 107 -25.09 21.09 3.10
N VAL D 108 -26.16 21.85 3.37
CA VAL D 108 -27.02 21.63 4.52
C VAL D 108 -28.41 21.32 3.99
N TYR D 109 -29.00 20.25 4.49
CA TYR D 109 -30.26 19.75 3.95
C TYR D 109 -31.42 20.24 4.80
N PRO D 110 -32.64 20.26 4.26
CA PRO D 110 -33.78 20.74 5.05
C PRO D 110 -33.98 19.99 6.35
N ILE D 111 -33.73 18.67 6.36
CA ILE D 111 -33.86 17.91 7.59
C ILE D 111 -32.87 18.41 8.64
N ILE D 112 -31.67 18.80 8.21
CA ILE D 112 -30.67 19.31 9.14
C ILE D 112 -31.14 20.61 9.76
N TRP D 113 -31.66 21.53 8.96
CA TRP D 113 -32.18 22.79 9.50
C TRP D 113 -33.35 22.55 10.45
N ALA D 114 -34.26 21.65 10.07
CA ALA D 114 -35.42 21.39 10.92
C ALA D 114 -35.01 20.75 12.24
N ALA D 115 -34.03 19.86 12.22
CA ALA D 115 -33.59 19.20 13.44
C ALA D 115 -32.82 20.16 14.35
N GLY D 116 -31.90 20.94 13.77
CA GLY D 116 -31.14 21.88 14.57
C GLY D 116 -31.99 22.98 15.16
N ARG D 117 -32.89 23.54 14.35
CA ARG D 117 -33.84 24.53 14.87
C ARG D 117 -34.77 23.89 15.91
N GLY D 118 -35.01 22.60 15.80
CA GLY D 118 -35.81 21.88 16.77
C GLY D 118 -37.27 21.70 16.42
N HIS D 119 -37.67 22.03 15.19
CA HIS D 119 -39.07 21.89 14.78
C HIS D 119 -39.32 20.40 14.52
N ALA D 120 -39.77 19.71 15.58
CA ALA D 120 -39.94 18.26 15.49
C ALA D 120 -41.02 17.87 14.50
N ASP D 121 -42.10 18.63 14.41
CA ASP D 121 -43.18 18.28 13.49
C ASP D 121 -42.72 18.37 12.04
N ILE D 122 -41.92 19.37 11.71
CA ILE D 122 -41.38 19.47 10.37
C ILE D 122 -40.44 18.31 10.08
N VAL D 123 -39.67 17.88 11.09
CA VAL D 123 -38.82 16.70 10.92
C VAL D 123 -39.66 15.47 10.64
N HIS D 124 -40.77 15.31 11.38
CA HIS D 124 -41.65 14.17 11.17
C HIS D 124 -42.25 14.18 9.78
N LEU D 125 -42.72 15.35 9.33
CA LEU D 125 -43.29 15.45 7.99
C LEU D 125 -42.24 15.15 6.92
N LEU D 126 -41.02 15.67 7.10
CA LEU D 126 -39.96 15.42 6.13
C LEU D 126 -39.61 13.94 6.06
N LEU D 127 -39.52 13.28 7.21
CA LEU D 127 -39.27 11.85 7.23
C LEU D 127 -40.41 11.07 6.56
N GLN D 128 -41.64 11.49 6.82
CA GLN D 128 -42.79 10.79 6.26
C GLN D 128 -42.87 10.89 4.74
N ASN D 129 -42.23 11.90 4.15
CA ASN D 129 -42.22 12.06 2.71
C ASN D 129 -40.99 11.44 2.05
N GLY D 130 -40.17 10.73 2.81
CA GLY D 130 -39.05 10.01 2.22
C GLY D 130 -37.74 10.75 2.18
N ALA D 131 -37.57 11.82 2.95
CA ALA D 131 -36.29 12.50 3.02
C ALA D 131 -35.24 11.56 3.59
N LYS D 132 -34.04 11.60 3.01
CA LYS D 132 -32.97 10.69 3.42
C LYS D 132 -32.59 10.95 4.87
N VAL D 133 -32.49 9.86 5.65
CA VAL D 133 -32.35 9.96 7.09
C VAL D 133 -30.89 10.07 7.53
N ASN D 134 -30.02 9.24 6.97
CA ASN D 134 -28.63 9.17 7.39
C ASN D 134 -27.72 10.10 6.59
N CYS D 135 -28.27 11.20 6.08
CA CYS D 135 -27.49 12.15 5.30
C CYS D 135 -26.43 12.81 6.19
N SER D 136 -25.52 13.54 5.55
CA SER D 136 -24.43 14.19 6.26
C SER D 136 -24.28 15.62 5.79
N ASP D 137 -23.78 16.46 6.69
CA ASP D 137 -23.43 17.83 6.36
C ASP D 137 -22.03 17.85 5.75
N LYS D 138 -21.59 19.03 5.29
CA LYS D 138 -20.28 19.10 4.64
C LYS D 138 -19.13 18.90 5.62
N TYR D 139 -19.40 18.89 6.93
CA TYR D 139 -18.41 18.50 7.92
C TYR D 139 -18.64 17.11 8.46
N GLY D 140 -19.63 16.38 7.96
CA GLY D 140 -19.93 15.05 8.43
C GLY D 140 -20.92 14.98 9.57
N THR D 141 -21.67 16.04 9.82
CA THR D 141 -22.62 16.08 10.93
C THR D 141 -23.97 15.56 10.46
N THR D 142 -24.32 14.37 10.93
CA THR D 142 -25.63 13.83 10.64
C THR D 142 -26.70 14.65 11.37
N PRO D 143 -27.95 14.60 10.92
CA PRO D 143 -29.01 15.31 11.64
C PRO D 143 -29.20 14.84 13.07
N LEU D 144 -28.76 13.62 13.40
CA LEU D 144 -28.83 13.16 14.77
C LEU D 144 -27.97 14.00 15.69
N VAL D 145 -26.75 14.33 15.26
CA VAL D 145 -25.86 15.16 16.08
C VAL D 145 -26.44 16.56 16.23
N TRP D 146 -26.99 17.11 15.15
CA TRP D 146 -27.59 18.44 15.21
C TRP D 146 -28.79 18.46 16.15
N ALA D 147 -29.61 17.42 16.12
CA ALA D 147 -30.77 17.37 17.01
C ALA D 147 -30.36 17.18 18.46
N ALA D 148 -29.39 16.31 18.71
CA ALA D 148 -28.95 16.03 20.08
C ALA D 148 -28.06 17.11 20.65
N ARG D 149 -27.56 18.03 19.82
CA ARG D 149 -26.72 19.10 20.33
C ARG D 149 -27.48 19.96 21.33
N LYS D 150 -28.69 20.37 20.98
CA LYS D 150 -29.57 21.08 21.89
C LYS D 150 -30.52 20.15 22.64
N GLY D 151 -30.40 18.84 22.44
CA GLY D 151 -31.19 17.88 23.19
C GLY D 151 -32.68 17.95 22.94
N HIS D 152 -33.09 18.12 21.68
CA HIS D 152 -34.52 18.08 21.34
C HIS D 152 -34.98 16.64 21.42
N LEU D 153 -35.69 16.30 22.50
CA LEU D 153 -36.10 14.92 22.72
C LEU D 153 -37.00 14.42 21.60
N GLU D 154 -37.95 15.26 21.18
CA GLU D 154 -38.88 14.84 20.12
C GLU D 154 -38.16 14.65 18.79
N CYS D 155 -37.24 15.56 18.46
CA CYS D 155 -36.49 15.42 17.21
C CYS D 155 -35.64 14.16 17.21
N VAL D 156 -34.94 13.91 18.32
CA VAL D 156 -34.10 12.72 18.41
C VAL D 156 -34.94 11.46 18.35
N LYS D 157 -36.08 11.43 19.05
CA LYS D 157 -36.96 10.27 19.01
C LYS D 157 -37.47 10.01 17.60
N HIS D 158 -37.93 11.08 16.92
CA HIS D 158 -38.45 10.92 15.57
C HIS D 158 -37.37 10.47 14.59
N LEU D 159 -36.16 10.98 14.73
CA LEU D 159 -35.10 10.61 13.79
C LEU D 159 -34.56 9.22 14.08
N LEU D 160 -34.52 8.80 15.35
CA LEU D 160 -34.09 7.45 15.69
C LEU D 160 -35.18 6.42 15.41
N ALA D 161 -36.43 6.85 15.26
CA ALA D 161 -37.47 5.92 14.84
C ALA D 161 -37.16 5.32 13.47
N MET D 162 -36.53 6.12 12.59
CA MET D 162 -36.14 5.59 11.28
C MET D 162 -34.92 4.68 11.37
N GLY D 163 -33.98 4.98 12.27
CA GLY D 163 -32.81 4.13 12.41
C GLY D 163 -31.50 4.80 12.05
N ALA D 164 -31.40 6.10 12.29
CA ALA D 164 -30.18 6.82 11.97
C ALA D 164 -29.02 6.29 12.78
N ASP D 165 -27.85 6.20 12.14
CA ASP D 165 -26.66 5.68 12.79
C ASP D 165 -26.18 6.65 13.88
N VAL D 166 -25.68 6.09 14.98
CA VAL D 166 -25.18 6.87 16.10
C VAL D 166 -23.65 6.94 16.10
N ASP D 167 -22.99 5.86 15.69
CA ASP D 167 -21.53 5.83 15.67
C ASP D 167 -20.93 6.81 14.68
N GLN D 168 -21.70 7.30 13.71
CA GLN D 168 -21.17 8.26 12.75
C GLN D 168 -20.73 9.52 13.46
N GLU D 169 -19.53 9.98 13.13
CA GLU D 169 -18.91 11.12 13.81
C GLU D 169 -19.27 12.40 13.07
N GLY D 170 -19.81 13.37 13.81
CA GLY D 170 -20.17 14.64 13.24
C GLY D 170 -18.98 15.58 13.15
N ALA D 171 -19.28 16.87 13.04
CA ALA D 171 -18.22 17.86 12.96
C ALA D 171 -17.42 17.88 14.26
N ASN D 172 -16.14 18.22 14.13
CA ASN D 172 -15.26 18.42 15.28
C ASN D 172 -15.14 17.14 16.12
N SER D 173 -15.29 15.98 15.47
CA SER D 173 -15.17 14.67 16.11
C SER D 173 -16.15 14.53 17.28
N MET D 174 -17.44 14.59 16.96
CA MET D 174 -18.49 14.49 17.94
C MET D 174 -19.54 13.50 17.46
N THR D 175 -20.07 12.71 18.38
CA THR D 175 -21.20 11.84 18.13
C THR D 175 -22.43 12.38 18.85
N ALA D 176 -23.57 11.72 18.64
CA ALA D 176 -24.80 12.17 19.29
C ALA D 176 -24.69 12.07 20.81
N LEU D 177 -24.11 10.97 21.30
CA LEU D 177 -24.03 10.76 22.74
C LEU D 177 -23.17 11.83 23.41
N ILE D 178 -22.04 12.18 22.80
CA ILE D 178 -21.12 13.13 23.43
C ILE D 178 -21.75 14.52 23.51
N VAL D 179 -22.39 14.97 22.43
CA VAL D 179 -23.00 16.28 22.45
C VAL D 179 -24.21 16.30 23.39
N ALA D 180 -24.98 15.21 23.43
CA ALA D 180 -26.10 15.16 24.37
C ALA D 180 -25.61 15.23 25.81
N VAL D 181 -24.50 14.55 26.11
CA VAL D 181 -23.92 14.63 27.44
C VAL D 181 -23.43 16.04 27.74
N LYS D 182 -22.78 16.69 26.77
CA LYS D 182 -22.32 18.05 26.98
C LYS D 182 -23.48 18.98 27.29
N GLY D 183 -24.60 18.83 26.58
CA GLY D 183 -25.75 19.66 26.84
C GLY D 183 -26.51 19.31 28.11
N GLY D 184 -26.16 18.21 28.76
CA GLY D 184 -26.83 17.83 29.99
C GLY D 184 -28.28 17.45 29.84
N TYR D 185 -28.63 16.82 28.73
CA TYR D 185 -30.00 16.39 28.46
C TYR D 185 -30.11 14.92 28.80
N THR D 186 -30.56 14.64 30.04
CA THR D 186 -30.52 13.28 30.56
C THR D 186 -31.40 12.35 29.73
N GLN D 187 -32.64 12.76 29.46
CA GLN D 187 -33.56 11.90 28.73
C GLN D 187 -33.11 11.69 27.28
N SER D 188 -32.49 12.70 26.67
CA SER D 188 -31.90 12.49 25.35
C SER D 188 -30.78 11.46 25.41
N VAL D 189 -29.97 11.50 26.46
CA VAL D 189 -28.90 10.51 26.62
C VAL D 189 -29.48 9.12 26.78
N LYS D 190 -30.56 8.99 27.54
CA LYS D 190 -31.22 7.68 27.67
C LYS D 190 -31.76 7.21 26.32
N GLU D 191 -32.38 8.12 25.57
CA GLU D 191 -32.91 7.74 24.26
C GLU D 191 -31.81 7.27 23.32
N ILE D 192 -30.67 7.96 23.31
CA ILE D 192 -29.55 7.54 22.47
C ILE D 192 -29.02 6.19 22.95
N LEU D 193 -28.82 6.04 24.26
CA LEU D 193 -28.27 4.81 24.81
C LEU D 193 -29.18 3.61 24.61
N LYS D 194 -30.47 3.85 24.38
CA LYS D 194 -31.38 2.75 24.13
C LYS D 194 -31.09 2.02 22.82
N ARG D 195 -30.26 2.59 21.95
CA ARG D 195 -29.99 2.01 20.64
C ARG D 195 -28.54 1.52 20.51
N ASN D 196 -27.92 1.15 21.64
CA ASN D 196 -26.60 0.55 21.67
C ASN D 196 -25.52 1.42 20.99
N PRO D 197 -25.18 2.57 21.57
CA PRO D 197 -24.09 3.37 21.03
C PRO D 197 -22.73 2.80 21.40
N ASN D 198 -21.70 3.35 20.76
CA ASN D 198 -20.32 3.04 21.13
C ASN D 198 -19.90 4.11 22.15
N VAL D 199 -20.07 3.79 23.42
CA VAL D 199 -19.92 4.78 24.48
C VAL D 199 -18.48 5.25 24.62
N ASN D 200 -17.52 4.40 24.25
CA ASN D 200 -16.12 4.64 24.57
C ASN D 200 -15.45 5.65 23.65
N LEU D 201 -16.14 6.16 22.64
CA LEU D 201 -15.53 7.11 21.72
C LEU D 201 -15.16 8.41 22.44
N THR D 202 -14.13 9.07 21.91
CA THR D 202 -13.60 10.29 22.50
C THR D 202 -14.02 11.51 21.71
N ASP D 203 -14.06 12.66 22.39
CA ASP D 203 -14.45 13.92 21.78
C ASP D 203 -13.20 14.57 21.17
N LYS D 204 -13.33 15.83 20.76
CA LYS D 204 -12.19 16.57 20.22
C LYS D 204 -11.07 16.68 21.24
N ASP D 205 -11.41 17.05 22.47
CA ASP D 205 -10.41 17.20 23.52
C ASP D 205 -9.88 15.85 24.02
N GLY D 206 -10.45 14.74 23.56
CA GLY D 206 -10.12 13.43 24.09
C GLY D 206 -11.00 12.98 25.24
N ASN D 207 -11.90 13.84 25.72
CA ASN D 207 -12.77 13.47 26.82
C ASN D 207 -13.88 12.55 26.33
N THR D 208 -14.13 11.48 27.07
CA THR D 208 -15.22 10.56 26.77
C THR D 208 -16.52 11.08 27.37
N ALA D 209 -17.60 10.35 27.13
CA ALA D 209 -18.89 10.75 27.67
C ALA D 209 -18.88 10.75 29.19
N LEU D 210 -18.29 9.71 29.79
CA LEU D 210 -18.25 9.62 31.25
C LEU D 210 -17.45 10.75 31.85
N MET D 211 -16.31 11.10 31.24
CA MET D 211 -15.47 12.17 31.78
C MET D 211 -16.20 13.50 31.79
N ILE D 212 -16.87 13.83 30.67
CA ILE D 212 -17.61 15.09 30.59
C ILE D 212 -18.76 15.09 31.59
N ALA D 213 -19.51 13.99 31.65
CA ALA D 213 -20.65 13.92 32.56
C ALA D 213 -20.20 14.04 34.02
N SER D 214 -19.03 13.48 34.34
CA SER D 214 -18.54 13.55 35.72
C SER D 214 -18.05 14.96 36.05
N LYS D 215 -17.29 15.57 35.14
CA LYS D 215 -16.77 16.92 35.42
C LYS D 215 -17.91 17.93 35.53
N GLU D 216 -18.89 17.86 34.62
CA GLU D 216 -19.99 18.80 34.68
C GLU D 216 -20.85 18.58 35.92
N GLY D 217 -21.06 17.33 36.30
CA GLY D 217 -21.78 17.02 37.52
C GLY D 217 -23.15 16.41 37.31
N HIS D 218 -23.33 15.73 36.19
CA HIS D 218 -24.62 15.10 35.87
C HIS D 218 -24.63 13.70 36.47
N THR D 219 -25.25 13.56 37.64
CA THR D 219 -25.24 12.27 38.33
C THR D 219 -26.03 11.23 37.54
N GLU D 220 -27.22 11.60 37.06
CA GLU D 220 -28.05 10.64 36.34
C GLU D 220 -27.39 10.20 35.04
N ILE D 221 -26.78 11.14 34.31
CA ILE D 221 -26.08 10.79 33.08
C ILE D 221 -24.91 9.87 33.39
N VAL D 222 -24.18 10.14 34.48
CA VAL D 222 -23.06 9.28 34.87
C VAL D 222 -23.55 7.87 35.15
N GLN D 223 -24.64 7.73 35.92
CA GLN D 223 -25.13 6.40 36.24
C GLN D 223 -25.64 5.67 35.01
N ASP D 224 -26.31 6.38 34.11
CA ASP D 224 -26.79 5.73 32.89
C ASP D 224 -25.64 5.29 32.00
N LEU D 225 -24.61 6.11 31.86
CA LEU D 225 -23.44 5.70 31.10
C LEU D 225 -22.75 4.50 31.74
N LEU D 226 -22.67 4.50 33.07
CA LEU D 226 -22.06 3.37 33.77
C LEU D 226 -22.85 2.09 33.52
N ASP D 227 -24.17 2.17 33.57
CA ASP D 227 -25.01 1.01 33.27
C ASP D 227 -24.83 0.58 31.83
N ALA D 228 -24.58 1.54 30.93
CA ALA D 228 -24.37 1.20 29.53
C ALA D 228 -23.10 0.39 29.29
N GLY D 229 -22.14 0.46 30.20
CA GLY D 229 -20.91 -0.30 30.05
C GLY D 229 -19.72 0.57 29.70
N THR D 230 -19.65 1.76 30.29
CA THR D 230 -18.56 2.68 30.00
C THR D 230 -17.27 2.22 30.67
N TYR D 231 -16.17 2.30 29.93
CA TYR D 231 -14.86 1.97 30.47
C TYR D 231 -14.47 3.06 31.46
N VAL D 232 -14.39 2.70 32.74
CA VAL D 232 -14.32 3.71 33.79
C VAL D 232 -12.99 4.45 33.77
N ASN D 233 -11.88 3.72 33.71
CA ASN D 233 -10.57 4.31 33.99
C ASN D 233 -9.82 4.71 32.72
N ILE D 234 -10.53 5.13 31.68
CA ILE D 234 -9.86 5.74 30.54
C ILE D 234 -9.22 7.05 30.99
N PRO D 235 -7.91 7.23 30.79
CA PRO D 235 -7.24 8.40 31.35
C PRO D 235 -7.51 9.68 30.57
N ASP D 236 -7.57 10.78 31.31
CA ASP D 236 -7.67 12.10 30.72
C ASP D 236 -6.30 12.50 30.15
N ARG D 237 -6.32 13.52 29.29
CA ARG D 237 -5.07 14.03 28.76
C ARG D 237 -4.18 14.60 29.85
N SER D 238 -4.78 15.20 30.89
CA SER D 238 -4.02 15.66 32.04
C SER D 238 -3.52 14.51 32.91
N GLY D 239 -3.95 13.29 32.64
CA GLY D 239 -3.57 12.15 33.44
C GLY D 239 -4.51 11.83 34.58
N ASP D 240 -5.53 12.66 34.81
CA ASP D 240 -6.48 12.42 35.88
C ASP D 240 -7.50 11.36 35.47
N THR D 241 -8.03 10.66 36.48
CA THR D 241 -9.02 9.63 36.27
C THR D 241 -10.41 10.19 36.58
N VAL D 242 -11.44 9.54 36.01
CA VAL D 242 -12.81 10.00 36.19
C VAL D 242 -13.18 10.06 37.67
N LEU D 243 -12.72 9.08 38.46
CA LEU D 243 -12.93 9.15 39.90
C LEU D 243 -12.23 10.37 40.50
N ILE D 244 -11.01 10.66 40.03
CA ILE D 244 -10.29 11.83 40.53
C ILE D 244 -11.05 13.11 40.19
N GLY D 245 -11.57 13.21 38.97
CA GLY D 245 -12.35 14.37 38.60
C GLY D 245 -13.62 14.50 39.42
N ALA D 246 -14.31 13.40 39.66
CA ALA D 246 -15.53 13.44 40.45
C ALA D 246 -15.25 13.87 41.88
N VAL D 247 -14.19 13.32 42.49
CA VAL D 247 -13.89 13.69 43.88
C VAL D 247 -13.38 15.12 43.96
N ARG D 248 -12.67 15.60 42.93
CA ARG D 248 -12.21 16.98 42.93
C ARG D 248 -13.38 17.95 42.79
N GLY D 249 -14.34 17.63 41.92
CA GLY D 249 -15.46 18.53 41.70
C GLY D 249 -16.34 18.71 42.93
N GLY D 250 -16.37 17.72 43.81
CA GLY D 250 -17.20 17.79 44.98
C GLY D 250 -18.56 17.18 44.73
N HIS D 251 -18.59 16.04 44.07
CA HIS D 251 -19.82 15.35 43.67
C HIS D 251 -19.85 14.01 44.40
N VAL D 252 -20.42 14.01 45.62
CA VAL D 252 -20.42 12.80 46.43
C VAL D 252 -21.21 11.69 45.75
N GLU D 253 -22.35 12.04 45.14
CA GLU D 253 -23.18 11.03 44.49
C GLU D 253 -22.44 10.37 43.33
N ILE D 254 -21.71 11.17 42.55
CA ILE D 254 -20.96 10.58 41.42
C ILE D 254 -19.83 9.70 41.92
N VAL D 255 -19.18 10.08 43.03
CA VAL D 255 -18.14 9.24 43.60
C VAL D 255 -18.72 7.91 44.06
N ARG D 256 -19.86 7.95 44.74
CA ARG D 256 -20.50 6.72 45.17
C ARG D 256 -20.93 5.87 43.99
N ALA D 257 -21.44 6.50 42.93
CA ALA D 257 -21.86 5.75 41.75
C ALA D 257 -20.66 5.11 41.04
N LEU D 258 -19.54 5.81 40.99
CA LEU D 258 -18.34 5.24 40.39
C LEU D 258 -17.76 4.12 41.26
N LEU D 259 -17.97 4.19 42.58
CA LEU D 259 -17.48 3.12 43.44
C LEU D 259 -18.42 1.91 43.47
N GLN D 260 -19.71 2.13 43.21
CA GLN D 260 -20.65 1.00 43.21
C GLN D 260 -20.25 -0.03 42.16
N LYS D 261 -20.04 0.42 40.93
CA LYS D 261 -19.40 -0.42 39.93
C LYS D 261 -17.92 -0.47 40.24
N TYR D 262 -17.32 -1.67 40.17
CA TYR D 262 -15.96 -1.84 40.65
C TYR D 262 -14.98 -1.06 39.79
N ALA D 263 -14.47 0.04 40.33
CA ALA D 263 -13.54 0.92 39.65
C ALA D 263 -12.27 1.07 40.49
N ASP D 264 -11.14 1.17 39.81
CA ASP D 264 -9.86 1.25 40.50
C ASP D 264 -9.71 2.56 41.26
N ILE D 265 -8.96 2.50 42.36
CA ILE D 265 -8.67 3.68 43.16
C ILE D 265 -7.19 4.03 43.15
N ASP D 266 -6.30 3.04 43.15
CA ASP D 266 -4.86 3.26 43.22
C ASP D 266 -4.29 3.77 41.90
N ILE D 267 -5.15 4.19 40.97
CA ILE D 267 -4.68 4.73 39.70
C ILE D 267 -3.74 5.92 39.96
N ARG D 268 -2.77 6.08 39.08
CA ARG D 268 -1.71 7.06 39.25
C ARG D 268 -1.99 8.24 38.33
N GLY D 269 -2.29 9.40 38.92
CA GLY D 269 -2.58 10.60 38.17
C GLY D 269 -1.34 11.39 37.83
N GLN D 270 -1.52 12.70 37.67
CA GLN D 270 -0.40 13.57 37.33
C GLN D 270 0.42 13.90 38.57
N ASP D 271 1.71 13.61 38.50
CA ASP D 271 2.68 14.00 39.53
C ASP D 271 2.29 13.45 40.91
N ASN D 272 2.16 12.13 40.99
CA ASN D 272 1.90 11.42 42.25
C ASN D 272 0.61 11.93 42.91
N LYS D 273 -0.49 11.74 42.20
CA LYS D 273 -1.81 12.12 42.71
C LYS D 273 -2.79 10.98 42.52
N THR D 274 -3.52 10.68 43.58
CA THR D 274 -4.58 9.68 43.56
C THR D 274 -5.89 10.30 44.04
N ALA D 275 -6.95 9.49 44.02
CA ALA D 275 -8.26 9.97 44.48
C ALA D 275 -8.21 10.30 45.97
N LEU D 276 -7.55 9.46 46.76
CA LEU D 276 -7.45 9.73 48.20
C LEU D 276 -6.67 11.01 48.46
N TYR D 277 -5.64 11.27 47.65
CA TYR D 277 -4.86 12.50 47.82
C TYR D 277 -5.74 13.73 47.65
N TRP D 278 -6.53 13.77 46.57
CA TRP D 278 -7.39 14.92 46.34
C TRP D 278 -8.48 15.01 47.42
N ALA D 279 -9.03 13.86 47.83
CA ALA D 279 -10.06 13.87 48.87
C ALA D 279 -9.52 14.42 50.18
N VAL D 280 -8.31 14.01 50.57
CA VAL D 280 -7.75 14.49 51.83
C VAL D 280 -7.28 15.94 51.70
N GLU D 281 -6.91 16.37 50.49
CA GLU D 281 -6.61 17.79 50.28
C GLU D 281 -7.87 18.64 50.45
N LYS D 282 -9.00 18.18 49.92
CA LYS D 282 -10.24 18.92 50.06
C LYS D 282 -10.98 18.60 51.35
N GLY D 283 -10.63 17.50 52.02
CA GLY D 283 -11.14 17.25 53.36
C GLY D 283 -12.60 16.92 53.46
N ASN D 284 -13.22 16.41 52.40
CA ASN D 284 -14.61 16.00 52.48
C ASN D 284 -14.72 14.66 53.20
N ALA D 285 -15.46 14.65 54.31
CA ALA D 285 -15.49 13.47 55.17
C ALA D 285 -16.09 12.27 54.46
N THR D 286 -17.23 12.46 53.81
CA THR D 286 -17.88 11.34 53.13
C THR D 286 -17.03 10.81 51.99
N MET D 287 -16.39 11.70 51.21
CA MET D 287 -15.54 11.25 50.11
C MET D 287 -14.35 10.45 50.61
N VAL D 288 -13.68 10.95 51.66
CA VAL D 288 -12.53 10.24 52.21
C VAL D 288 -12.96 8.89 52.77
N ARG D 289 -14.09 8.86 53.48
CA ARG D 289 -14.58 7.59 54.03
C ARG D 289 -14.91 6.60 52.92
N ASP D 290 -15.55 7.07 51.85
CA ASP D 290 -15.91 6.18 50.75
C ASP D 290 -14.67 5.63 50.06
N ILE D 291 -13.67 6.48 49.83
CA ILE D 291 -12.45 6.01 49.18
C ILE D 291 -11.69 5.04 50.07
N LEU D 292 -11.58 5.36 51.36
CA LEU D 292 -10.79 4.52 52.26
C LEU D 292 -11.48 3.19 52.52
N GLN D 293 -12.82 3.18 52.59
CA GLN D 293 -13.54 1.96 52.89
C GLN D 293 -13.29 0.87 51.86
N CYS D 294 -12.88 1.25 50.65
CA CYS D 294 -12.64 0.32 49.58
C CYS D 294 -11.17 -0.09 49.47
N ASN D 295 -10.40 0.08 50.53
CA ASN D 295 -9.02 -0.38 50.65
C ASN D 295 -8.09 0.21 49.59
N PRO D 296 -7.79 1.51 49.65
CA PRO D 296 -6.72 2.05 48.80
C PRO D 296 -5.39 2.00 49.52
N ASP D 297 -4.33 2.49 48.89
CA ASP D 297 -3.00 2.48 49.47
C ASP D 297 -2.68 3.83 50.10
N THR D 298 -2.57 3.84 51.43
CA THR D 298 -2.21 5.06 52.15
C THR D 298 -0.71 5.27 52.22
N GLU D 299 0.09 4.31 51.75
CA GLU D 299 1.54 4.49 51.76
C GLU D 299 1.95 5.63 50.83
N ILE D 300 1.31 5.73 49.67
CA ILE D 300 1.62 6.81 48.74
C ILE D 300 0.37 7.64 48.49
N THR D 307 3.27 12.17 50.35
CA THR D 307 2.64 11.20 51.25
C THR D 307 1.42 11.81 51.94
N PRO D 308 0.41 10.99 52.19
CA PRO D 308 -0.79 11.51 52.88
C PRO D 308 -0.53 12.03 54.28
N LEU D 309 0.59 11.63 54.90
CA LEU D 309 0.88 12.09 56.26
C LEU D 309 1.00 13.61 56.33
N ILE D 310 1.72 14.21 55.38
CA ILE D 310 1.98 15.64 55.44
C ILE D 310 0.69 16.43 55.30
N LYS D 311 -0.15 16.06 54.33
CA LYS D 311 -1.41 16.77 54.14
C LYS D 311 -2.38 16.50 55.28
N ALA D 312 -2.36 15.28 55.84
CA ALA D 312 -3.22 14.99 56.98
C ALA D 312 -2.83 15.84 58.18
N THR D 313 -1.53 15.99 58.43
CA THR D 313 -1.06 16.84 59.52
C THR D 313 -1.38 18.31 59.26
N LYS D 314 -1.16 18.77 58.03
CA LYS D 314 -1.42 20.17 57.70
C LYS D 314 -2.90 20.51 57.84
N MET D 315 -3.78 19.65 57.34
CA MET D 315 -5.21 19.90 57.44
C MET D 315 -5.67 19.93 58.89
N ARG D 316 -5.18 19.01 59.71
CA ARG D 316 -5.41 18.92 61.15
C ARG D 316 -6.87 18.60 61.48
N ASN D 317 -7.72 18.41 60.48
CA ASN D 317 -9.11 18.05 60.75
C ASN D 317 -9.14 16.72 61.50
N ILE D 318 -9.88 16.69 62.61
CA ILE D 318 -9.81 15.54 63.50
C ILE D 318 -10.40 14.29 62.85
N GLU D 319 -11.52 14.45 62.13
CA GLU D 319 -12.15 13.28 61.52
C GLU D 319 -11.29 12.70 60.41
N VAL D 320 -10.59 13.55 59.66
CA VAL D 320 -9.66 13.05 58.64
C VAL D 320 -8.56 12.22 59.31
N VAL D 321 -8.05 12.70 60.44
CA VAL D 321 -7.00 11.97 61.15
C VAL D 321 -7.54 10.62 61.65
N GLU D 322 -8.74 10.61 62.22
CA GLU D 322 -9.30 9.37 62.72
C GLU D 322 -9.53 8.37 61.59
N LEU D 323 -9.99 8.85 60.44
CA LEU D 323 -10.14 7.96 59.29
C LEU D 323 -8.81 7.42 58.83
N LEU D 324 -7.82 8.29 58.61
CA LEU D 324 -6.59 7.89 57.96
C LEU D 324 -5.69 7.05 58.87
N LEU D 325 -5.74 7.26 60.18
CA LEU D 325 -4.84 6.55 61.07
C LEU D 325 -5.23 5.09 61.24
N ASP D 326 -6.53 4.78 61.11
CA ASP D 326 -6.98 3.40 61.31
C ASP D 326 -6.47 2.47 60.23
N LYS D 327 -6.25 2.96 59.00
CA LYS D 327 -5.71 2.10 57.97
C LYS D 327 -4.26 1.70 58.24
N GLY D 328 -3.50 2.55 58.91
CA GLY D 328 -2.14 2.21 59.30
C GLY D 328 -1.06 2.79 58.41
N ALA D 329 -1.18 4.07 58.07
CA ALA D 329 -0.13 4.74 57.31
C ALA D 329 1.12 4.92 58.17
N LYS D 330 2.27 4.56 57.63
CA LYS D 330 3.51 4.65 58.40
C LYS D 330 3.93 6.11 58.57
N VAL D 331 4.31 6.44 59.80
CA VAL D 331 4.59 7.84 60.15
C VAL D 331 5.92 8.29 59.54
N SER D 332 6.89 7.38 59.44
CA SER D 332 8.24 7.75 59.02
C SER D 332 8.25 7.94 57.50
N ALA D 333 7.68 9.06 57.06
CA ALA D 333 7.69 9.36 55.62
C ALA D 333 8.33 10.72 55.35
N VAL D 334 8.08 11.72 56.22
CA VAL D 334 8.65 13.11 56.11
C VAL D 334 8.34 13.78 54.76
N ASP D 335 8.12 15.08 54.78
CA ASP D 335 7.89 15.79 53.53
C ASP D 335 9.18 15.91 52.73
N LYS D 336 9.02 16.09 51.42
CA LYS D 336 10.17 16.35 50.56
C LYS D 336 10.68 17.77 50.71
N LYS D 337 9.88 18.66 51.30
CA LYS D 337 10.28 20.04 51.52
C LYS D 337 11.22 20.21 52.72
N GLY D 338 11.36 19.19 53.56
CA GLY D 338 12.28 19.22 54.68
C GLY D 338 11.66 19.60 56.01
N ASP D 339 10.39 20.01 56.02
CA ASP D 339 9.74 20.44 57.26
C ASP D 339 9.06 19.26 57.94
N THR D 340 9.45 19.02 59.20
CA THR D 340 8.89 17.92 59.96
C THR D 340 7.47 18.28 60.43
N PRO D 341 6.49 17.38 60.22
CA PRO D 341 5.13 17.66 60.71
C PRO D 341 5.03 17.74 62.22
N LEU D 342 6.03 17.27 62.96
CA LEU D 342 5.96 17.30 64.42
C LEU D 342 5.95 18.73 64.94
N HIS D 343 6.69 19.65 64.31
CA HIS D 343 6.73 21.03 64.78
C HIS D 343 5.34 21.65 64.73
N ILE D 344 4.66 21.54 63.59
CA ILE D 344 3.32 22.13 63.48
C ILE D 344 2.32 21.35 64.31
N ALA D 345 2.52 20.04 64.47
CA ALA D 345 1.62 19.26 65.33
C ALA D 345 1.72 19.71 66.79
N ILE D 346 2.92 20.14 67.20
CA ILE D 346 3.09 20.60 68.58
C ILE D 346 2.58 22.02 68.75
N ARG D 347 2.93 22.92 67.81
CA ARG D 347 2.51 24.31 67.98
C ARG D 347 1.03 24.49 67.70
N GLY D 348 0.39 23.51 67.07
CA GLY D 348 -1.02 23.60 66.75
C GLY D 348 -1.96 23.27 67.89
N ARG D 349 -1.42 22.99 69.08
CA ARG D 349 -2.23 22.69 70.27
C ARG D 349 -3.07 21.44 70.05
N SER D 350 -2.40 20.35 69.64
CA SER D 350 -3.05 19.08 69.37
C SER D 350 -3.09 18.27 70.66
N ARG D 351 -3.86 18.76 71.64
CA ARG D 351 -3.98 18.06 72.91
C ARG D 351 -4.89 16.84 72.82
N LYS D 352 -5.98 16.94 72.05
CA LYS D 352 -6.91 15.82 71.95
C LYS D 352 -6.28 14.62 71.24
N LEU D 353 -5.50 14.87 70.19
CA LEU D 353 -4.84 13.79 69.47
C LEU D 353 -3.66 13.21 70.23
N ALA D 354 -3.18 13.90 71.27
CA ALA D 354 -1.97 13.46 71.97
C ALA D 354 -2.15 12.07 72.59
N GLU D 355 -3.20 11.90 73.39
CA GLU D 355 -3.46 10.58 73.98
C GLU D 355 -3.89 9.57 72.92
N LEU D 356 -4.45 10.03 71.80
CA LEU D 356 -4.78 9.12 70.71
C LEU D 356 -3.53 8.61 70.01
N LEU D 357 -2.42 9.34 70.10
CA LEU D 357 -1.18 8.97 69.44
C LEU D 357 -0.27 8.11 70.31
N LEU D 358 -0.76 7.67 71.47
CA LEU D 358 -0.01 6.79 72.37
C LEU D 358 -0.65 5.41 72.43
N ARG D 359 -1.12 4.93 71.28
CA ARG D 359 -1.72 3.61 71.18
C ARG D 359 -0.88 2.62 70.38
N ASN D 360 0.20 3.09 69.76
CA ASN D 360 1.08 2.23 68.98
C ASN D 360 2.53 2.43 69.43
N PRO D 361 3.36 1.39 69.33
CA PRO D 361 4.75 1.51 69.80
C PRO D 361 5.56 2.54 69.02
N LYS D 362 5.53 2.44 67.69
CA LYS D 362 6.36 3.30 66.86
C LYS D 362 5.96 4.77 67.02
N ASP D 363 4.65 5.04 67.05
CA ASP D 363 4.19 6.40 67.26
C ASP D 363 4.55 6.90 68.65
N GLY D 364 4.43 6.03 69.66
CA GLY D 364 4.82 6.41 71.00
C GLY D 364 6.29 6.76 71.12
N ARG D 365 7.14 6.07 70.35
CA ARG D 365 8.56 6.38 70.35
C ARG D 365 8.80 7.79 69.82
N LEU D 366 8.01 8.17 68.81
CA LEU D 366 8.00 9.55 68.23
C LEU D 366 9.38 10.01 67.74
N LEU D 367 10.13 10.75 68.56
CA LEU D 367 11.38 11.35 68.02
C LEU D 367 12.60 10.47 68.25
N TYR D 368 12.56 9.54 69.22
CA TYR D 368 13.77 8.80 69.54
C TYR D 368 14.22 7.88 68.42
N ARG D 369 13.29 7.40 67.59
CA ARG D 369 13.65 6.49 66.50
C ARG D 369 14.27 7.24 65.33
N PRO D 370 13.64 8.28 64.76
CA PRO D 370 14.22 8.91 63.57
C PRO D 370 15.07 10.13 63.88
N ASN D 371 16.25 10.17 63.25
CA ASN D 371 17.08 11.36 63.25
C ASN D 371 17.72 11.46 61.86
N LYS D 372 17.04 12.19 60.96
CA LYS D 372 17.52 12.34 59.58
C LYS D 372 18.12 13.72 59.35
N ALA D 373 17.36 14.78 59.61
CA ALA D 373 17.79 16.14 59.31
C ALA D 373 18.47 16.81 60.49
N GLY D 374 18.57 16.14 61.64
CA GLY D 374 19.23 16.70 62.79
C GLY D 374 18.43 17.73 63.54
N GLU D 375 17.19 17.98 63.14
CA GLU D 375 16.36 18.98 63.81
C GLU D 375 15.82 18.38 65.11
N THR D 376 16.17 19.02 66.23
CA THR D 376 15.65 18.58 67.52
C THR D 376 14.52 19.51 67.96
N PRO D 377 13.27 19.06 67.90
CA PRO D 377 12.16 19.92 68.36
C PRO D 377 12.16 20.17 69.86
N TYR D 378 13.09 19.59 70.61
CA TYR D 378 13.15 19.83 72.04
C TYR D 378 13.41 21.31 72.36
N ASN D 379 14.03 22.03 71.42
CA ASN D 379 14.27 23.46 71.64
C ASN D 379 12.95 24.21 71.75
N ILE D 380 11.99 23.92 70.87
CA ILE D 380 10.69 24.57 70.95
C ILE D 380 9.93 24.11 72.19
N ASP D 381 10.07 22.83 72.53
CA ASP D 381 9.38 22.29 73.71
C ASP D 381 9.86 22.96 74.98
N CYS D 382 11.17 23.22 75.08
CA CYS D 382 11.72 23.91 76.25
C CYS D 382 11.17 25.33 76.35
N SER D 383 10.98 26.01 75.22
CA SER D 383 10.43 27.35 75.24
C SER D 383 8.96 27.37 75.64
N HIS D 384 8.21 26.34 75.28
CA HIS D 384 6.81 26.27 75.67
C HIS D 384 6.69 26.05 77.17
N GLN D 385 5.81 26.84 77.81
CA GLN D 385 5.58 26.68 79.24
C GLN D 385 4.92 25.35 79.55
N LYS D 386 3.97 24.93 78.71
CA LYS D 386 3.21 23.69 78.90
C LYS D 386 3.54 22.77 77.73
N SER D 387 4.45 21.82 77.97
CA SER D 387 4.84 20.86 76.94
C SER D 387 3.94 19.64 76.97
N ILE D 388 3.55 19.16 75.79
CA ILE D 388 2.60 18.06 75.70
C ILE D 388 3.24 16.76 76.17
N LEU D 389 4.45 16.47 75.71
CA LEU D 389 5.04 15.15 75.91
C LEU D 389 5.56 14.97 77.32
N THR D 390 5.83 16.07 78.04
CA THR D 390 6.30 15.96 79.42
C THR D 390 5.26 15.34 80.33
N GLN D 391 3.97 15.58 80.08
CA GLN D 391 2.93 14.94 80.88
C GLN D 391 2.99 13.43 80.74
N ILE D 392 3.12 12.93 79.51
CA ILE D 392 3.22 11.50 79.29
C ILE D 392 4.49 10.94 79.91
N PHE D 393 5.62 11.65 79.75
CA PHE D 393 6.88 11.16 80.31
C PHE D 393 6.83 11.08 81.83
N GLY D 394 6.23 12.08 82.47
CA GLY D 394 6.09 12.03 83.92
C GLY D 394 5.05 11.04 84.40
N ALA D 395 4.07 10.74 83.55
CA ALA D 395 3.03 9.80 83.94
C ALA D 395 3.57 8.38 84.01
N ARG D 396 4.41 7.99 83.06
CA ARG D 396 4.96 6.64 83.03
C ARG D 396 6.30 6.62 82.29
#